data_1ULM
# 
_entry.id   1ULM 
# 
_audit_conform.dict_name       mmcif_pdbx.dic 
_audit_conform.dict_version    5.397 
_audit_conform.dict_location   http://mmcif.pdb.org/dictionaries/ascii/mmcif_pdbx.dic 
# 
loop_
_database_2.database_id 
_database_2.database_code 
_database_2.pdbx_database_accession 
_database_2.pdbx_DOI 
PDB   1ULM         pdb_00001ulm 10.2210/pdb1ulm/pdb 
RCSB  RCSB005962   ?            ?                   
WWPDB D_1000005962 ?            ?                   
# 
loop_
_pdbx_audit_revision_history.ordinal 
_pdbx_audit_revision_history.data_content_type 
_pdbx_audit_revision_history.major_revision 
_pdbx_audit_revision_history.minor_revision 
_pdbx_audit_revision_history.revision_date 
1 'Structure model' 1 0 2003-12-23 
2 'Structure model' 1 1 2008-04-27 
3 'Structure model' 1 2 2011-07-13 
4 'Structure model' 2 0 2020-07-29 
5 'Structure model' 2 1 2023-12-27 
6 'Structure model' 2 2 2024-10-30 
# 
loop_
_pdbx_audit_revision_details.ordinal 
_pdbx_audit_revision_details.revision_ordinal 
_pdbx_audit_revision_details.data_content_type 
_pdbx_audit_revision_details.provider 
_pdbx_audit_revision_details.type 
_pdbx_audit_revision_details.description 
_pdbx_audit_revision_details.details 
1 1 'Structure model' repository 'Initial release' ?                          ? 
2 4 'Structure model' repository Remediation       'Carbohydrate remediation' ? 
# 
loop_
_pdbx_audit_revision_group.ordinal 
_pdbx_audit_revision_group.revision_ordinal 
_pdbx_audit_revision_group.data_content_type 
_pdbx_audit_revision_group.group 
1  2 'Structure model' 'Version format compliance' 
2  3 'Structure model' 'Non-polymer description'   
3  3 'Structure model' 'Version format compliance' 
4  4 'Structure model' Advisory                    
5  4 'Structure model' 'Atomic model'              
6  4 'Structure model' 'Data collection'           
7  4 'Structure model' 'Derived calculations'      
8  4 'Structure model' 'Structure summary'         
9  5 'Structure model' 'Data collection'           
10 5 'Structure model' 'Database references'       
11 5 'Structure model' 'Structure summary'         
12 6 'Structure model' 'Structure summary'         
# 
loop_
_pdbx_audit_revision_category.ordinal 
_pdbx_audit_revision_category.revision_ordinal 
_pdbx_audit_revision_category.data_content_type 
_pdbx_audit_revision_category.category 
1  4 'Structure model' atom_site                     
2  4 'Structure model' chem_comp                     
3  4 'Structure model' entity                        
4  4 'Structure model' entity_name_com               
5  4 'Structure model' pdbx_branch_scheme            
6  4 'Structure model' pdbx_chem_comp_identifier     
7  4 'Structure model' pdbx_entity_branch            
8  4 'Structure model' pdbx_entity_branch_descriptor 
9  4 'Structure model' pdbx_entity_branch_link       
10 4 'Structure model' pdbx_entity_branch_list       
11 4 'Structure model' pdbx_entity_nonpoly           
12 4 'Structure model' pdbx_molecule_features        
13 4 'Structure model' pdbx_nonpoly_scheme           
14 4 'Structure model' pdbx_struct_assembly_gen      
15 4 'Structure model' pdbx_validate_close_contact   
16 4 'Structure model' struct_asym                   
17 4 'Structure model' struct_conn                   
18 4 'Structure model' struct_site                   
19 4 'Structure model' struct_site_gen               
20 5 'Structure model' chem_comp                     
21 5 'Structure model' chem_comp_atom                
22 5 'Structure model' chem_comp_bond                
23 5 'Structure model' database_2                    
24 6 'Structure model' pdbx_entry_details            
25 6 'Structure model' pdbx_modification_feature     
# 
loop_
_pdbx_audit_revision_item.ordinal 
_pdbx_audit_revision_item.revision_ordinal 
_pdbx_audit_revision_item.data_content_type 
_pdbx_audit_revision_item.item 
1  4 'Structure model' '_atom_site.B_iso_or_equiv'                   
2  4 'Structure model' '_atom_site.Cartn_x'                          
3  4 'Structure model' '_atom_site.Cartn_y'                          
4  4 'Structure model' '_atom_site.Cartn_z'                          
5  4 'Structure model' '_atom_site.auth_asym_id'                     
6  4 'Structure model' '_atom_site.auth_atom_id'                     
7  4 'Structure model' '_atom_site.auth_seq_id'                      
8  4 'Structure model' '_atom_site.label_asym_id'                    
9  4 'Structure model' '_atom_site.label_atom_id'                    
10 4 'Structure model' '_atom_site.type_symbol'                      
11 4 'Structure model' '_chem_comp.name'                             
12 4 'Structure model' '_chem_comp.type'                             
13 4 'Structure model' '_entity.formula_weight'                      
14 4 'Structure model' '_entity.pdbx_description'                    
15 4 'Structure model' '_entity.pdbx_number_of_molecules'            
16 4 'Structure model' '_entity.type'                                
17 4 'Structure model' '_pdbx_struct_assembly_gen.asym_id_list'      
18 4 'Structure model' '_pdbx_validate_close_contact.auth_asym_id_1' 
19 4 'Structure model' '_pdbx_validate_close_contact.auth_asym_id_2' 
20 4 'Structure model' '_pdbx_validate_close_contact.auth_atom_id_1' 
21 4 'Structure model' '_pdbx_validate_close_contact.auth_atom_id_2' 
22 4 'Structure model' '_pdbx_validate_close_contact.auth_seq_id_1'  
23 4 'Structure model' '_pdbx_validate_close_contact.auth_seq_id_2'  
24 4 'Structure model' '_struct_conn.pdbx_dist_value'                
25 4 'Structure model' '_struct_conn.pdbx_leaving_atom_flag'         
26 4 'Structure model' '_struct_conn.ptnr1_auth_asym_id'             
27 4 'Structure model' '_struct_conn.ptnr1_auth_seq_id'              
28 4 'Structure model' '_struct_conn.ptnr1_label_asym_id'            
29 4 'Structure model' '_struct_conn.ptnr1_label_atom_id'            
30 4 'Structure model' '_struct_conn.ptnr2_auth_asym_id'             
31 4 'Structure model' '_struct_conn.ptnr2_auth_seq_id'              
32 4 'Structure model' '_struct_conn.ptnr2_label_asym_id'            
33 4 'Structure model' '_struct_conn.ptnr2_label_atom_id'            
34 5 'Structure model' '_chem_comp.pdbx_synonyms'                    
35 5 'Structure model' '_database_2.pdbx_DOI'                        
36 5 'Structure model' '_database_2.pdbx_database_accession'         
# 
_pdbx_database_status.status_code                     REL 
_pdbx_database_status.entry_id                        1ULM 
_pdbx_database_status.recvd_initial_deposition_date   2003-09-12 
_pdbx_database_status.deposit_site                    PDBJ 
_pdbx_database_status.process_site                    PDBJ 
_pdbx_database_status.SG_entry                        . 
_pdbx_database_status.pdb_format_compatible           Y 
_pdbx_database_status.status_code_mr                  ? 
_pdbx_database_status.status_code_sf                  ? 
_pdbx_database_status.status_code_cs                  ? 
_pdbx_database_status.status_code_nmr_data            ? 
_pdbx_database_status.methods_development_category    ? 
# 
_pdbx_database_related.db_name        PDB 
_pdbx_database_related.db_id          1ULK 
_pdbx_database_related.details        'Pokeweed Lectin-C' 
_pdbx_database_related.content_type   unspecified 
# 
loop_
_audit_author.name 
_audit_author.pdbx_ordinal 
'Hayashida, M.' 1 
'Fujii, T.'     2 
'Ishiguro, M.'  3 
'Hata, Y.'      4 
# 
_citation.id                        primary 
_citation.title                     
;Similarity between protein-protein and protein-carbohydrate interactions, revealed by two crystal structures of lectins from the roots of pokeweed.
;
_citation.journal_abbrev            J.Mol.Biol. 
_citation.journal_volume            334 
_citation.page_first                551 
_citation.page_last                 565 
_citation.year                      2003 
_citation.journal_id_ASTM           JMOBAK 
_citation.country                   UK 
_citation.journal_id_ISSN           0022-2836 
_citation.journal_id_CSD            0070 
_citation.book_publisher            ? 
_citation.pdbx_database_id_PubMed   14623194 
_citation.pdbx_database_id_DOI      10.1016/j.jmb.2003.09.076 
# 
loop_
_citation_author.citation_id 
_citation_author.name 
_citation_author.ordinal 
_citation_author.identifier_ORCID 
primary 'Hayashida, M.' 1 ? 
primary 'Fujii, T.'     2 ? 
primary 'Hamasu, M.'    3 ? 
primary 'Ishiguro, M.'  4 ? 
primary 'Hata, Y.'      5 ? 
# 
loop_
_entity.id 
_entity.type 
_entity.src_method 
_entity.pdbx_description 
_entity.formula_weight 
_entity.pdbx_number_of_molecules 
_entity.pdbx_ec 
_entity.pdbx_mutation 
_entity.pdbx_fragment 
_entity.details 
1 polymer  nat lectin-D2 9111.961 2   ? ? ? ? 
2 branched man 
;2-acetamido-2-deoxy-beta-D-glucopyranose-(1-4)-2-acetamido-2-deoxy-beta-D-glucopyranose-(1-4)-2-acetamido-2-deoxy-beta-D-glucopyranose
;
627.594  2   ? ? ? ? 
3 water    nat water 18.015   122 ? ? ? ? 
# 
_entity_name_com.entity_id   2 
_entity_name_com.name        triacetyl-beta-chitotriose 
# 
_entity_poly.entity_id                      1 
_entity_poly.type                           'polypeptide(L)' 
_entity_poly.nstd_linkage                   no 
_entity_poly.nstd_monomer                   no 
_entity_poly.pdbx_seq_one_letter_code       
;APECGERASGKRCPNGKCCSQWGYCGTTDNYCGQGCQSQCDYWRCGRDFGGRLCEEDMCCSKYGWCGYSDDHCEDGCQSQ
CD
;
_entity_poly.pdbx_seq_one_letter_code_can   
;APECGERASGKRCPNGKCCSQWGYCGTTDNYCGQGCQSQCDYWRCGRDFGGRLCEEDMCCSKYGWCGYSDDHCEDGCQSQ
CD
;
_entity_poly.pdbx_strand_id                 A,B 
_entity_poly.pdbx_target_identifier         ? 
# 
_pdbx_entity_nonpoly.entity_id   3 
_pdbx_entity_nonpoly.name        water 
_pdbx_entity_nonpoly.comp_id     HOH 
# 
loop_
_entity_poly_seq.entity_id 
_entity_poly_seq.num 
_entity_poly_seq.mon_id 
_entity_poly_seq.hetero 
1 1  ALA n 
1 2  PRO n 
1 3  GLU n 
1 4  CYS n 
1 5  GLY n 
1 6  GLU n 
1 7  ARG n 
1 8  ALA n 
1 9  SER n 
1 10 GLY n 
1 11 LYS n 
1 12 ARG n 
1 13 CYS n 
1 14 PRO n 
1 15 ASN n 
1 16 GLY n 
1 17 LYS n 
1 18 CYS n 
1 19 CYS n 
1 20 SER n 
1 21 GLN n 
1 22 TRP n 
1 23 GLY n 
1 24 TYR n 
1 25 CYS n 
1 26 GLY n 
1 27 THR n 
1 28 THR n 
1 29 ASP n 
1 30 ASN n 
1 31 TYR n 
1 32 CYS n 
1 33 GLY n 
1 34 GLN n 
1 35 GLY n 
1 36 CYS n 
1 37 GLN n 
1 38 SER n 
1 39 GLN n 
1 40 CYS n 
1 41 ASP n 
1 42 TYR n 
1 43 TRP n 
1 44 ARG n 
1 45 CYS n 
1 46 GLY n 
1 47 ARG n 
1 48 ASP n 
1 49 PHE n 
1 50 GLY n 
1 51 GLY n 
1 52 ARG n 
1 53 LEU n 
1 54 CYS n 
1 55 GLU n 
1 56 GLU n 
1 57 ASP n 
1 58 MET n 
1 59 CYS n 
1 60 CYS n 
1 61 SER n 
1 62 LYS n 
1 63 TYR n 
1 64 GLY n 
1 65 TRP n 
1 66 CYS n 
1 67 GLY n 
1 68 TYR n 
1 69 SER n 
1 70 ASP n 
1 71 ASP n 
1 72 HIS n 
1 73 CYS n 
1 74 GLU n 
1 75 ASP n 
1 76 GLY n 
1 77 CYS n 
1 78 GLN n 
1 79 SER n 
1 80 GLN n 
1 81 CYS n 
1 82 ASP n 
# 
_entity_src_nat.entity_id                  1 
_entity_src_nat.pdbx_src_id                1 
_entity_src_nat.pdbx_alt_source_flag       sample 
_entity_src_nat.pdbx_beg_seq_num           ? 
_entity_src_nat.pdbx_end_seq_num           ? 
_entity_src_nat.common_name                'American pokeweed' 
_entity_src_nat.pdbx_organism_scientific   'Phytolacca americana' 
_entity_src_nat.pdbx_ncbi_taxonomy_id      3527 
_entity_src_nat.genus                      Phytolacca 
_entity_src_nat.species                    ? 
_entity_src_nat.strain                     ? 
_entity_src_nat.tissue                     roots 
_entity_src_nat.tissue_fraction            ? 
_entity_src_nat.pdbx_secretion             ? 
_entity_src_nat.pdbx_fragment              ? 
_entity_src_nat.pdbx_variant               ? 
_entity_src_nat.pdbx_cell_line             ? 
_entity_src_nat.pdbx_atcc                  ? 
_entity_src_nat.pdbx_cellular_location     ? 
_entity_src_nat.pdbx_organ                 ? 
_entity_src_nat.pdbx_organelle             ? 
_entity_src_nat.pdbx_cell                  ? 
_entity_src_nat.pdbx_plasmid_name          ? 
_entity_src_nat.pdbx_plasmid_details       ? 
_entity_src_nat.details                    ? 
# 
_pdbx_entity_branch.entity_id   2 
_pdbx_entity_branch.type        oligosaccharide 
# 
loop_
_pdbx_entity_branch_descriptor.ordinal 
_pdbx_entity_branch_descriptor.entity_id 
_pdbx_entity_branch_descriptor.descriptor 
_pdbx_entity_branch_descriptor.type 
_pdbx_entity_branch_descriptor.program 
_pdbx_entity_branch_descriptor.program_version 
1 2 DGlcpNAcb1-4DGlcpNAcb1-4DGlcpNAcb1-ROH                          'Glycam Condensed Sequence' GMML       1.0   
2 2 'WURCS=2.0/1,3,2/[a2122h-1b_1-5_2*NCC/3=O]/1-1-1/a4-b1_b4-c1'   WURCS                       PDB2Glycan 1.1.0 
3 2 '[][b-D-GlcpNAc]{[(4+1)][b-D-GlcpNAc]{[(4+1)][b-D-GlcpNAc]{}}}' LINUCS                      PDB-CARE   ?     
# 
loop_
_pdbx_entity_branch_link.link_id 
_pdbx_entity_branch_link.entity_id 
_pdbx_entity_branch_link.entity_branch_list_num_1 
_pdbx_entity_branch_link.comp_id_1 
_pdbx_entity_branch_link.atom_id_1 
_pdbx_entity_branch_link.leaving_atom_id_1 
_pdbx_entity_branch_link.entity_branch_list_num_2 
_pdbx_entity_branch_link.comp_id_2 
_pdbx_entity_branch_link.atom_id_2 
_pdbx_entity_branch_link.leaving_atom_id_2 
_pdbx_entity_branch_link.value_order 
_pdbx_entity_branch_link.details 
1 2 2 NAG C1 O1 1 NAG O4 HO4 sing ? 
2 2 3 NAG C1 O1 2 NAG O4 HO4 sing ? 
# 
loop_
_chem_comp.id 
_chem_comp.type 
_chem_comp.mon_nstd_flag 
_chem_comp.name 
_chem_comp.pdbx_synonyms 
_chem_comp.formula 
_chem_comp.formula_weight 
ALA 'L-peptide linking'          y ALANINE                                  ? 'C3 H7 N O2'     89.093  
ARG 'L-peptide linking'          y ARGININE                                 ? 'C6 H15 N4 O2 1' 175.209 
ASN 'L-peptide linking'          y ASPARAGINE                               ? 'C4 H8 N2 O3'    132.118 
ASP 'L-peptide linking'          y 'ASPARTIC ACID'                          ? 'C4 H7 N O4'     133.103 
CYS 'L-peptide linking'          y CYSTEINE                                 ? 'C3 H7 N O2 S'   121.158 
GLN 'L-peptide linking'          y GLUTAMINE                                ? 'C5 H10 N2 O3'   146.144 
GLU 'L-peptide linking'          y 'GLUTAMIC ACID'                          ? 'C5 H9 N O4'     147.129 
GLY 'peptide linking'            y GLYCINE                                  ? 'C2 H5 N O2'     75.067  
HIS 'L-peptide linking'          y HISTIDINE                                ? 'C6 H10 N3 O2 1' 156.162 
HOH non-polymer                  . WATER                                    ? 'H2 O'           18.015  
LEU 'L-peptide linking'          y LEUCINE                                  ? 'C6 H13 N O2'    131.173 
LYS 'L-peptide linking'          y LYSINE                                   ? 'C6 H15 N2 O2 1' 147.195 
MET 'L-peptide linking'          y METHIONINE                               ? 'C5 H11 N O2 S'  149.211 
NAG 'D-saccharide, beta linking' . 2-acetamido-2-deoxy-beta-D-glucopyranose 
;N-acetyl-beta-D-glucosamine; 2-acetamido-2-deoxy-beta-D-glucose; 2-acetamido-2-deoxy-D-glucose; 2-acetamido-2-deoxy-glucose; N-ACETYL-D-GLUCOSAMINE
;
'C8 H15 N O6'    221.208 
PHE 'L-peptide linking'          y PHENYLALANINE                            ? 'C9 H11 N O2'    165.189 
PRO 'L-peptide linking'          y PROLINE                                  ? 'C5 H9 N O2'     115.130 
SER 'L-peptide linking'          y SERINE                                   ? 'C3 H7 N O3'     105.093 
THR 'L-peptide linking'          y THREONINE                                ? 'C4 H9 N O3'     119.119 
TRP 'L-peptide linking'          y TRYPTOPHAN                               ? 'C11 H12 N2 O2'  204.225 
TYR 'L-peptide linking'          y TYROSINE                                 ? 'C9 H11 N O3'    181.189 
# 
loop_
_pdbx_chem_comp_identifier.comp_id 
_pdbx_chem_comp_identifier.type 
_pdbx_chem_comp_identifier.program 
_pdbx_chem_comp_identifier.program_version 
_pdbx_chem_comp_identifier.identifier 
NAG 'CONDENSED IUPAC CARBOHYDRATE SYMBOL' GMML     1.0 DGlcpNAcb                      
NAG 'COMMON NAME'                         GMML     1.0 N-acetyl-b-D-glucopyranosamine 
NAG 'IUPAC CARBOHYDRATE SYMBOL'           PDB-CARE 1.0 b-D-GlcpNAc                    
NAG 'SNFG CARBOHYDRATE SYMBOL'            GMML     1.0 GlcNAc                         
# 
loop_
_pdbx_poly_seq_scheme.asym_id 
_pdbx_poly_seq_scheme.entity_id 
_pdbx_poly_seq_scheme.seq_id 
_pdbx_poly_seq_scheme.mon_id 
_pdbx_poly_seq_scheme.ndb_seq_num 
_pdbx_poly_seq_scheme.pdb_seq_num 
_pdbx_poly_seq_scheme.auth_seq_num 
_pdbx_poly_seq_scheme.pdb_mon_id 
_pdbx_poly_seq_scheme.auth_mon_id 
_pdbx_poly_seq_scheme.pdb_strand_id 
_pdbx_poly_seq_scheme.pdb_ins_code 
_pdbx_poly_seq_scheme.hetero 
A 1 1  ALA 1  1   1   ALA ALA A . n 
A 1 2  PRO 2  2   2   PRO PRO A . n 
A 1 3  GLU 3  3   3   GLU GLU A . n 
A 1 4  CYS 4  4   4   CYS CYS A . n 
A 1 5  GLY 5  5   5   GLY GLY A . n 
A 1 6  GLU 6  6   6   GLU GLU A . n 
A 1 7  ARG 7  7   7   ARG ARG A . n 
A 1 8  ALA 8  8   8   ALA ALA A . n 
A 1 9  SER 9  9   9   SER SER A . n 
A 1 10 GLY 10 10  10  GLY GLY A . n 
A 1 11 LYS 11 11  11  LYS LYS A . n 
A 1 12 ARG 12 12  12  ARG ARG A . n 
A 1 13 CYS 13 13  13  CYS CYS A . n 
A 1 14 PRO 14 14  14  PRO PRO A . n 
A 1 15 ASN 15 15  15  ASN ASN A . n 
A 1 16 GLY 16 16  16  GLY GLY A . n 
A 1 17 LYS 17 17  17  LYS LYS A . n 
A 1 18 CYS 18 18  18  CYS CYS A . n 
A 1 19 CYS 19 19  19  CYS CYS A . n 
A 1 20 SER 20 20  20  SER SER A . n 
A 1 21 GLN 21 21  21  GLN GLN A . n 
A 1 22 TRP 22 22  22  TRP TRP A . n 
A 1 23 GLY 23 23  23  GLY GLY A . n 
A 1 24 TYR 24 24  24  TYR TYR A . n 
A 1 25 CYS 25 25  25  CYS CYS A . n 
A 1 26 GLY 26 26  26  GLY GLY A . n 
A 1 27 THR 27 27  27  THR THR A . n 
A 1 28 THR 28 28  28  THR THR A . n 
A 1 29 ASP 29 29  29  ASP ASP A . n 
A 1 30 ASN 30 30  30  ASN ASN A . n 
A 1 31 TYR 31 31  31  TYR TYR A . n 
A 1 32 CYS 32 32  32  CYS CYS A . n 
A 1 33 GLY 33 33  33  GLY GLY A . n 
A 1 34 GLN 34 34  34  GLN GLN A . n 
A 1 35 GLY 35 35  35  GLY GLY A . n 
A 1 36 CYS 36 36  36  CYS CYS A . n 
A 1 37 GLN 37 37  37  GLN GLN A . n 
A 1 38 SER 38 38  38  SER SER A . n 
A 1 39 GLN 39 39  39  GLN GLN A . n 
A 1 40 CYS 40 40  40  CYS CYS A . n 
A 1 41 ASP 41 41  41  ASP ASP A . n 
A 1 42 TYR 42 42  42  TYR TYR A . n 
A 1 43 TRP 43 43  43  TRP TRP A . n 
A 1 44 ARG 44 44  44  ARG ARG A . n 
A 1 45 CYS 45 45  45  CYS CYS A . n 
A 1 46 GLY 46 46  46  GLY GLY A . n 
A 1 47 ARG 47 47  47  ARG ARG A . n 
A 1 48 ASP 48 48  48  ASP ASP A . n 
A 1 49 PHE 49 49  49  PHE PHE A . n 
A 1 50 GLY 50 50  50  GLY GLY A . n 
A 1 51 GLY 51 51  51  GLY GLY A . n 
A 1 52 ARG 52 52  52  ARG ARG A . n 
A 1 53 LEU 53 53  53  LEU LEU A . n 
A 1 54 CYS 54 54  54  CYS CYS A . n 
A 1 55 GLU 55 55  55  GLU GLU A . n 
A 1 56 GLU 56 56  56  GLU GLU A . n 
A 1 57 ASP 57 57  57  ASP ASP A . n 
A 1 58 MET 58 58  58  MET MET A . n 
A 1 59 CYS 59 59  59  CYS CYS A . n 
A 1 60 CYS 60 60  60  CYS CYS A . n 
A 1 61 SER 61 61  61  SER SER A . n 
A 1 62 LYS 62 62  62  LYS LYS A . n 
A 1 63 TYR 63 63  63  TYR TYR A . n 
A 1 64 GLY 64 64  64  GLY GLY A . n 
A 1 65 TRP 65 65  65  TRP TRP A . n 
A 1 66 CYS 66 66  66  CYS CYS A . n 
A 1 67 GLY 67 67  67  GLY GLY A . n 
A 1 68 TYR 68 68  68  TYR TYR A . n 
A 1 69 SER 69 69  69  SER SER A . n 
A 1 70 ASP 70 70  70  ASP ASP A . n 
A 1 71 ASP 71 71  71  ASP ASP A . n 
A 1 72 HIS 72 72  72  HIS HIS A . n 
A 1 73 CYS 73 73  73  CYS CYS A . n 
A 1 74 GLU 74 74  74  GLU GLU A . n 
A 1 75 ASP 75 75  75  ASP ASP A . n 
A 1 76 GLY 76 76  76  GLY GLY A . n 
A 1 77 CYS 77 77  77  CYS CYS A . n 
A 1 78 GLN 78 78  78  GLN GLN A . n 
A 1 79 SER 79 79  79  SER SER A . n 
A 1 80 GLN 80 80  80  GLN GLN A . n 
A 1 81 CYS 81 81  81  CYS CYS A . n 
A 1 82 ASP 82 82  82  ASP ASP A . n 
B 1 1  ALA 1  101 101 ALA ALA B . n 
B 1 2  PRO 2  102 102 PRO PRO B . n 
B 1 3  GLU 3  103 103 GLU GLU B . n 
B 1 4  CYS 4  104 104 CYS CYS B . n 
B 1 5  GLY 5  105 105 GLY GLY B . n 
B 1 6  GLU 6  106 106 GLU GLU B . n 
B 1 7  ARG 7  107 107 ARG ARG B . n 
B 1 8  ALA 8  108 108 ALA ALA B . n 
B 1 9  SER 9  109 109 SER SER B . n 
B 1 10 GLY 10 110 110 GLY GLY B . n 
B 1 11 LYS 11 111 111 LYS LYS B . n 
B 1 12 ARG 12 112 112 ARG ARG B . n 
B 1 13 CYS 13 113 113 CYS CYS B . n 
B 1 14 PRO 14 114 114 PRO PRO B . n 
B 1 15 ASN 15 115 115 ASN ASN B . n 
B 1 16 GLY 16 116 116 GLY GLY B . n 
B 1 17 LYS 17 117 117 LYS LYS B . n 
B 1 18 CYS 18 118 118 CYS CYS B . n 
B 1 19 CYS 19 119 119 CYS CYS B . n 
B 1 20 SER 20 120 120 SER SER B . n 
B 1 21 GLN 21 121 121 GLN GLN B . n 
B 1 22 TRP 22 122 122 TRP TRP B . n 
B 1 23 GLY 23 123 123 GLY GLY B . n 
B 1 24 TYR 24 124 124 TYR TYR B . n 
B 1 25 CYS 25 125 125 CYS CYS B . n 
B 1 26 GLY 26 126 126 GLY GLY B . n 
B 1 27 THR 27 127 127 THR THR B . n 
B 1 28 THR 28 128 128 THR THR B . n 
B 1 29 ASP 29 129 129 ASP ASP B . n 
B 1 30 ASN 30 130 130 ASN ASN B . n 
B 1 31 TYR 31 131 131 TYR TYR B . n 
B 1 32 CYS 32 132 132 CYS CYS B . n 
B 1 33 GLY 33 133 133 GLY GLY B . n 
B 1 34 GLN 34 134 134 GLN GLN B . n 
B 1 35 GLY 35 135 135 GLY GLY B . n 
B 1 36 CYS 36 136 136 CYS CYS B . n 
B 1 37 GLN 37 137 137 GLN GLN B . n 
B 1 38 SER 38 138 138 SER SER B . n 
B 1 39 GLN 39 139 139 GLN GLN B . n 
B 1 40 CYS 40 140 140 CYS CYS B . n 
B 1 41 ASP 41 141 141 ASP ASP B . n 
B 1 42 TYR 42 142 142 TYR TYR B . n 
B 1 43 TRP 43 143 143 TRP TRP B . n 
B 1 44 ARG 44 144 144 ARG ARG B . n 
B 1 45 CYS 45 145 145 CYS CYS B . n 
B 1 46 GLY 46 146 146 GLY GLY B . n 
B 1 47 ARG 47 147 147 ARG ARG B . n 
B 1 48 ASP 48 148 148 ASP ASP B . n 
B 1 49 PHE 49 149 149 PHE PHE B . n 
B 1 50 GLY 50 150 150 GLY GLY B . n 
B 1 51 GLY 51 151 151 GLY GLY B . n 
B 1 52 ARG 52 152 152 ARG ARG B . n 
B 1 53 LEU 53 153 153 LEU LEU B . n 
B 1 54 CYS 54 154 154 CYS CYS B . n 
B 1 55 GLU 55 155 155 GLU GLU B . n 
B 1 56 GLU 56 156 156 GLU GLU B . n 
B 1 57 ASP 57 157 157 ASP ASP B . n 
B 1 58 MET 58 158 158 MET MET B . n 
B 1 59 CYS 59 159 159 CYS CYS B . n 
B 1 60 CYS 60 160 160 CYS CYS B . n 
B 1 61 SER 61 161 161 SER SER B . n 
B 1 62 LYS 62 162 162 LYS LYS B . n 
B 1 63 TYR 63 163 163 TYR TYR B . n 
B 1 64 GLY 64 164 164 GLY GLY B . n 
B 1 65 TRP 65 165 165 TRP TRP B . n 
B 1 66 CYS 66 166 166 CYS CYS B . n 
B 1 67 GLY 67 167 167 GLY GLY B . n 
B 1 68 TYR 68 168 168 TYR TYR B . n 
B 1 69 SER 69 169 169 SER SER B . n 
B 1 70 ASP 70 170 170 ASP ASP B . n 
B 1 71 ASP 71 171 171 ASP ASP B . n 
B 1 72 HIS 72 172 172 HIS HIS B . n 
B 1 73 CYS 73 173 173 CYS CYS B . n 
B 1 74 GLU 74 174 174 GLU GLU B . n 
B 1 75 ASP 75 175 175 ASP ASP B . n 
B 1 76 GLY 76 176 176 GLY GLY B . n 
B 1 77 CYS 77 177 177 CYS CYS B . n 
B 1 78 GLN 78 178 178 GLN GLN B . n 
B 1 79 SER 79 179 179 SER SER B . n 
B 1 80 GLN 80 180 180 GLN GLN B . n 
B 1 81 CYS 81 181 181 CYS CYS B . n 
B 1 82 ASP 82 182 182 ASP ASP B . n 
# 
loop_
_pdbx_branch_scheme.asym_id 
_pdbx_branch_scheme.entity_id 
_pdbx_branch_scheme.mon_id 
_pdbx_branch_scheme.num 
_pdbx_branch_scheme.pdb_asym_id 
_pdbx_branch_scheme.pdb_mon_id 
_pdbx_branch_scheme.pdb_seq_num 
_pdbx_branch_scheme.auth_asym_id 
_pdbx_branch_scheme.auth_mon_id 
_pdbx_branch_scheme.auth_seq_num 
_pdbx_branch_scheme.hetero 
C 2 NAG 1 C NAG 1 C NAG 303 n 
C 2 NAG 2 C NAG 2 C NAG 302 n 
C 2 NAG 3 C NAG 3 C NAG 301 n 
D 2 NAG 1 D NAG 1 D NAG 403 n 
D 2 NAG 2 D NAG 2 D NAG 402 n 
D 2 NAG 3 D NAG 3 D NAG 401 n 
# 
loop_
_pdbx_nonpoly_scheme.asym_id 
_pdbx_nonpoly_scheme.entity_id 
_pdbx_nonpoly_scheme.mon_id 
_pdbx_nonpoly_scheme.ndb_seq_num 
_pdbx_nonpoly_scheme.pdb_seq_num 
_pdbx_nonpoly_scheme.auth_seq_num 
_pdbx_nonpoly_scheme.pdb_mon_id 
_pdbx_nonpoly_scheme.auth_mon_id 
_pdbx_nonpoly_scheme.pdb_strand_id 
_pdbx_nonpoly_scheme.pdb_ins_code 
E 3 HOH 1  304 1   HOH HOH A . 
E 3 HOH 2  305 2   HOH HOH A . 
E 3 HOH 3  306 3   HOH HOH A . 
E 3 HOH 4  307 4   HOH HOH A . 
E 3 HOH 5  308 5   HOH HOH A . 
E 3 HOH 6  309 6   HOH HOH A . 
E 3 HOH 7  310 7   HOH HOH A . 
E 3 HOH 8  311 8   HOH HOH A . 
E 3 HOH 9  312 13  HOH HOH A . 
E 3 HOH 10 313 14  HOH HOH A . 
E 3 HOH 11 314 15  HOH HOH A . 
E 3 HOH 12 315 16  HOH HOH A . 
E 3 HOH 13 316 17  HOH HOH A . 
E 3 HOH 14 317 18  HOH HOH A . 
E 3 HOH 15 318 19  HOH HOH A . 
E 3 HOH 16 319 20  HOH HOH A . 
E 3 HOH 17 320 23  HOH HOH A . 
E 3 HOH 18 321 25  HOH HOH A . 
E 3 HOH 19 322 29  HOH HOH A . 
E 3 HOH 20 323 31  HOH HOH A . 
E 3 HOH 21 324 32  HOH HOH A . 
E 3 HOH 22 325 33  HOH HOH A . 
E 3 HOH 23 326 34  HOH HOH A . 
E 3 HOH 24 327 35  HOH HOH A . 
E 3 HOH 25 328 36  HOH HOH A . 
E 3 HOH 26 329 37  HOH HOH A . 
E 3 HOH 27 330 39  HOH HOH A . 
E 3 HOH 28 331 40  HOH HOH A . 
E 3 HOH 29 332 41  HOH HOH A . 
E 3 HOH 30 333 42  HOH HOH A . 
E 3 HOH 31 334 45  HOH HOH A . 
E 3 HOH 32 335 48  HOH HOH A . 
E 3 HOH 33 336 49  HOH HOH A . 
E 3 HOH 34 337 51  HOH HOH A . 
E 3 HOH 35 338 55  HOH HOH A . 
E 3 HOH 36 339 56  HOH HOH A . 
E 3 HOH 37 340 58  HOH HOH A . 
E 3 HOH 38 341 59  HOH HOH A . 
E 3 HOH 39 342 60  HOH HOH A . 
E 3 HOH 40 343 61  HOH HOH A . 
E 3 HOH 41 344 62  HOH HOH A . 
E 3 HOH 42 345 65  HOH HOH A . 
E 3 HOH 43 346 66  HOH HOH A . 
E 3 HOH 44 347 67  HOH HOH A . 
E 3 HOH 45 348 68  HOH HOH A . 
E 3 HOH 46 349 72  HOH HOH A . 
E 3 HOH 47 350 73  HOH HOH A . 
E 3 HOH 48 351 74  HOH HOH A . 
E 3 HOH 49 352 75  HOH HOH A . 
E 3 HOH 50 353 76  HOH HOH A . 
E 3 HOH 51 354 77  HOH HOH A . 
E 3 HOH 52 355 80  HOH HOH A . 
E 3 HOH 53 356 81  HOH HOH A . 
E 3 HOH 54 357 84  HOH HOH A . 
E 3 HOH 55 358 85  HOH HOH A . 
E 3 HOH 56 359 86  HOH HOH A . 
E 3 HOH 57 360 88  HOH HOH A . 
E 3 HOH 58 361 90  HOH HOH A . 
E 3 HOH 59 362 92  HOH HOH A . 
E 3 HOH 60 363 93  HOH HOH A . 
E 3 HOH 61 364 94  HOH HOH A . 
E 3 HOH 62 365 95  HOH HOH A . 
E 3 HOH 63 366 99  HOH HOH A . 
E 3 HOH 64 367 103 HOH HOH A . 
E 3 HOH 65 368 106 HOH HOH A . 
E 3 HOH 66 369 108 HOH HOH A . 
E 3 HOH 67 370 109 HOH HOH A . 
E 3 HOH 68 371 111 HOH HOH A . 
E 3 HOH 69 372 113 HOH HOH A . 
E 3 HOH 70 373 115 HOH HOH A . 
E 3 HOH 71 374 119 HOH HOH A . 
E 3 HOH 72 375 121 HOH HOH A . 
E 3 HOH 73 376 122 HOH HOH A . 
F 3 HOH 1  404 9   HOH HOH B . 
F 3 HOH 2  405 10  HOH HOH B . 
F 3 HOH 3  406 11  HOH HOH B . 
F 3 HOH 4  407 12  HOH HOH B . 
F 3 HOH 5  408 21  HOH HOH B . 
F 3 HOH 6  409 22  HOH HOH B . 
F 3 HOH 7  410 24  HOH HOH B . 
F 3 HOH 8  411 26  HOH HOH B . 
F 3 HOH 9  412 27  HOH HOH B . 
F 3 HOH 10 413 28  HOH HOH B . 
F 3 HOH 11 414 30  HOH HOH B . 
F 3 HOH 12 415 38  HOH HOH B . 
F 3 HOH 13 416 43  HOH HOH B . 
F 3 HOH 14 417 44  HOH HOH B . 
F 3 HOH 15 418 46  HOH HOH B . 
F 3 HOH 16 419 47  HOH HOH B . 
F 3 HOH 17 420 50  HOH HOH B . 
F 3 HOH 18 421 52  HOH HOH B . 
F 3 HOH 19 422 53  HOH HOH B . 
F 3 HOH 20 423 54  HOH HOH B . 
F 3 HOH 21 424 57  HOH HOH B . 
F 3 HOH 22 425 63  HOH HOH B . 
F 3 HOH 23 426 64  HOH HOH B . 
F 3 HOH 24 427 69  HOH HOH B . 
F 3 HOH 25 428 70  HOH HOH B . 
F 3 HOH 26 429 71  HOH HOH B . 
F 3 HOH 27 430 78  HOH HOH B . 
F 3 HOH 28 431 79  HOH HOH B . 
F 3 HOH 29 432 82  HOH HOH B . 
F 3 HOH 30 433 83  HOH HOH B . 
F 3 HOH 31 434 87  HOH HOH B . 
F 3 HOH 32 435 89  HOH HOH B . 
F 3 HOH 33 436 91  HOH HOH B . 
F 3 HOH 34 437 96  HOH HOH B . 
F 3 HOH 35 438 97  HOH HOH B . 
F 3 HOH 36 439 98  HOH HOH B . 
F 3 HOH 37 440 100 HOH HOH B . 
F 3 HOH 38 441 101 HOH HOH B . 
F 3 HOH 39 442 102 HOH HOH B . 
F 3 HOH 40 443 104 HOH HOH B . 
F 3 HOH 41 444 105 HOH HOH B . 
F 3 HOH 42 445 107 HOH HOH B . 
F 3 HOH 43 446 110 HOH HOH B . 
F 3 HOH 44 447 112 HOH HOH B . 
F 3 HOH 45 448 114 HOH HOH B . 
F 3 HOH 46 449 116 HOH HOH B . 
F 3 HOH 47 450 117 HOH HOH B . 
F 3 HOH 48 451 118 HOH HOH B . 
F 3 HOH 49 452 120 HOH HOH B . 
# 
loop_
_software.name 
_software.classification 
_software.version 
_software.citation_id 
_software.pdbx_ordinal 
CNS    refinement       1.1          ? 1 
MOSFLM 'data reduction' .            ? 2 
CCP4   'data scaling'   '(TRUNCATE)' ? 3 
MOLREP phasing          .            ? 4 
# 
_cell.entry_id           1ULM 
_cell.length_a           98.561 
_cell.length_b           26.282 
_cell.length_c           65.217 
_cell.angle_alpha        90.00 
_cell.angle_beta         109.90 
_cell.angle_gamma        90.00 
_cell.Z_PDB              8 
_cell.pdbx_unique_axis   ? 
# 
_symmetry.entry_id                         1ULM 
_symmetry.space_group_name_H-M             'C 1 2 1' 
_symmetry.pdbx_full_space_group_name_H-M   ? 
_symmetry.cell_setting                     ? 
_symmetry.Int_Tables_number                5 
# 
_exptl.entry_id          1ULM 
_exptl.method            'X-RAY DIFFRACTION' 
_exptl.crystals_number   1 
# 
_exptl_crystal.id                    1 
_exptl_crystal.density_meas          ? 
_exptl_crystal.density_Matthews      2.18 
_exptl_crystal.density_percent_sol   43.54 
_exptl_crystal.description           ? 
# 
_exptl_crystal_grow.crystal_id      1 
_exptl_crystal_grow.method          'VAPOR DIFFUSION, HANGING DROP' 
_exptl_crystal_grow.temp            298 
_exptl_crystal_grow.temp_details    ? 
_exptl_crystal_grow.pH              6.5 
_exptl_crystal_grow.pdbx_details    
'PEG 8000, magnesium acetate, sodium cacodylate, pH 6.5, VAPOR DIFFUSION, HANGING DROP, temperature 298K' 
_exptl_crystal_grow.pdbx_pH_range   ? 
# 
_diffrn.id                     1 
_diffrn.ambient_temp           ? 
_diffrn.ambient_temp_details   ? 
_diffrn.crystal_id             1 
# 
_diffrn_detector.diffrn_id              1 
_diffrn_detector.detector               CCD 
_diffrn_detector.type                   'ADSC QUANTUM 4' 
_diffrn_detector.pdbx_collection_date   2002-06-06 
_diffrn_detector.details                ? 
# 
_diffrn_radiation.diffrn_id                        1 
_diffrn_radiation.wavelength_id                    1 
_diffrn_radiation.pdbx_monochromatic_or_laue_m_l   M 
_diffrn_radiation.monochromator                    ? 
_diffrn_radiation.pdbx_diffrn_protocol             'SINGLE WAVELENGTH' 
_diffrn_radiation.pdbx_scattering_type             x-ray 
# 
_diffrn_radiation_wavelength.id           1 
_diffrn_radiation_wavelength.wavelength   1.000 
_diffrn_radiation_wavelength.wt           1.0 
# 
_diffrn_source.diffrn_id                   1 
_diffrn_source.source                      SYNCHROTRON 
_diffrn_source.type                        'PHOTON FACTORY BEAMLINE BL-18B' 
_diffrn_source.pdbx_synchrotron_site       'Photon Factory' 
_diffrn_source.pdbx_synchrotron_beamline   BL-18B 
_diffrn_source.pdbx_wavelength             ? 
_diffrn_source.pdbx_wavelength_list        1.000 
# 
_reflns.entry_id                     1ULM 
_reflns.observed_criterion_sigma_I   ? 
_reflns.observed_criterion_sigma_F   ? 
_reflns.d_resolution_low             24.2 
_reflns.d_resolution_high            1.80 
_reflns.number_obs                   14699 
_reflns.number_all                   14699 
_reflns.percent_possible_obs         98.4 
_reflns.pdbx_Rmerge_I_obs            0.063 
_reflns.pdbx_Rsym_value              ? 
_reflns.pdbx_netI_over_sigmaI        ? 
_reflns.B_iso_Wilson_estimate        19.2 
_reflns.pdbx_redundancy              3.7 
_reflns.R_free_details               ? 
_reflns.limit_h_max                  ? 
_reflns.limit_h_min                  ? 
_reflns.limit_k_max                  ? 
_reflns.limit_k_min                  ? 
_reflns.limit_l_max                  ? 
_reflns.limit_l_min                  ? 
_reflns.observed_criterion_F_max     ? 
_reflns.observed_criterion_F_min     ? 
_reflns.pdbx_ordinal                 1 
_reflns.pdbx_diffrn_id               1 
# 
_reflns_shell.d_res_high             1.80 
_reflns_shell.d_res_low              1.91 
_reflns_shell.percent_possible_all   97.4 
_reflns_shell.Rmerge_I_obs           0.342 
_reflns_shell.pdbx_Rsym_value        ? 
_reflns_shell.meanI_over_sigI_obs    ? 
_reflns_shell.pdbx_redundancy        ? 
_reflns_shell.percent_possible_obs   ? 
_reflns_shell.number_unique_all      ? 
_reflns_shell.pdbx_ordinal           1 
_reflns_shell.pdbx_diffrn_id         1 
# 
_refine.entry_id                                 1ULM 
_refine.ls_number_reflns_obs                     14699 
_refine.ls_number_reflns_all                     14699 
_refine.pdbx_ls_sigma_I                          ? 
_refine.pdbx_ls_sigma_F                          0.0 
_refine.pdbx_data_cutoff_high_absF               889490.45 
_refine.pdbx_data_cutoff_low_absF                0.0 
_refine.pdbx_data_cutoff_high_rms_absF           ? 
_refine.ls_d_res_low                             24.18 
_refine.ls_d_res_high                            1.80 
_refine.ls_percent_reflns_obs                    98.0 
_refine.ls_R_factor_obs                          0.195 
_refine.ls_R_factor_all                          0.198 
_refine.ls_R_factor_R_work                       0.195 
_refine.ls_R_factor_R_free                       0.234 
_refine.ls_R_factor_R_free_error                 0.006 
_refine.ls_R_factor_R_free_error_details         ? 
_refine.ls_percent_reflns_R_free                 10.2 
_refine.ls_number_reflns_R_free                  1495 
_refine.ls_number_parameters                     ? 
_refine.ls_number_restraints                     ? 
_refine.occupancy_min                            ? 
_refine.occupancy_max                            ? 
_refine.correlation_coeff_Fo_to_Fc               ? 
_refine.correlation_coeff_Fo_to_Fc_free          ? 
_refine.B_iso_mean                               28.8 
_refine.aniso_B[1][1]                            -1.93 
_refine.aniso_B[2][2]                            3.28 
_refine.aniso_B[3][3]                            -1.34 
_refine.aniso_B[1][2]                            0.00 
_refine.aniso_B[1][3]                            1.01 
_refine.aniso_B[2][3]                            0.00 
_refine.solvent_model_details                    'FLAT MODEL' 
_refine.solvent_model_param_ksol                 0.356594 
_refine.solvent_model_param_bsol                 37.502 
_refine.pdbx_solvent_vdw_probe_radii             ? 
_refine.pdbx_solvent_ion_probe_radii             ? 
_refine.pdbx_solvent_shrinkage_radii             ? 
_refine.pdbx_ls_cross_valid_method               THROUGHOUT 
_refine.details                                  ? 
_refine.pdbx_starting_model                      ? 
_refine.pdbx_method_to_determine_struct          'MOLECULAR REPLACEMENT' 
_refine.pdbx_isotropic_thermal_model             RESTRAINED 
_refine.pdbx_stereochemistry_target_values       ? 
_refine.pdbx_stereochem_target_val_spec_case     ? 
_refine.pdbx_R_Free_selection_details            RANDOM 
_refine.pdbx_overall_ESU_R                       ? 
_refine.pdbx_overall_ESU_R_Free                  ? 
_refine.overall_SU_ML                            ? 
_refine.overall_SU_B                             ? 
_refine.ls_redundancy_reflns_obs                 ? 
_refine.B_iso_min                                ? 
_refine.B_iso_max                                ? 
_refine.overall_SU_R_Cruickshank_DPI             ? 
_refine.overall_SU_R_free                        ? 
_refine.pdbx_refine_id                           'X-RAY DIFFRACTION' 
_refine.pdbx_diffrn_id                           1 
_refine.pdbx_TLS_residual_ADP_flag               ? 
_refine.pdbx_overall_phase_error                 ? 
_refine.pdbx_overall_SU_R_free_Cruickshank_DPI   ? 
_refine.pdbx_overall_SU_R_Blow_DPI               ? 
_refine.pdbx_overall_SU_R_free_Blow_DPI          ? 
# 
_refine_analyze.entry_id                        1ULM 
_refine_analyze.Luzzati_coordinate_error_obs    0.20 
_refine_analyze.Luzzati_sigma_a_obs             0.12 
_refine_analyze.Luzzati_d_res_low_obs           5.00 
_refine_analyze.Luzzati_coordinate_error_free   0.24 
_refine_analyze.Luzzati_sigma_a_free            0.18 
_refine_analyze.Luzzati_d_res_low_free          ? 
_refine_analyze.number_disordered_residues      ? 
_refine_analyze.occupancy_sum_hydrogen          ? 
_refine_analyze.occupancy_sum_non_hydrogen      ? 
_refine_analyze.pdbx_Luzzati_d_res_high_obs     ? 
_refine_analyze.pdbx_refine_id                  'X-RAY DIFFRACTION' 
# 
_refine_hist.pdbx_refine_id                   'X-RAY DIFFRACTION' 
_refine_hist.cycle_id                         LAST 
_refine_hist.pdbx_number_atoms_protein        1246 
_refine_hist.pdbx_number_atoms_nucleic_acid   0 
_refine_hist.pdbx_number_atoms_ligand         86 
_refine_hist.number_atoms_solvent             122 
_refine_hist.number_atoms_total               1454 
_refine_hist.d_res_high                       1.80 
_refine_hist.d_res_low                        24.18 
# 
loop_
_refine_ls_restr.type 
_refine_ls_restr.dev_ideal 
_refine_ls_restr.dev_ideal_target 
_refine_ls_restr.weight 
_refine_ls_restr.number 
_refine_ls_restr.pdbx_refine_id 
_refine_ls_restr.pdbx_restraint_function 
c_bond_d                0.006 ? ? ? 'X-RAY DIFFRACTION' ? 
c_bond_d_na             ?     ? ? ? 'X-RAY DIFFRACTION' ? 
c_bond_d_prot           ?     ? ? ? 'X-RAY DIFFRACTION' ? 
c_angle_d               ?     ? ? ? 'X-RAY DIFFRACTION' ? 
c_angle_d_na            ?     ? ? ? 'X-RAY DIFFRACTION' ? 
c_angle_d_prot          ?     ? ? ? 'X-RAY DIFFRACTION' ? 
c_angle_deg             1.2   ? ? ? 'X-RAY DIFFRACTION' ? 
c_angle_deg_na          ?     ? ? ? 'X-RAY DIFFRACTION' ? 
c_angle_deg_prot        ?     ? ? ? 'X-RAY DIFFRACTION' ? 
c_dihedral_angle_d      21.2  ? ? ? 'X-RAY DIFFRACTION' ? 
c_dihedral_angle_d_na   ?     ? ? ? 'X-RAY DIFFRACTION' ? 
c_dihedral_angle_d_prot ?     ? ? ? 'X-RAY DIFFRACTION' ? 
c_improper_angle_d      0.76  ? ? ? 'X-RAY DIFFRACTION' ? 
c_improper_angle_d_na   ?     ? ? ? 'X-RAY DIFFRACTION' ? 
c_improper_angle_d_prot ?     ? ? ? 'X-RAY DIFFRACTION' ? 
c_mcbond_it             ?     ? ? ? 'X-RAY DIFFRACTION' ? 
c_mcangle_it            ?     ? ? ? 'X-RAY DIFFRACTION' ? 
c_scbond_it             ?     ? ? ? 'X-RAY DIFFRACTION' ? 
c_scangle_it            ?     ? ? ? 'X-RAY DIFFRACTION' ? 
# 
_refine_ls_shell.pdbx_total_number_of_bins_used   6 
_refine_ls_shell.d_res_high                       1.80 
_refine_ls_shell.d_res_low                        1.91 
_refine_ls_shell.number_reflns_R_work             2165 
_refine_ls_shell.R_factor_R_work                  0.249 
_refine_ls_shell.percent_reflns_obs               96.9 
_refine_ls_shell.R_factor_R_free                  0.299 
_refine_ls_shell.R_factor_R_free_error            0.020 
_refine_ls_shell.percent_reflns_R_free            9.3 
_refine_ls_shell.number_reflns_R_free             223 
_refine_ls_shell.number_reflns_obs                ? 
_refine_ls_shell.redundancy_reflns_obs            ? 
_refine_ls_shell.number_reflns_all                ? 
_refine_ls_shell.pdbx_refine_id                   'X-RAY DIFFRACTION' 
_refine_ls_shell.R_factor_all                     ? 
# 
loop_
_pdbx_xplor_file.serial_no 
_pdbx_xplor_file.param_file 
_pdbx_xplor_file.topol_file 
_pdbx_xplor_file.pdbx_refine_id 
1 PROTEIN_REP.PARAM PROTEIN.TOP 'X-RAY DIFFRACTION' 
2 ATER_REP.PARAM    WATER.TOP   'X-RAY DIFFRACTION' 
3 NAG.PARAM         NAG.TOP     'X-RAY DIFFRACTION' 
# 
_struct.entry_id                  1ULM 
_struct.title                     'Crystal Structure of Pokeweed Lectin-D2 complexed with tri-N-acetylchitotriose' 
_struct.pdbx_model_details        ? 
_struct.pdbx_CASP_flag            ? 
_struct.pdbx_model_type_details   ? 
# 
_struct_keywords.entry_id        1ULM 
_struct_keywords.pdbx_keywords   'SUGAR BINDING PROTEIN' 
_struct_keywords.text            'Lectin, chitin-binding, Hevein domain, SUGAR BINDING PROTEIN' 
# 
loop_
_struct_asym.id 
_struct_asym.pdbx_blank_PDB_chainid_flag 
_struct_asym.pdbx_modified 
_struct_asym.entity_id 
_struct_asym.details 
A N N 1 ? 
B N N 1 ? 
C N N 2 ? 
D N N 2 ? 
E N N 3 ? 
F N N 3 ? 
# 
_struct_ref.id                         1 
_struct_ref.entity_id                  1 
_struct_ref.db_name                    UNP 
_struct_ref.db_code                    LED2_PHYAM 
_struct_ref.pdbx_db_accession          P83790 
_struct_ref.pdbx_db_isoform            ? 
_struct_ref.pdbx_seq_one_letter_code   ? 
_struct_ref.pdbx_align_begin           ? 
# 
loop_
_struct_ref_seq.align_id 
_struct_ref_seq.ref_id 
_struct_ref_seq.pdbx_PDB_id_code 
_struct_ref_seq.pdbx_strand_id 
_struct_ref_seq.seq_align_beg 
_struct_ref_seq.pdbx_seq_align_beg_ins_code 
_struct_ref_seq.seq_align_end 
_struct_ref_seq.pdbx_seq_align_end_ins_code 
_struct_ref_seq.pdbx_db_accession 
_struct_ref_seq.db_align_beg 
_struct_ref_seq.pdbx_db_align_beg_ins_code 
_struct_ref_seq.db_align_end 
_struct_ref_seq.pdbx_db_align_end_ins_code 
_struct_ref_seq.pdbx_auth_seq_align_beg 
_struct_ref_seq.pdbx_auth_seq_align_end 
1 1 1ULM A 1 ? 82 ? P83790 1 ? 82 ? 1   82  
2 1 1ULM B 1 ? 82 ? P83790 1 ? 82 ? 101 182 
# 
loop_
_pdbx_struct_assembly.id 
_pdbx_struct_assembly.details 
_pdbx_struct_assembly.method_details 
_pdbx_struct_assembly.oligomeric_details 
_pdbx_struct_assembly.oligomeric_count 
1 author_defined_assembly ? monomeric 1 
2 author_defined_assembly ? monomeric 1 
# 
loop_
_pdbx_struct_assembly_gen.assembly_id 
_pdbx_struct_assembly_gen.oper_expression 
_pdbx_struct_assembly_gen.asym_id_list 
1 1 A,C,E 
2 1 B,D,F 
# 
_pdbx_struct_oper_list.id                   1 
_pdbx_struct_oper_list.type                 'identity operation' 
_pdbx_struct_oper_list.name                 1_555 
_pdbx_struct_oper_list.symmetry_operation   x,y,z 
_pdbx_struct_oper_list.matrix[1][1]         1.0000000000 
_pdbx_struct_oper_list.matrix[1][2]         0.0000000000 
_pdbx_struct_oper_list.matrix[1][3]         0.0000000000 
_pdbx_struct_oper_list.vector[1]            0.0000000000 
_pdbx_struct_oper_list.matrix[2][1]         0.0000000000 
_pdbx_struct_oper_list.matrix[2][2]         1.0000000000 
_pdbx_struct_oper_list.matrix[2][3]         0.0000000000 
_pdbx_struct_oper_list.vector[2]            0.0000000000 
_pdbx_struct_oper_list.matrix[3][1]         0.0000000000 
_pdbx_struct_oper_list.matrix[3][2]         0.0000000000 
_pdbx_struct_oper_list.matrix[3][3]         1.0000000000 
_pdbx_struct_oper_list.vector[3]            0.0000000000 
# 
loop_
_struct_biol.id 
_struct_biol.pdbx_parent_biol_id 
_struct_biol.details 
1 ? ? 
2 ? ? 
# 
loop_
_struct_conf.conf_type_id 
_struct_conf.id 
_struct_conf.pdbx_PDB_helix_id 
_struct_conf.beg_label_comp_id 
_struct_conf.beg_label_asym_id 
_struct_conf.beg_label_seq_id 
_struct_conf.pdbx_beg_PDB_ins_code 
_struct_conf.end_label_comp_id 
_struct_conf.end_label_asym_id 
_struct_conf.end_label_seq_id 
_struct_conf.pdbx_end_PDB_ins_code 
_struct_conf.beg_auth_comp_id 
_struct_conf.beg_auth_asym_id 
_struct_conf.beg_auth_seq_id 
_struct_conf.end_auth_comp_id 
_struct_conf.end_auth_asym_id 
_struct_conf.end_auth_seq_id 
_struct_conf.pdbx_PDB_helix_class 
_struct_conf.details 
_struct_conf.pdbx_PDB_helix_length 
HELX_P HELX_P1  1  GLY A 5  ? SER A 9  ? GLY A 5   SER A 9   5 ? 5 
HELX_P HELX_P2  2  CYS A 13 ? LYS A 17 ? CYS A 13  LYS A 17  5 ? 5 
HELX_P HELX_P3  3  THR A 28 ? GLY A 33 ? THR A 28  GLY A 33  1 ? 6 
HELX_P HELX_P4  4  GLY A 46 ? GLY A 50 ? GLY A 46  GLY A 50  5 ? 5 
HELX_P HELX_P5  5  SER A 69 ? GLU A 74 ? SER A 69  GLU A 74  1 ? 6 
HELX_P HELX_P6  6  GLY B 5  ? SER B 9  ? GLY B 105 SER B 109 5 ? 5 
HELX_P HELX_P7  7  CYS B 13 ? LYS B 17 ? CYS B 113 LYS B 117 5 ? 5 
HELX_P HELX_P8  8  THR B 28 ? GLY B 33 ? THR B 128 GLY B 133 1 ? 6 
HELX_P HELX_P9  9  GLY B 46 ? GLY B 50 ? GLY B 146 GLY B 150 5 ? 5 
HELX_P HELX_P10 10 SER B 69 ? GLU B 74 ? SER B 169 GLU B 174 1 ? 6 
# 
_struct_conf_type.id          HELX_P 
_struct_conf_type.criteria    ? 
_struct_conf_type.reference   ? 
# 
loop_
_struct_conn.id 
_struct_conn.conn_type_id 
_struct_conn.pdbx_leaving_atom_flag 
_struct_conn.pdbx_PDB_id 
_struct_conn.ptnr1_label_asym_id 
_struct_conn.ptnr1_label_comp_id 
_struct_conn.ptnr1_label_seq_id 
_struct_conn.ptnr1_label_atom_id 
_struct_conn.pdbx_ptnr1_label_alt_id 
_struct_conn.pdbx_ptnr1_PDB_ins_code 
_struct_conn.pdbx_ptnr1_standard_comp_id 
_struct_conn.ptnr1_symmetry 
_struct_conn.ptnr2_label_asym_id 
_struct_conn.ptnr2_label_comp_id 
_struct_conn.ptnr2_label_seq_id 
_struct_conn.ptnr2_label_atom_id 
_struct_conn.pdbx_ptnr2_label_alt_id 
_struct_conn.pdbx_ptnr2_PDB_ins_code 
_struct_conn.ptnr1_auth_asym_id 
_struct_conn.ptnr1_auth_comp_id 
_struct_conn.ptnr1_auth_seq_id 
_struct_conn.ptnr2_auth_asym_id 
_struct_conn.ptnr2_auth_comp_id 
_struct_conn.ptnr2_auth_seq_id 
_struct_conn.ptnr2_symmetry 
_struct_conn.pdbx_ptnr3_label_atom_id 
_struct_conn.pdbx_ptnr3_label_seq_id 
_struct_conn.pdbx_ptnr3_label_comp_id 
_struct_conn.pdbx_ptnr3_label_asym_id 
_struct_conn.pdbx_ptnr3_label_alt_id 
_struct_conn.pdbx_ptnr3_PDB_ins_code 
_struct_conn.details 
_struct_conn.pdbx_dist_value 
_struct_conn.pdbx_value_order 
_struct_conn.pdbx_role 
disulf1  disulf ?    ? A CYS 4  SG ? ? ? 1_555 A CYS 19 SG ? ? A CYS 4   A CYS 19  1_555 ? ? ? ? ? ? ? 2.033 ? ? 
disulf2  disulf ?    ? A CYS 13 SG ? ? ? 1_555 A CYS 25 SG ? ? A CYS 13  A CYS 25  1_555 ? ? ? ? ? ? ? 2.028 ? ? 
disulf3  disulf ?    ? A CYS 18 SG ? ? ? 1_555 A CYS 32 SG ? ? A CYS 18  A CYS 32  1_555 ? ? ? ? ? ? ? 2.033 ? ? 
disulf4  disulf ?    ? A CYS 36 SG ? ? ? 1_555 A CYS 40 SG ? ? A CYS 36  A CYS 40  1_555 ? ? ? ? ? ? ? 2.033 ? ? 
disulf5  disulf ?    ? A CYS 45 SG ? ? ? 1_555 A CYS 60 SG ? ? A CYS 45  A CYS 60  1_555 ? ? ? ? ? ? ? 2.027 ? ? 
disulf6  disulf ?    ? A CYS 54 SG ? ? ? 1_555 A CYS 66 SG ? ? A CYS 54  A CYS 66  1_555 ? ? ? ? ? ? ? 2.027 ? ? 
disulf7  disulf ?    ? A CYS 59 SG ? ? ? 1_555 A CYS 73 SG ? ? A CYS 59  A CYS 73  1_555 ? ? ? ? ? ? ? 2.025 ? ? 
disulf8  disulf ?    ? A CYS 77 SG ? ? ? 1_555 A CYS 81 SG ? ? A CYS 77  A CYS 81  1_555 ? ? ? ? ? ? ? 2.019 ? ? 
disulf9  disulf ?    ? B CYS 4  SG ? ? ? 1_555 B CYS 19 SG ? ? B CYS 104 B CYS 119 1_555 ? ? ? ? ? ? ? 2.035 ? ? 
disulf10 disulf ?    ? B CYS 13 SG ? ? ? 1_555 B CYS 25 SG ? ? B CYS 113 B CYS 125 1_555 ? ? ? ? ? ? ? 2.024 ? ? 
disulf11 disulf ?    ? B CYS 18 SG ? ? ? 1_555 B CYS 32 SG ? ? B CYS 118 B CYS 132 1_555 ? ? ? ? ? ? ? 2.027 ? ? 
disulf12 disulf ?    ? B CYS 36 SG ? ? ? 1_555 B CYS 40 SG ? ? B CYS 136 B CYS 140 1_555 ? ? ? ? ? ? ? 2.018 ? ? 
disulf13 disulf ?    ? B CYS 45 SG ? ? ? 1_555 B CYS 60 SG ? ? B CYS 145 B CYS 160 1_555 ? ? ? ? ? ? ? 2.027 ? ? 
disulf14 disulf ?    ? B CYS 54 SG ? ? ? 1_555 B CYS 66 SG ? ? B CYS 154 B CYS 166 1_555 ? ? ? ? ? ? ? 2.024 ? ? 
disulf15 disulf ?    ? B CYS 59 SG ? ? ? 1_555 B CYS 73 SG ? ? B CYS 159 B CYS 173 1_555 ? ? ? ? ? ? ? 2.027 ? ? 
disulf16 disulf ?    ? B CYS 77 SG ? ? ? 1_555 B CYS 81 SG ? ? B CYS 177 B CYS 181 1_555 ? ? ? ? ? ? ? 2.022 ? ? 
covale1  covale both ? C NAG .  O4 ? ? ? 1_555 C NAG .  C1 ? ? C NAG 1   C NAG 2   1_555 ? ? ? ? ? ? ? 1.455 ? ? 
covale2  covale both ? C NAG .  O4 ? ? ? 1_555 C NAG .  C1 ? ? C NAG 2   C NAG 3   1_555 ? ? ? ? ? ? ? 1.433 ? ? 
covale3  covale both ? D NAG .  O4 ? ? ? 1_555 D NAG .  C1 ? ? D NAG 1   D NAG 2   1_555 ? ? ? ? ? ? ? 1.482 ? ? 
covale4  covale both ? D NAG .  O4 ? ? ? 1_555 D NAG .  C1 ? ? D NAG 2   D NAG 3   1_555 ? ? ? ? ? ? ? 1.457 ? ? 
# 
loop_
_struct_conn_type.id 
_struct_conn_type.criteria 
_struct_conn_type.reference 
disulf ? ? 
covale ? ? 
# 
loop_
_pdbx_modification_feature.ordinal 
_pdbx_modification_feature.label_comp_id 
_pdbx_modification_feature.label_asym_id 
_pdbx_modification_feature.label_seq_id 
_pdbx_modification_feature.label_alt_id 
_pdbx_modification_feature.modified_residue_label_comp_id 
_pdbx_modification_feature.modified_residue_label_asym_id 
_pdbx_modification_feature.modified_residue_label_seq_id 
_pdbx_modification_feature.modified_residue_label_alt_id 
_pdbx_modification_feature.auth_comp_id 
_pdbx_modification_feature.auth_asym_id 
_pdbx_modification_feature.auth_seq_id 
_pdbx_modification_feature.PDB_ins_code 
_pdbx_modification_feature.symmetry 
_pdbx_modification_feature.modified_residue_auth_comp_id 
_pdbx_modification_feature.modified_residue_auth_asym_id 
_pdbx_modification_feature.modified_residue_auth_seq_id 
_pdbx_modification_feature.modified_residue_PDB_ins_code 
_pdbx_modification_feature.modified_residue_symmetry 
_pdbx_modification_feature.comp_id_linking_atom 
_pdbx_modification_feature.modified_residue_id_linking_atom 
_pdbx_modification_feature.modified_residue_id 
_pdbx_modification_feature.ref_pcm_id 
_pdbx_modification_feature.ref_comp_id 
_pdbx_modification_feature.type 
_pdbx_modification_feature.category 
1  CYS A 4  ? CYS A 19 ? CYS A 4   ? 1_555 CYS A 19  ? 1_555 SG SG . . . None 'Disulfide bridge' 
2  CYS A 13 ? CYS A 25 ? CYS A 13  ? 1_555 CYS A 25  ? 1_555 SG SG . . . None 'Disulfide bridge' 
3  CYS A 18 ? CYS A 32 ? CYS A 18  ? 1_555 CYS A 32  ? 1_555 SG SG . . . None 'Disulfide bridge' 
4  CYS A 36 ? CYS A 40 ? CYS A 36  ? 1_555 CYS A 40  ? 1_555 SG SG . . . None 'Disulfide bridge' 
5  CYS A 45 ? CYS A 60 ? CYS A 45  ? 1_555 CYS A 60  ? 1_555 SG SG . . . None 'Disulfide bridge' 
6  CYS A 54 ? CYS A 66 ? CYS A 54  ? 1_555 CYS A 66  ? 1_555 SG SG . . . None 'Disulfide bridge' 
7  CYS A 59 ? CYS A 73 ? CYS A 59  ? 1_555 CYS A 73  ? 1_555 SG SG . . . None 'Disulfide bridge' 
8  CYS A 77 ? CYS A 81 ? CYS A 77  ? 1_555 CYS A 81  ? 1_555 SG SG . . . None 'Disulfide bridge' 
9  CYS B 4  ? CYS B 19 ? CYS B 104 ? 1_555 CYS B 119 ? 1_555 SG SG . . . None 'Disulfide bridge' 
10 CYS B 13 ? CYS B 25 ? CYS B 113 ? 1_555 CYS B 125 ? 1_555 SG SG . . . None 'Disulfide bridge' 
11 CYS B 18 ? CYS B 32 ? CYS B 118 ? 1_555 CYS B 132 ? 1_555 SG SG . . . None 'Disulfide bridge' 
12 CYS B 36 ? CYS B 40 ? CYS B 136 ? 1_555 CYS B 140 ? 1_555 SG SG . . . None 'Disulfide bridge' 
13 CYS B 45 ? CYS B 60 ? CYS B 145 ? 1_555 CYS B 160 ? 1_555 SG SG . . . None 'Disulfide bridge' 
14 CYS B 54 ? CYS B 66 ? CYS B 154 ? 1_555 CYS B 166 ? 1_555 SG SG . . . None 'Disulfide bridge' 
15 CYS B 59 ? CYS B 73 ? CYS B 159 ? 1_555 CYS B 173 ? 1_555 SG SG . . . None 'Disulfide bridge' 
16 CYS B 77 ? CYS B 81 ? CYS B 177 ? 1_555 CYS B 181 ? 1_555 SG SG . . . None 'Disulfide bridge' 
# 
loop_
_struct_sheet.id 
_struct_sheet.type 
_struct_sheet.number_strands 
_struct_sheet.details 
A ? 2 ? 
B ? 2 ? 
C ? 2 ? 
D ? 2 ? 
# 
loop_
_struct_sheet_order.sheet_id 
_struct_sheet_order.range_id_1 
_struct_sheet_order.range_id_2 
_struct_sheet_order.offset 
_struct_sheet_order.sense 
A 1 2 ? anti-parallel 
B 1 2 ? anti-parallel 
C 1 2 ? anti-parallel 
D 1 2 ? anti-parallel 
# 
loop_
_struct_sheet_range.sheet_id 
_struct_sheet_range.id 
_struct_sheet_range.beg_label_comp_id 
_struct_sheet_range.beg_label_asym_id 
_struct_sheet_range.beg_label_seq_id 
_struct_sheet_range.pdbx_beg_PDB_ins_code 
_struct_sheet_range.end_label_comp_id 
_struct_sheet_range.end_label_asym_id 
_struct_sheet_range.end_label_seq_id 
_struct_sheet_range.pdbx_end_PDB_ins_code 
_struct_sheet_range.beg_auth_comp_id 
_struct_sheet_range.beg_auth_asym_id 
_struct_sheet_range.beg_auth_seq_id 
_struct_sheet_range.end_auth_comp_id 
_struct_sheet_range.end_auth_asym_id 
_struct_sheet_range.end_auth_seq_id 
A 1 CYS A 18 ? CYS A 19 ? CYS A 18  CYS A 19  
A 2 CYS A 25 ? GLY A 26 ? CYS A 25  GLY A 26  
B 1 CYS A 59 ? CYS A 60 ? CYS A 59  CYS A 60  
B 2 CYS A 66 ? GLY A 67 ? CYS A 66  GLY A 67  
C 1 CYS B 18 ? CYS B 19 ? CYS B 118 CYS B 119 
C 2 CYS B 25 ? GLY B 26 ? CYS B 125 GLY B 126 
D 1 CYS B 59 ? CYS B 60 ? CYS B 159 CYS B 160 
D 2 CYS B 66 ? GLY B 67 ? CYS B 166 GLY B 167 
# 
loop_
_pdbx_struct_sheet_hbond.sheet_id 
_pdbx_struct_sheet_hbond.range_id_1 
_pdbx_struct_sheet_hbond.range_id_2 
_pdbx_struct_sheet_hbond.range_1_label_atom_id 
_pdbx_struct_sheet_hbond.range_1_label_comp_id 
_pdbx_struct_sheet_hbond.range_1_label_asym_id 
_pdbx_struct_sheet_hbond.range_1_label_seq_id 
_pdbx_struct_sheet_hbond.range_1_PDB_ins_code 
_pdbx_struct_sheet_hbond.range_1_auth_atom_id 
_pdbx_struct_sheet_hbond.range_1_auth_comp_id 
_pdbx_struct_sheet_hbond.range_1_auth_asym_id 
_pdbx_struct_sheet_hbond.range_1_auth_seq_id 
_pdbx_struct_sheet_hbond.range_2_label_atom_id 
_pdbx_struct_sheet_hbond.range_2_label_comp_id 
_pdbx_struct_sheet_hbond.range_2_label_asym_id 
_pdbx_struct_sheet_hbond.range_2_label_seq_id 
_pdbx_struct_sheet_hbond.range_2_PDB_ins_code 
_pdbx_struct_sheet_hbond.range_2_auth_atom_id 
_pdbx_struct_sheet_hbond.range_2_auth_comp_id 
_pdbx_struct_sheet_hbond.range_2_auth_asym_id 
_pdbx_struct_sheet_hbond.range_2_auth_seq_id 
A 1 2 N CYS A 18 ? N CYS A 18  O GLY A 26 ? O GLY A 26  
B 1 2 N CYS A 59 ? N CYS A 59  O GLY A 67 ? O GLY A 67  
C 1 2 N CYS B 18 ? N CYS B 118 O GLY B 26 ? O GLY B 126 
D 1 2 N CYS B 59 ? N CYS B 159 O GLY B 67 ? O GLY B 167 
# 
_pdbx_entry_details.entry_id                   1ULM 
_pdbx_entry_details.compound_details           ? 
_pdbx_entry_details.source_details             ? 
_pdbx_entry_details.nonpolymer_details         ? 
_pdbx_entry_details.sequence_details           ? 
_pdbx_entry_details.has_ligand_of_interest     ? 
_pdbx_entry_details.has_protein_modification   Y 
# 
_pdbx_validate_close_contact.id               1 
_pdbx_validate_close_contact.PDB_model_num    1 
_pdbx_validate_close_contact.auth_atom_id_1   O4 
_pdbx_validate_close_contact.auth_asym_id_1   D 
_pdbx_validate_close_contact.auth_comp_id_1   NAG 
_pdbx_validate_close_contact.auth_seq_id_1    2 
_pdbx_validate_close_contact.PDB_ins_code_1   ? 
_pdbx_validate_close_contact.label_alt_id_1   ? 
_pdbx_validate_close_contact.auth_atom_id_2   C2 
_pdbx_validate_close_contact.auth_asym_id_2   D 
_pdbx_validate_close_contact.auth_comp_id_2   NAG 
_pdbx_validate_close_contact.auth_seq_id_2    3 
_pdbx_validate_close_contact.PDB_ins_code_2   ? 
_pdbx_validate_close_contact.label_alt_id_2   ? 
_pdbx_validate_close_contact.dist             2.15 
# 
loop_
_pdbx_validate_torsion.id 
_pdbx_validate_torsion.PDB_model_num 
_pdbx_validate_torsion.auth_comp_id 
_pdbx_validate_torsion.auth_asym_id 
_pdbx_validate_torsion.auth_seq_id 
_pdbx_validate_torsion.PDB_ins_code 
_pdbx_validate_torsion.label_alt_id 
_pdbx_validate_torsion.phi 
_pdbx_validate_torsion.psi 
1 1 ASP A 75  ? ? 49.79 98.88 
2 1 ASN B 115 ? ? 57.97 8.35  
3 1 ASP B 175 ? ? 63.37 74.03 
# 
_pdbx_molecule_features.prd_id    PRD_900017 
_pdbx_molecule_features.name      triacetyl-beta-chitotriose 
_pdbx_molecule_features.type      Oligosaccharide 
_pdbx_molecule_features.class     Inhibitor 
_pdbx_molecule_features.details   oligosaccharide 
# 
loop_
_pdbx_molecule.instance_id 
_pdbx_molecule.prd_id 
_pdbx_molecule.asym_id 
1 PRD_900017 C 
2 PRD_900017 D 
# 
loop_
_chem_comp_atom.comp_id 
_chem_comp_atom.atom_id 
_chem_comp_atom.type_symbol 
_chem_comp_atom.pdbx_aromatic_flag 
_chem_comp_atom.pdbx_stereo_config 
_chem_comp_atom.pdbx_ordinal 
ALA N    N N N 1   
ALA CA   C N S 2   
ALA C    C N N 3   
ALA O    O N N 4   
ALA CB   C N N 5   
ALA OXT  O N N 6   
ALA H    H N N 7   
ALA H2   H N N 8   
ALA HA   H N N 9   
ALA HB1  H N N 10  
ALA HB2  H N N 11  
ALA HB3  H N N 12  
ALA HXT  H N N 13  
ARG N    N N N 14  
ARG CA   C N S 15  
ARG C    C N N 16  
ARG O    O N N 17  
ARG CB   C N N 18  
ARG CG   C N N 19  
ARG CD   C N N 20  
ARG NE   N N N 21  
ARG CZ   C N N 22  
ARG NH1  N N N 23  
ARG NH2  N N N 24  
ARG OXT  O N N 25  
ARG H    H N N 26  
ARG H2   H N N 27  
ARG HA   H N N 28  
ARG HB2  H N N 29  
ARG HB3  H N N 30  
ARG HG2  H N N 31  
ARG HG3  H N N 32  
ARG HD2  H N N 33  
ARG HD3  H N N 34  
ARG HE   H N N 35  
ARG HH11 H N N 36  
ARG HH12 H N N 37  
ARG HH21 H N N 38  
ARG HH22 H N N 39  
ARG HXT  H N N 40  
ASN N    N N N 41  
ASN CA   C N S 42  
ASN C    C N N 43  
ASN O    O N N 44  
ASN CB   C N N 45  
ASN CG   C N N 46  
ASN OD1  O N N 47  
ASN ND2  N N N 48  
ASN OXT  O N N 49  
ASN H    H N N 50  
ASN H2   H N N 51  
ASN HA   H N N 52  
ASN HB2  H N N 53  
ASN HB3  H N N 54  
ASN HD21 H N N 55  
ASN HD22 H N N 56  
ASN HXT  H N N 57  
ASP N    N N N 58  
ASP CA   C N S 59  
ASP C    C N N 60  
ASP O    O N N 61  
ASP CB   C N N 62  
ASP CG   C N N 63  
ASP OD1  O N N 64  
ASP OD2  O N N 65  
ASP OXT  O N N 66  
ASP H    H N N 67  
ASP H2   H N N 68  
ASP HA   H N N 69  
ASP HB2  H N N 70  
ASP HB3  H N N 71  
ASP HD2  H N N 72  
ASP HXT  H N N 73  
CYS N    N N N 74  
CYS CA   C N R 75  
CYS C    C N N 76  
CYS O    O N N 77  
CYS CB   C N N 78  
CYS SG   S N N 79  
CYS OXT  O N N 80  
CYS H    H N N 81  
CYS H2   H N N 82  
CYS HA   H N N 83  
CYS HB2  H N N 84  
CYS HB3  H N N 85  
CYS HG   H N N 86  
CYS HXT  H N N 87  
GLN N    N N N 88  
GLN CA   C N S 89  
GLN C    C N N 90  
GLN O    O N N 91  
GLN CB   C N N 92  
GLN CG   C N N 93  
GLN CD   C N N 94  
GLN OE1  O N N 95  
GLN NE2  N N N 96  
GLN OXT  O N N 97  
GLN H    H N N 98  
GLN H2   H N N 99  
GLN HA   H N N 100 
GLN HB2  H N N 101 
GLN HB3  H N N 102 
GLN HG2  H N N 103 
GLN HG3  H N N 104 
GLN HE21 H N N 105 
GLN HE22 H N N 106 
GLN HXT  H N N 107 
GLU N    N N N 108 
GLU CA   C N S 109 
GLU C    C N N 110 
GLU O    O N N 111 
GLU CB   C N N 112 
GLU CG   C N N 113 
GLU CD   C N N 114 
GLU OE1  O N N 115 
GLU OE2  O N N 116 
GLU OXT  O N N 117 
GLU H    H N N 118 
GLU H2   H N N 119 
GLU HA   H N N 120 
GLU HB2  H N N 121 
GLU HB3  H N N 122 
GLU HG2  H N N 123 
GLU HG3  H N N 124 
GLU HE2  H N N 125 
GLU HXT  H N N 126 
GLY N    N N N 127 
GLY CA   C N N 128 
GLY C    C N N 129 
GLY O    O N N 130 
GLY OXT  O N N 131 
GLY H    H N N 132 
GLY H2   H N N 133 
GLY HA2  H N N 134 
GLY HA3  H N N 135 
GLY HXT  H N N 136 
HIS N    N N N 137 
HIS CA   C N S 138 
HIS C    C N N 139 
HIS O    O N N 140 
HIS CB   C N N 141 
HIS CG   C Y N 142 
HIS ND1  N Y N 143 
HIS CD2  C Y N 144 
HIS CE1  C Y N 145 
HIS NE2  N Y N 146 
HIS OXT  O N N 147 
HIS H    H N N 148 
HIS H2   H N N 149 
HIS HA   H N N 150 
HIS HB2  H N N 151 
HIS HB3  H N N 152 
HIS HD1  H N N 153 
HIS HD2  H N N 154 
HIS HE1  H N N 155 
HIS HE2  H N N 156 
HIS HXT  H N N 157 
HOH O    O N N 158 
HOH H1   H N N 159 
HOH H2   H N N 160 
LEU N    N N N 161 
LEU CA   C N S 162 
LEU C    C N N 163 
LEU O    O N N 164 
LEU CB   C N N 165 
LEU CG   C N N 166 
LEU CD1  C N N 167 
LEU CD2  C N N 168 
LEU OXT  O N N 169 
LEU H    H N N 170 
LEU H2   H N N 171 
LEU HA   H N N 172 
LEU HB2  H N N 173 
LEU HB3  H N N 174 
LEU HG   H N N 175 
LEU HD11 H N N 176 
LEU HD12 H N N 177 
LEU HD13 H N N 178 
LEU HD21 H N N 179 
LEU HD22 H N N 180 
LEU HD23 H N N 181 
LEU HXT  H N N 182 
LYS N    N N N 183 
LYS CA   C N S 184 
LYS C    C N N 185 
LYS O    O N N 186 
LYS CB   C N N 187 
LYS CG   C N N 188 
LYS CD   C N N 189 
LYS CE   C N N 190 
LYS NZ   N N N 191 
LYS OXT  O N N 192 
LYS H    H N N 193 
LYS H2   H N N 194 
LYS HA   H N N 195 
LYS HB2  H N N 196 
LYS HB3  H N N 197 
LYS HG2  H N N 198 
LYS HG3  H N N 199 
LYS HD2  H N N 200 
LYS HD3  H N N 201 
LYS HE2  H N N 202 
LYS HE3  H N N 203 
LYS HZ1  H N N 204 
LYS HZ2  H N N 205 
LYS HZ3  H N N 206 
LYS HXT  H N N 207 
MET N    N N N 208 
MET CA   C N S 209 
MET C    C N N 210 
MET O    O N N 211 
MET CB   C N N 212 
MET CG   C N N 213 
MET SD   S N N 214 
MET CE   C N N 215 
MET OXT  O N N 216 
MET H    H N N 217 
MET H2   H N N 218 
MET HA   H N N 219 
MET HB2  H N N 220 
MET HB3  H N N 221 
MET HG2  H N N 222 
MET HG3  H N N 223 
MET HE1  H N N 224 
MET HE2  H N N 225 
MET HE3  H N N 226 
MET HXT  H N N 227 
NAG C1   C N R 228 
NAG C2   C N R 229 
NAG C3   C N R 230 
NAG C4   C N S 231 
NAG C5   C N R 232 
NAG C6   C N N 233 
NAG C7   C N N 234 
NAG C8   C N N 235 
NAG N2   N N N 236 
NAG O1   O N N 237 
NAG O3   O N N 238 
NAG O4   O N N 239 
NAG O5   O N N 240 
NAG O6   O N N 241 
NAG O7   O N N 242 
NAG H1   H N N 243 
NAG H2   H N N 244 
NAG H3   H N N 245 
NAG H4   H N N 246 
NAG H5   H N N 247 
NAG H61  H N N 248 
NAG H62  H N N 249 
NAG H81  H N N 250 
NAG H82  H N N 251 
NAG H83  H N N 252 
NAG HN2  H N N 253 
NAG HO1  H N N 254 
NAG HO3  H N N 255 
NAG HO4  H N N 256 
NAG HO6  H N N 257 
PHE N    N N N 258 
PHE CA   C N S 259 
PHE C    C N N 260 
PHE O    O N N 261 
PHE CB   C N N 262 
PHE CG   C Y N 263 
PHE CD1  C Y N 264 
PHE CD2  C Y N 265 
PHE CE1  C Y N 266 
PHE CE2  C Y N 267 
PHE CZ   C Y N 268 
PHE OXT  O N N 269 
PHE H    H N N 270 
PHE H2   H N N 271 
PHE HA   H N N 272 
PHE HB2  H N N 273 
PHE HB3  H N N 274 
PHE HD1  H N N 275 
PHE HD2  H N N 276 
PHE HE1  H N N 277 
PHE HE2  H N N 278 
PHE HZ   H N N 279 
PHE HXT  H N N 280 
PRO N    N N N 281 
PRO CA   C N S 282 
PRO C    C N N 283 
PRO O    O N N 284 
PRO CB   C N N 285 
PRO CG   C N N 286 
PRO CD   C N N 287 
PRO OXT  O N N 288 
PRO H    H N N 289 
PRO HA   H N N 290 
PRO HB2  H N N 291 
PRO HB3  H N N 292 
PRO HG2  H N N 293 
PRO HG3  H N N 294 
PRO HD2  H N N 295 
PRO HD3  H N N 296 
PRO HXT  H N N 297 
SER N    N N N 298 
SER CA   C N S 299 
SER C    C N N 300 
SER O    O N N 301 
SER CB   C N N 302 
SER OG   O N N 303 
SER OXT  O N N 304 
SER H    H N N 305 
SER H2   H N N 306 
SER HA   H N N 307 
SER HB2  H N N 308 
SER HB3  H N N 309 
SER HG   H N N 310 
SER HXT  H N N 311 
THR N    N N N 312 
THR CA   C N S 313 
THR C    C N N 314 
THR O    O N N 315 
THR CB   C N R 316 
THR OG1  O N N 317 
THR CG2  C N N 318 
THR OXT  O N N 319 
THR H    H N N 320 
THR H2   H N N 321 
THR HA   H N N 322 
THR HB   H N N 323 
THR HG1  H N N 324 
THR HG21 H N N 325 
THR HG22 H N N 326 
THR HG23 H N N 327 
THR HXT  H N N 328 
TRP N    N N N 329 
TRP CA   C N S 330 
TRP C    C N N 331 
TRP O    O N N 332 
TRP CB   C N N 333 
TRP CG   C Y N 334 
TRP CD1  C Y N 335 
TRP CD2  C Y N 336 
TRP NE1  N Y N 337 
TRP CE2  C Y N 338 
TRP CE3  C Y N 339 
TRP CZ2  C Y N 340 
TRP CZ3  C Y N 341 
TRP CH2  C Y N 342 
TRP OXT  O N N 343 
TRP H    H N N 344 
TRP H2   H N N 345 
TRP HA   H N N 346 
TRP HB2  H N N 347 
TRP HB3  H N N 348 
TRP HD1  H N N 349 
TRP HE1  H N N 350 
TRP HE3  H N N 351 
TRP HZ2  H N N 352 
TRP HZ3  H N N 353 
TRP HH2  H N N 354 
TRP HXT  H N N 355 
TYR N    N N N 356 
TYR CA   C N S 357 
TYR C    C N N 358 
TYR O    O N N 359 
TYR CB   C N N 360 
TYR CG   C Y N 361 
TYR CD1  C Y N 362 
TYR CD2  C Y N 363 
TYR CE1  C Y N 364 
TYR CE2  C Y N 365 
TYR CZ   C Y N 366 
TYR OH   O N N 367 
TYR OXT  O N N 368 
TYR H    H N N 369 
TYR H2   H N N 370 
TYR HA   H N N 371 
TYR HB2  H N N 372 
TYR HB3  H N N 373 
TYR HD1  H N N 374 
TYR HD2  H N N 375 
TYR HE1  H N N 376 
TYR HE2  H N N 377 
TYR HH   H N N 378 
TYR HXT  H N N 379 
# 
loop_
_chem_comp_bond.comp_id 
_chem_comp_bond.atom_id_1 
_chem_comp_bond.atom_id_2 
_chem_comp_bond.value_order 
_chem_comp_bond.pdbx_aromatic_flag 
_chem_comp_bond.pdbx_stereo_config 
_chem_comp_bond.pdbx_ordinal 
ALA N   CA   sing N N 1   
ALA N   H    sing N N 2   
ALA N   H2   sing N N 3   
ALA CA  C    sing N N 4   
ALA CA  CB   sing N N 5   
ALA CA  HA   sing N N 6   
ALA C   O    doub N N 7   
ALA C   OXT  sing N N 8   
ALA CB  HB1  sing N N 9   
ALA CB  HB2  sing N N 10  
ALA CB  HB3  sing N N 11  
ALA OXT HXT  sing N N 12  
ARG N   CA   sing N N 13  
ARG N   H    sing N N 14  
ARG N   H2   sing N N 15  
ARG CA  C    sing N N 16  
ARG CA  CB   sing N N 17  
ARG CA  HA   sing N N 18  
ARG C   O    doub N N 19  
ARG C   OXT  sing N N 20  
ARG CB  CG   sing N N 21  
ARG CB  HB2  sing N N 22  
ARG CB  HB3  sing N N 23  
ARG CG  CD   sing N N 24  
ARG CG  HG2  sing N N 25  
ARG CG  HG3  sing N N 26  
ARG CD  NE   sing N N 27  
ARG CD  HD2  sing N N 28  
ARG CD  HD3  sing N N 29  
ARG NE  CZ   sing N N 30  
ARG NE  HE   sing N N 31  
ARG CZ  NH1  sing N N 32  
ARG CZ  NH2  doub N N 33  
ARG NH1 HH11 sing N N 34  
ARG NH1 HH12 sing N N 35  
ARG NH2 HH21 sing N N 36  
ARG NH2 HH22 sing N N 37  
ARG OXT HXT  sing N N 38  
ASN N   CA   sing N N 39  
ASN N   H    sing N N 40  
ASN N   H2   sing N N 41  
ASN CA  C    sing N N 42  
ASN CA  CB   sing N N 43  
ASN CA  HA   sing N N 44  
ASN C   O    doub N N 45  
ASN C   OXT  sing N N 46  
ASN CB  CG   sing N N 47  
ASN CB  HB2  sing N N 48  
ASN CB  HB3  sing N N 49  
ASN CG  OD1  doub N N 50  
ASN CG  ND2  sing N N 51  
ASN ND2 HD21 sing N N 52  
ASN ND2 HD22 sing N N 53  
ASN OXT HXT  sing N N 54  
ASP N   CA   sing N N 55  
ASP N   H    sing N N 56  
ASP N   H2   sing N N 57  
ASP CA  C    sing N N 58  
ASP CA  CB   sing N N 59  
ASP CA  HA   sing N N 60  
ASP C   O    doub N N 61  
ASP C   OXT  sing N N 62  
ASP CB  CG   sing N N 63  
ASP CB  HB2  sing N N 64  
ASP CB  HB3  sing N N 65  
ASP CG  OD1  doub N N 66  
ASP CG  OD2  sing N N 67  
ASP OD2 HD2  sing N N 68  
ASP OXT HXT  sing N N 69  
CYS N   CA   sing N N 70  
CYS N   H    sing N N 71  
CYS N   H2   sing N N 72  
CYS CA  C    sing N N 73  
CYS CA  CB   sing N N 74  
CYS CA  HA   sing N N 75  
CYS C   O    doub N N 76  
CYS C   OXT  sing N N 77  
CYS CB  SG   sing N N 78  
CYS CB  HB2  sing N N 79  
CYS CB  HB3  sing N N 80  
CYS SG  HG   sing N N 81  
CYS OXT HXT  sing N N 82  
GLN N   CA   sing N N 83  
GLN N   H    sing N N 84  
GLN N   H2   sing N N 85  
GLN CA  C    sing N N 86  
GLN CA  CB   sing N N 87  
GLN CA  HA   sing N N 88  
GLN C   O    doub N N 89  
GLN C   OXT  sing N N 90  
GLN CB  CG   sing N N 91  
GLN CB  HB2  sing N N 92  
GLN CB  HB3  sing N N 93  
GLN CG  CD   sing N N 94  
GLN CG  HG2  sing N N 95  
GLN CG  HG3  sing N N 96  
GLN CD  OE1  doub N N 97  
GLN CD  NE2  sing N N 98  
GLN NE2 HE21 sing N N 99  
GLN NE2 HE22 sing N N 100 
GLN OXT HXT  sing N N 101 
GLU N   CA   sing N N 102 
GLU N   H    sing N N 103 
GLU N   H2   sing N N 104 
GLU CA  C    sing N N 105 
GLU CA  CB   sing N N 106 
GLU CA  HA   sing N N 107 
GLU C   O    doub N N 108 
GLU C   OXT  sing N N 109 
GLU CB  CG   sing N N 110 
GLU CB  HB2  sing N N 111 
GLU CB  HB3  sing N N 112 
GLU CG  CD   sing N N 113 
GLU CG  HG2  sing N N 114 
GLU CG  HG3  sing N N 115 
GLU CD  OE1  doub N N 116 
GLU CD  OE2  sing N N 117 
GLU OE2 HE2  sing N N 118 
GLU OXT HXT  sing N N 119 
GLY N   CA   sing N N 120 
GLY N   H    sing N N 121 
GLY N   H2   sing N N 122 
GLY CA  C    sing N N 123 
GLY CA  HA2  sing N N 124 
GLY CA  HA3  sing N N 125 
GLY C   O    doub N N 126 
GLY C   OXT  sing N N 127 
GLY OXT HXT  sing N N 128 
HIS N   CA   sing N N 129 
HIS N   H    sing N N 130 
HIS N   H2   sing N N 131 
HIS CA  C    sing N N 132 
HIS CA  CB   sing N N 133 
HIS CA  HA   sing N N 134 
HIS C   O    doub N N 135 
HIS C   OXT  sing N N 136 
HIS CB  CG   sing N N 137 
HIS CB  HB2  sing N N 138 
HIS CB  HB3  sing N N 139 
HIS CG  ND1  sing Y N 140 
HIS CG  CD2  doub Y N 141 
HIS ND1 CE1  doub Y N 142 
HIS ND1 HD1  sing N N 143 
HIS CD2 NE2  sing Y N 144 
HIS CD2 HD2  sing N N 145 
HIS CE1 NE2  sing Y N 146 
HIS CE1 HE1  sing N N 147 
HIS NE2 HE2  sing N N 148 
HIS OXT HXT  sing N N 149 
HOH O   H1   sing N N 150 
HOH O   H2   sing N N 151 
LEU N   CA   sing N N 152 
LEU N   H    sing N N 153 
LEU N   H2   sing N N 154 
LEU CA  C    sing N N 155 
LEU CA  CB   sing N N 156 
LEU CA  HA   sing N N 157 
LEU C   O    doub N N 158 
LEU C   OXT  sing N N 159 
LEU CB  CG   sing N N 160 
LEU CB  HB2  sing N N 161 
LEU CB  HB3  sing N N 162 
LEU CG  CD1  sing N N 163 
LEU CG  CD2  sing N N 164 
LEU CG  HG   sing N N 165 
LEU CD1 HD11 sing N N 166 
LEU CD1 HD12 sing N N 167 
LEU CD1 HD13 sing N N 168 
LEU CD2 HD21 sing N N 169 
LEU CD2 HD22 sing N N 170 
LEU CD2 HD23 sing N N 171 
LEU OXT HXT  sing N N 172 
LYS N   CA   sing N N 173 
LYS N   H    sing N N 174 
LYS N   H2   sing N N 175 
LYS CA  C    sing N N 176 
LYS CA  CB   sing N N 177 
LYS CA  HA   sing N N 178 
LYS C   O    doub N N 179 
LYS C   OXT  sing N N 180 
LYS CB  CG   sing N N 181 
LYS CB  HB2  sing N N 182 
LYS CB  HB3  sing N N 183 
LYS CG  CD   sing N N 184 
LYS CG  HG2  sing N N 185 
LYS CG  HG3  sing N N 186 
LYS CD  CE   sing N N 187 
LYS CD  HD2  sing N N 188 
LYS CD  HD3  sing N N 189 
LYS CE  NZ   sing N N 190 
LYS CE  HE2  sing N N 191 
LYS CE  HE3  sing N N 192 
LYS NZ  HZ1  sing N N 193 
LYS NZ  HZ2  sing N N 194 
LYS NZ  HZ3  sing N N 195 
LYS OXT HXT  sing N N 196 
MET N   CA   sing N N 197 
MET N   H    sing N N 198 
MET N   H2   sing N N 199 
MET CA  C    sing N N 200 
MET CA  CB   sing N N 201 
MET CA  HA   sing N N 202 
MET C   O    doub N N 203 
MET C   OXT  sing N N 204 
MET CB  CG   sing N N 205 
MET CB  HB2  sing N N 206 
MET CB  HB3  sing N N 207 
MET CG  SD   sing N N 208 
MET CG  HG2  sing N N 209 
MET CG  HG3  sing N N 210 
MET SD  CE   sing N N 211 
MET CE  HE1  sing N N 212 
MET CE  HE2  sing N N 213 
MET CE  HE3  sing N N 214 
MET OXT HXT  sing N N 215 
NAG C1  C2   sing N N 216 
NAG C1  O1   sing N N 217 
NAG C1  O5   sing N N 218 
NAG C1  H1   sing N N 219 
NAG C2  C3   sing N N 220 
NAG C2  N2   sing N N 221 
NAG C2  H2   sing N N 222 
NAG C3  C4   sing N N 223 
NAG C3  O3   sing N N 224 
NAG C3  H3   sing N N 225 
NAG C4  C5   sing N N 226 
NAG C4  O4   sing N N 227 
NAG C4  H4   sing N N 228 
NAG C5  C6   sing N N 229 
NAG C5  O5   sing N N 230 
NAG C5  H5   sing N N 231 
NAG C6  O6   sing N N 232 
NAG C6  H61  sing N N 233 
NAG C6  H62  sing N N 234 
NAG C7  C8   sing N N 235 
NAG C7  N2   sing N N 236 
NAG C7  O7   doub N N 237 
NAG C8  H81  sing N N 238 
NAG C8  H82  sing N N 239 
NAG C8  H83  sing N N 240 
NAG N2  HN2  sing N N 241 
NAG O1  HO1  sing N N 242 
NAG O3  HO3  sing N N 243 
NAG O4  HO4  sing N N 244 
NAG O6  HO6  sing N N 245 
PHE N   CA   sing N N 246 
PHE N   H    sing N N 247 
PHE N   H2   sing N N 248 
PHE CA  C    sing N N 249 
PHE CA  CB   sing N N 250 
PHE CA  HA   sing N N 251 
PHE C   O    doub N N 252 
PHE C   OXT  sing N N 253 
PHE CB  CG   sing N N 254 
PHE CB  HB2  sing N N 255 
PHE CB  HB3  sing N N 256 
PHE CG  CD1  doub Y N 257 
PHE CG  CD2  sing Y N 258 
PHE CD1 CE1  sing Y N 259 
PHE CD1 HD1  sing N N 260 
PHE CD2 CE2  doub Y N 261 
PHE CD2 HD2  sing N N 262 
PHE CE1 CZ   doub Y N 263 
PHE CE1 HE1  sing N N 264 
PHE CE2 CZ   sing Y N 265 
PHE CE2 HE2  sing N N 266 
PHE CZ  HZ   sing N N 267 
PHE OXT HXT  sing N N 268 
PRO N   CA   sing N N 269 
PRO N   CD   sing N N 270 
PRO N   H    sing N N 271 
PRO CA  C    sing N N 272 
PRO CA  CB   sing N N 273 
PRO CA  HA   sing N N 274 
PRO C   O    doub N N 275 
PRO C   OXT  sing N N 276 
PRO CB  CG   sing N N 277 
PRO CB  HB2  sing N N 278 
PRO CB  HB3  sing N N 279 
PRO CG  CD   sing N N 280 
PRO CG  HG2  sing N N 281 
PRO CG  HG3  sing N N 282 
PRO CD  HD2  sing N N 283 
PRO CD  HD3  sing N N 284 
PRO OXT HXT  sing N N 285 
SER N   CA   sing N N 286 
SER N   H    sing N N 287 
SER N   H2   sing N N 288 
SER CA  C    sing N N 289 
SER CA  CB   sing N N 290 
SER CA  HA   sing N N 291 
SER C   O    doub N N 292 
SER C   OXT  sing N N 293 
SER CB  OG   sing N N 294 
SER CB  HB2  sing N N 295 
SER CB  HB3  sing N N 296 
SER OG  HG   sing N N 297 
SER OXT HXT  sing N N 298 
THR N   CA   sing N N 299 
THR N   H    sing N N 300 
THR N   H2   sing N N 301 
THR CA  C    sing N N 302 
THR CA  CB   sing N N 303 
THR CA  HA   sing N N 304 
THR C   O    doub N N 305 
THR C   OXT  sing N N 306 
THR CB  OG1  sing N N 307 
THR CB  CG2  sing N N 308 
THR CB  HB   sing N N 309 
THR OG1 HG1  sing N N 310 
THR CG2 HG21 sing N N 311 
THR CG2 HG22 sing N N 312 
THR CG2 HG23 sing N N 313 
THR OXT HXT  sing N N 314 
TRP N   CA   sing N N 315 
TRP N   H    sing N N 316 
TRP N   H2   sing N N 317 
TRP CA  C    sing N N 318 
TRP CA  CB   sing N N 319 
TRP CA  HA   sing N N 320 
TRP C   O    doub N N 321 
TRP C   OXT  sing N N 322 
TRP CB  CG   sing N N 323 
TRP CB  HB2  sing N N 324 
TRP CB  HB3  sing N N 325 
TRP CG  CD1  doub Y N 326 
TRP CG  CD2  sing Y N 327 
TRP CD1 NE1  sing Y N 328 
TRP CD1 HD1  sing N N 329 
TRP CD2 CE2  doub Y N 330 
TRP CD2 CE3  sing Y N 331 
TRP NE1 CE2  sing Y N 332 
TRP NE1 HE1  sing N N 333 
TRP CE2 CZ2  sing Y N 334 
TRP CE3 CZ3  doub Y N 335 
TRP CE3 HE3  sing N N 336 
TRP CZ2 CH2  doub Y N 337 
TRP CZ2 HZ2  sing N N 338 
TRP CZ3 CH2  sing Y N 339 
TRP CZ3 HZ3  sing N N 340 
TRP CH2 HH2  sing N N 341 
TRP OXT HXT  sing N N 342 
TYR N   CA   sing N N 343 
TYR N   H    sing N N 344 
TYR N   H2   sing N N 345 
TYR CA  C    sing N N 346 
TYR CA  CB   sing N N 347 
TYR CA  HA   sing N N 348 
TYR C   O    doub N N 349 
TYR C   OXT  sing N N 350 
TYR CB  CG   sing N N 351 
TYR CB  HB2  sing N N 352 
TYR CB  HB3  sing N N 353 
TYR CG  CD1  doub Y N 354 
TYR CG  CD2  sing Y N 355 
TYR CD1 CE1  sing Y N 356 
TYR CD1 HD1  sing N N 357 
TYR CD2 CE2  doub Y N 358 
TYR CD2 HD2  sing N N 359 
TYR CE1 CZ   doub Y N 360 
TYR CE1 HE1  sing N N 361 
TYR CE2 CZ   sing Y N 362 
TYR CE2 HE2  sing N N 363 
TYR CZ  OH   sing N N 364 
TYR OH  HH   sing N N 365 
TYR OXT HXT  sing N N 366 
# 
loop_
_pdbx_entity_branch_list.entity_id 
_pdbx_entity_branch_list.comp_id 
_pdbx_entity_branch_list.num 
_pdbx_entity_branch_list.hetero 
2 NAG 1 n 
2 NAG 2 n 
2 NAG 3 n 
# 
_atom_sites.entry_id                    1ULM 
_atom_sites.fract_transf_matrix[1][1]   0.00384366 
_atom_sites.fract_transf_matrix[1][2]   0.00374288 
_atom_sites.fract_transf_matrix[1][3]   0.00936212 
_atom_sites.fract_transf_matrix[2][1]   -0.01964157 
_atom_sites.fract_transf_matrix[2][2]   -0.02666957 
_atom_sites.fract_transf_matrix[2][3]   0.01872616 
_atom_sites.fract_transf_matrix[3][1]   0.01391977 
_atom_sites.fract_transf_matrix[3][2]   -0.00763025 
_atom_sites.fract_transf_matrix[3][3]   0.00373332 
_atom_sites.fract_transf_vector[1]      0.362091 
_atom_sites.fract_transf_vector[2]      -0.008829 
_atom_sites.fract_transf_vector[3]      0.293852 
# 
loop_
_atom_type.symbol 
C 
N 
O 
S 
# 
loop_
_atom_site.group_PDB 
_atom_site.id 
_atom_site.type_symbol 
_atom_site.label_atom_id 
_atom_site.label_alt_id 
_atom_site.label_comp_id 
_atom_site.label_asym_id 
_atom_site.label_entity_id 
_atom_site.label_seq_id 
_atom_site.pdbx_PDB_ins_code 
_atom_site.Cartn_x 
_atom_site.Cartn_y 
_atom_site.Cartn_z 
_atom_site.occupancy 
_atom_site.B_iso_or_equiv 
_atom_site.pdbx_formal_charge 
_atom_site.auth_seq_id 
_atom_site.auth_comp_id 
_atom_site.auth_asym_id 
_atom_site.auth_atom_id 
_atom_site.pdbx_PDB_model_num 
ATOM   1    N N   . ALA A 1 1  ? -1.679  8.140   -17.745 1.00 23.67 ? 1   ALA A N   1 
ATOM   2    C CA  . ALA A 1 1  ? -0.831  7.189   -16.977 1.00 22.47 ? 1   ALA A CA  1 
ATOM   3    C C   . ALA A 1 1  ? -1.222  7.226   -15.506 1.00 25.98 ? 1   ALA A C   1 
ATOM   4    O O   . ALA A 1 1  ? -1.686  8.252   -15.008 1.00 22.66 ? 1   ALA A O   1 
ATOM   5    C CB  . ALA A 1 1  ? 0.644   7.553   -17.132 1.00 23.00 ? 1   ALA A CB  1 
ATOM   6    N N   . PRO A 1 2  ? -1.034  6.102   -14.793 1.00 27.25 ? 2   PRO A N   1 
ATOM   7    C CA  . PRO A 1 2  ? -1.363  5.984   -13.370 1.00 27.82 ? 2   PRO A CA  1 
ATOM   8    C C   . PRO A 1 2  ? -0.877  7.161   -12.550 1.00 23.46 ? 2   PRO A C   1 
ATOM   9    O O   . PRO A 1 2  ? 0.232   7.653   -12.737 1.00 17.86 ? 2   PRO A O   1 
ATOM   10   C CB  . PRO A 1 2  ? -0.680  4.681   -12.971 1.00 31.30 ? 2   PRO A CB  1 
ATOM   11   C CG  . PRO A 1 2  ? -0.868  3.851   -14.193 1.00 32.42 ? 2   PRO A CG  1 
ATOM   12   C CD  . PRO A 1 2  ? -0.501  4.828   -15.305 1.00 27.64 ? 2   PRO A CD  1 
ATOM   13   N N   . GLU A 1 3  ? -1.705  7.617   -11.625 1.00 16.22 ? 3   GLU A N   1 
ATOM   14   C CA  . GLU A 1 3  ? -1.293  8.744   -10.809 1.00 21.73 ? 3   GLU A CA  1 
ATOM   15   C C   . GLU A 1 3  ? -1.094  8.367   -9.358  1.00 20.60 ? 3   GLU A C   1 
ATOM   16   O O   . GLU A 1 3  ? -0.674  9.193   -8.544  1.00 20.82 ? 3   GLU A O   1 
ATOM   17   C CB  . GLU A 1 3  ? -2.309  9.870   -10.938 1.00 28.13 ? 3   GLU A CB  1 
ATOM   18   C CG  . GLU A 1 3  ? -3.709  9.455   -10.638 1.00 26.68 ? 3   GLU A CG  1 
ATOM   19   C CD  . GLU A 1 3  ? -4.728  10.387  -11.256 1.00 27.51 ? 3   GLU A CD  1 
ATOM   20   O OE1 . GLU A 1 3  ? -5.925  10.202  -10.993 1.00 16.00 ? 3   GLU A OE1 1 
ATOM   21   O OE2 . GLU A 1 3  ? -4.343  11.300  -12.005 1.00 37.05 ? 3   GLU A OE2 1 
ATOM   22   N N   . CYS A 1 4  ? -1.374  7.113   -9.034  1.00 13.39 ? 4   CYS A N   1 
ATOM   23   C CA  . CYS A 1 4  ? -1.223  6.657   -7.658  1.00 17.70 ? 4   CYS A CA  1 
ATOM   24   C C   . CYS A 1 4  ? -1.060  5.141   -7.599  1.00 18.60 ? 4   CYS A C   1 
ATOM   25   O O   . CYS A 1 4  ? -1.270  4.442   -8.589  1.00 17.23 ? 4   CYS A O   1 
ATOM   26   C CB  . CYS A 1 4  ? -2.452  7.078   -6.832  1.00 16.73 ? 4   CYS A CB  1 
ATOM   27   S SG  . CYS A 1 4  ? -3.997  6.293   -7.413  1.00 14.60 ? 4   CYS A SG  1 
ATOM   28   N N   . GLY A 1 5  ? -0.660  4.636   -6.436  1.00 16.31 ? 5   GLY A N   1 
ATOM   29   C CA  . GLY A 1 5  ? -0.525  3.200   -6.274  1.00 20.32 ? 5   GLY A CA  1 
ATOM   30   C C   . GLY A 1 5  ? 0.813   2.592   -6.629  1.00 21.94 ? 5   GLY A C   1 
ATOM   31   O O   . GLY A 1 5  ? 1.808   3.297   -6.784  1.00 23.14 ? 5   GLY A O   1 
ATOM   32   N N   . GLU A 1 6  ? 0.830   1.271   -6.765  1.00 21.88 ? 6   GLU A N   1 
ATOM   33   C CA  . GLU A 1 6  ? 2.060   0.554   -7.086  1.00 24.30 ? 6   GLU A CA  1 
ATOM   34   C C   . GLU A 1 6  ? 2.751   0.996   -8.375  1.00 27.88 ? 6   GLU A C   1 
ATOM   35   O O   . GLU A 1 6  ? 3.976   0.983   -8.446  1.00 24.81 ? 6   GLU A O   1 
ATOM   36   C CB  . GLU A 1 6  ? 1.798   -0.953  -7.137  1.00 32.92 ? 6   GLU A CB  1 
ATOM   37   C CG  . GLU A 1 6  ? 0.631   -1.350  -8.012  1.00 41.04 ? 6   GLU A CG  1 
ATOM   38   C CD  . GLU A 1 6  ? 0.443   -2.854  -8.094  1.00 52.31 ? 6   GLU A CD  1 
ATOM   39   O OE1 . GLU A 1 6  ? -0.536  -3.291  -8.738  1.00 55.23 ? 6   GLU A OE1 1 
ATOM   40   O OE2 . GLU A 1 6  ? 1.272   -3.597  -7.521  1.00 53.76 ? 6   GLU A OE2 1 
ATOM   41   N N   . ARG A 1 7  ? 1.985   1.377   -9.395  1.00 25.90 ? 7   ARG A N   1 
ATOM   42   C CA  . ARG A 1 7  ? 2.604   1.813   -10.645 1.00 27.55 ? 7   ARG A CA  1 
ATOM   43   C C   . ARG A 1 7  ? 3.019   3.271   -10.563 1.00 30.51 ? 7   ARG A C   1 
ATOM   44   O O   . ARG A 1 7  ? 3.558   3.828   -11.521 1.00 30.68 ? 7   ARG A O   1 
ATOM   45   C CB  . ARG A 1 7  ? 1.664   1.621   -11.832 1.00 28.81 ? 7   ARG A CB  1 
ATOM   46   C CG  . ARG A 1 7  ? 1.329   0.175   -12.139 1.00 36.36 ? 7   ARG A CG  1 
ATOM   47   C CD  . ARG A 1 7  ? 1.004   0.018   -13.614 1.00 47.16 ? 7   ARG A CD  1 
ATOM   48   N NE  . ARG A 1 7  ? 2.190   0.218   -14.448 1.00 52.39 ? 7   ARG A NE  1 
ATOM   49   C CZ  . ARG A 1 7  ? 3.221   -0.626  -14.502 1.00 56.72 ? 7   ARG A CZ  1 
ATOM   50   N NH1 . ARG A 1 7  ? 3.214   -1.736  -13.773 1.00 53.64 ? 7   ARG A NH1 1 
ATOM   51   N NH2 . ARG A 1 7  ? 4.263   -0.361  -15.282 1.00 48.77 ? 7   ARG A NH2 1 
ATOM   52   N N   . ALA A 1 8  ? 2.754   3.893   -9.421  1.00 24.36 ? 8   ALA A N   1 
ATOM   53   C CA  . ALA A 1 8  ? 3.134   5.284   -9.203  1.00 30.67 ? 8   ALA A CA  1 
ATOM   54   C C   . ALA A 1 8  ? 4.102   5.337   -8.019  1.00 30.95 ? 8   ALA A C   1 
ATOM   55   O O   . ALA A 1 8  ? 4.247   6.369   -7.370  1.00 34.90 ? 8   ALA A O   1 
ATOM   56   C CB  . ALA A 1 8  ? 1.902   6.136   -8.920  1.00 31.96 ? 8   ALA A CB  1 
ATOM   57   N N   . SER A 1 9  ? 4.744   4.210   -7.736  1.00 33.86 ? 9   SER A N   1 
ATOM   58   C CA  . SER A 1 9  ? 5.706   4.116   -6.637  1.00 39.26 ? 9   SER A CA  1 
ATOM   59   C C   . SER A 1 9  ? 5.094   4.396   -5.269  1.00 39.21 ? 9   SER A C   1 
ATOM   60   O O   . SER A 1 9  ? 5.723   5.021   -4.415  1.00 43.07 ? 9   SER A O   1 
ATOM   61   C CB  . SER A 1 9  ? 6.876   5.075   -6.878  1.00 38.48 ? 9   SER A CB  1 
ATOM   62   O OG  . SER A 1 9  ? 7.633   4.675   -8.009  1.00 44.21 ? 9   SER A OG  1 
ATOM   63   N N   . GLY A 1 10 ? 3.873   3.923   -5.060  1.00 34.01 ? 10  GLY A N   1 
ATOM   64   C CA  . GLY A 1 10 ? 3.211   4.126   -3.785  1.00 30.42 ? 10  GLY A CA  1 
ATOM   65   C C   . GLY A 1 10 ? 2.677   5.527   -3.558  1.00 30.05 ? 10  GLY A C   1 
ATOM   66   O O   . GLY A 1 10 ? 2.243   5.855   -2.456  1.00 27.32 ? 10  GLY A O   1 
ATOM   67   N N   . LYS A 1 11 ? 2.701   6.357   -4.594  1.00 28.00 ? 11  LYS A N   1 
ATOM   68   C CA  . LYS A 1 11 ? 2.203   7.721   -4.481  1.00 27.42 ? 11  LYS A CA  1 
ATOM   69   C C   . LYS A 1 11 ? 0.726   7.727   -4.058  1.00 28.04 ? 11  LYS A C   1 
ATOM   70   O O   . LYS A 1 11 ? -0.066  6.900   -4.514  1.00 20.54 ? 11  LYS A O   1 
ATOM   71   C CB  . LYS A 1 11 ? 2.376   8.436   -5.821  1.00 33.37 ? 11  LYS A CB  1 
ATOM   72   C CG  . LYS A 1 11 ? 2.049   9.911   -5.799  1.00 39.83 ? 11  LYS A CG  1 
ATOM   73   C CD  . LYS A 1 11 ? 2.449   10.560  -7.115  1.00 47.21 ? 11  LYS A CD  1 
ATOM   74   C CE  . LYS A 1 11 ? 2.039   12.022  -7.160  1.00 53.91 ? 11  LYS A CE  1 
ATOM   75   N NZ  . LYS A 1 11 ? 2.462   12.678  -8.431  1.00 55.41 ? 11  LYS A NZ  1 
ATOM   76   N N   . ARG A 1 12 ? 0.373   8.658   -3.181  1.00 23.52 ? 12  ARG A N   1 
ATOM   77   C CA  . ARG A 1 12 ? -0.990  8.800   -2.672  1.00 26.77 ? 12  ARG A CA  1 
ATOM   78   C C   . ARG A 1 12 ? -1.718  9.945   -3.369  1.00 24.37 ? 12  ARG A C   1 
ATOM   79   O O   . ARG A 1 12 ? -1.088  10.867  -3.881  1.00 23.58 ? 12  ARG A O   1 
ATOM   80   C CB  . ARG A 1 12 ? -0.952  9.089   -1.170  1.00 35.29 ? 12  ARG A CB  1 
ATOM   81   C CG  . ARG A 1 12 ? -0.429  7.953   -0.313  1.00 42.26 ? 12  ARG A CG  1 
ATOM   82   C CD  . ARG A 1 12 ? -1.481  6.881   -0.143  1.00 45.95 ? 12  ARG A CD  1 
ATOM   83   N NE  . ARG A 1 12 ? -1.078  5.851   0.811   1.00 50.97 ? 12  ARG A NE  1 
ATOM   84   C CZ  . ARG A 1 12 ? -0.157  4.922   0.576   1.00 53.93 ? 12  ARG A CZ  1 
ATOM   85   N NH1 . ARG A 1 12 ? 0.476   4.882   -0.592  1.00 56.28 ? 12  ARG A NH1 1 
ATOM   86   N NH2 . ARG A 1 12 ? 0.130   4.025   1.510   1.00 57.40 ? 12  ARG A NH2 1 
ATOM   87   N N   . CYS A 1 13 ? -3.048  9.893   -3.369  1.00 21.20 ? 13  CYS A N   1 
ATOM   88   C CA  . CYS A 1 13 ? -3.854  10.930  -3.993  1.00 17.36 ? 13  CYS A CA  1 
ATOM   89   C C   . CYS A 1 13 ? -4.006  12.157  -3.121  1.00 19.22 ? 13  CYS A C   1 
ATOM   90   O O   . CYS A 1 13 ? -4.020  12.064  -1.894  1.00 19.44 ? 13  CYS A O   1 
ATOM   91   C CB  . CYS A 1 13 ? -5.259  10.408  -4.317  1.00 13.27 ? 13  CYS A CB  1 
ATOM   92   S SG  . CYS A 1 13 ? -5.281  9.053   -5.513  1.00 15.05 ? 13  CYS A SG  1 
ATOM   93   N N   . PRO A 1 14 ? -4.137  13.333  -3.748  1.00 16.27 ? 14  PRO A N   1 
ATOM   94   C CA  . PRO A 1 14 ? -4.299  14.560  -2.970  1.00 23.96 ? 14  PRO A CA  1 
ATOM   95   C C   . PRO A 1 14 ? -5.700  14.607  -2.371  1.00 26.68 ? 14  PRO A C   1 
ATOM   96   O O   . PRO A 1 14 ? -6.604  13.900  -2.830  1.00 21.48 ? 14  PRO A O   1 
ATOM   97   C CB  . PRO A 1 14 ? -4.088  15.652  -4.009  1.00 28.60 ? 14  PRO A CB  1 
ATOM   98   C CG  . PRO A 1 14 ? -4.648  15.036  -5.238  1.00 29.51 ? 14  PRO A CG  1 
ATOM   99   C CD  . PRO A 1 14 ? -4.085  13.631  -5.189  1.00 28.47 ? 14  PRO A CD  1 
ATOM   100  N N   . ASN A 1 15 ? -5.856  15.440  -1.349  1.00 20.93 ? 15  ASN A N   1 
ATOM   101  C CA  . ASN A 1 15 ? -7.125  15.639  -0.651  1.00 19.59 ? 15  ASN A CA  1 
ATOM   102  C C   . ASN A 1 15 ? -7.766  14.350  -0.166  1.00 21.06 ? 15  ASN A C   1 
ATOM   103  O O   . ASN A 1 15 ? -8.993  14.230  -0.141  1.00 24.02 ? 15  ASN A O   1 
ATOM   104  C CB  . ASN A 1 15 ? -8.115  16.404  -1.536  1.00 23.32 ? 15  ASN A CB  1 
ATOM   105  C CG  . ASN A 1 15 ? -7.621  17.794  -1.894  1.00 34.48 ? 15  ASN A CG  1 
ATOM   106  O OD1 . ASN A 1 15 ? -6.821  17.964  -2.812  1.00 35.31 ? 15  ASN A OD1 1 
ATOM   107  N ND2 . ASN A 1 15 ? -8.088  18.794  -1.160  1.00 42.66 ? 15  ASN A ND2 1 
ATOM   108  N N   . GLY A 1 16 ? -6.926  13.394  0.215   1.00 21.20 ? 16  GLY A N   1 
ATOM   109  C CA  . GLY A 1 16 ? -7.403  12.120  0.724   1.00 24.06 ? 16  GLY A CA  1 
ATOM   110  C C   . GLY A 1 16 ? -8.185  11.236  -0.225  1.00 20.76 ? 16  GLY A C   1 
ATOM   111  O O   . GLY A 1 16 ? -8.770  10.243  0.204   1.00 15.93 ? 16  GLY A O   1 
ATOM   112  N N   . LYS A 1 17 ? -8.192  11.560  -1.514  1.00 12.19 ? 17  LYS A N   1 
ATOM   113  C CA  . LYS A 1 17 ? -8.951  10.749  -2.466  1.00 11.98 ? 17  LYS A CA  1 
ATOM   114  C C   . LYS A 1 17 ? -8.489  9.300   -2.569  1.00 14.45 ? 17  LYS A C   1 
ATOM   115  O O   . LYS A 1 17 ? -7.340  8.971   -2.320  1.00 13.60 ? 17  LYS A O   1 
ATOM   116  C CB  . LYS A 1 17 ? -8.926  11.379  -3.856  1.00 11.51 ? 17  LYS A CB  1 
ATOM   117  C CG  . LYS A 1 17 ? -9.594  12.731  -3.946  1.00 26.61 ? 17  LYS A CG  1 
ATOM   118  C CD  . LYS A 1 17 ? -9.628  13.212  -5.386  1.00 21.89 ? 17  LYS A CD  1 
ATOM   119  C CE  . LYS A 1 17 ? -10.491 14.450  -5.513  1.00 39.68 ? 17  LYS A CE  1 
ATOM   120  N NZ  . LYS A 1 17 ? -10.506 14.978  -6.902  1.00 38.94 ? 17  LYS A NZ  1 
ATOM   121  N N   . CYS A 1 18 ? -9.417  8.432   -2.947  1.00 9.96  ? 18  CYS A N   1 
ATOM   122  C CA  . CYS A 1 18 ? -9.136  7.010   -3.084  1.00 8.40  ? 18  CYS A CA  1 
ATOM   123  C C   . CYS A 1 18 ? -8.297  6.686   -4.314  1.00 12.48 ? 18  CYS A C   1 
ATOM   124  O O   . CYS A 1 18 ? -8.531  7.261   -5.385  1.00 12.25 ? 18  CYS A O   1 
ATOM   125  C CB  . CYS A 1 18 ? -10.447 6.233   -3.209  1.00 8.57  ? 18  CYS A CB  1 
ATOM   126  S SG  . CYS A 1 18 ? -11.597 6.571   -1.844  1.00 13.42 ? 18  CYS A SG  1 
ATOM   127  N N   . CYS A 1 19 ? -7.367  5.738   -4.171  1.00 12.35 ? 19  CYS A N   1 
ATOM   128  C CA  . CYS A 1 19 ? -6.536  5.292   -5.291  1.00 13.16 ? 19  CYS A CA  1 
ATOM   129  C C   . CYS A 1 19 ? -7.106  3.938   -5.687  1.00 15.36 ? 19  CYS A C   1 
ATOM   130  O O   . CYS A 1 19 ? -7.039  2.987   -4.914  1.00 14.54 ? 19  CYS A O   1 
ATOM   131  C CB  . CYS A 1 19 ? -5.072  5.131   -4.884  1.00 12.55 ? 19  CYS A CB  1 
ATOM   132  S SG  . CYS A 1 19 ? -4.078  4.586   -6.310  1.00 16.54 ? 19  CYS A SG  1 
ATOM   133  N N   . SER A 1 20 ? -7.671  3.863   -6.888  1.00 14.07 ? 20  SER A N   1 
ATOM   134  C CA  . SER A 1 20 ? -8.309  2.643   -7.399  1.00 9.72  ? 20  SER A CA  1 
ATOM   135  C C   . SER A 1 20 ? -7.333  1.516   -7.671  1.00 13.44 ? 20  SER A C   1 
ATOM   136  O O   . SER A 1 20 ? -6.126  1.720   -7.714  1.00 13.81 ? 20  SER A O   1 
ATOM   137  C CB  . SER A 1 20 ? -9.027  2.946   -8.705  1.00 14.48 ? 20  SER A CB  1 
ATOM   138  O OG  . SER A 1 20 ? -8.051  3.158   -9.718  1.00 13.36 ? 20  SER A OG  1 
ATOM   139  N N   . GLN A 1 21 ? -7.855  0.317   -7.887  1.00 14.79 ? 21  GLN A N   1 
ATOM   140  C CA  . GLN A 1 21 ? -6.956  -0.781  -8.157  1.00 17.76 ? 21  GLN A CA  1 
ATOM   141  C C   . GLN A 1 21 ? -6.249  -0.540  -9.484  1.00 21.58 ? 21  GLN A C   1 
ATOM   142  O O   . GLN A 1 21 ? -5.215  -1.142  -9.739  1.00 18.95 ? 21  GLN A O   1 
ATOM   143  C CB  . GLN A 1 21 ? -7.699  -2.111  -8.194  1.00 30.33 ? 21  GLN A CB  1 
ATOM   144  C CG  . GLN A 1 21 ? -8.605  -2.278  -9.368  1.00 29.56 ? 21  GLN A CG  1 
ATOM   145  C CD  . GLN A 1 21 ? -9.119  -3.696  -9.488  1.00 37.79 ? 21  GLN A CD  1 
ATOM   146  O OE1 . GLN A 1 21 ? -9.838  -4.178  -8.618  1.00 28.05 ? 21  GLN A OE1 1 
ATOM   147  N NE2 . GLN A 1 21 ? -8.746  -4.374  -10.567 1.00 35.84 ? 21  GLN A NE2 1 
ATOM   148  N N   . TRP A 1 22 ? -6.789  0.346   -10.324 1.00 13.65 ? 22  TRP A N   1 
ATOM   149  C CA  . TRP A 1 22 ? -6.134  0.629   -11.607 1.00 17.18 ? 22  TRP A CA  1 
ATOM   150  C C   . TRP A 1 22 ? -5.100  1.764   -11.537 1.00 19.20 ? 22  TRP A C   1 
ATOM   151  O O   . TRP A 1 22 ? -4.438  2.078   -12.533 1.00 20.67 ? 22  TRP A O   1 
ATOM   152  C CB  . TRP A 1 22 ? -7.194  0.919   -12.670 1.00 14.57 ? 22  TRP A CB  1 
ATOM   153  C CG  . TRP A 1 22 ? -8.104  -0.250  -12.853 1.00 19.12 ? 22  TRP A CG  1 
ATOM   154  C CD1 . TRP A 1 22 ? -7.849  -1.381  -13.570 1.00 21.68 ? 22  TRP A CD1 1 
ATOM   155  C CD2 . TRP A 1 22 ? -9.365  -0.462  -12.208 1.00 14.40 ? 22  TRP A CD2 1 
ATOM   156  N NE1 . TRP A 1 22 ? -8.863  -2.289  -13.402 1.00 13.51 ? 22  TRP A NE1 1 
ATOM   157  C CE2 . TRP A 1 22 ? -9.806  -1.755  -12.571 1.00 18.13 ? 22  TRP A CE2 1 
ATOM   158  C CE3 . TRP A 1 22 ? -10.156 0.306   -11.346 1.00 16.78 ? 22  TRP A CE3 1 
ATOM   159  C CZ2 . TRP A 1 22 ? -11.015 -2.290  -12.110 1.00 15.39 ? 22  TRP A CZ2 1 
ATOM   160  C CZ3 . TRP A 1 22 ? -11.358 -0.227  -10.885 1.00 18.43 ? 22  TRP A CZ3 1 
ATOM   161  C CH2 . TRP A 1 22 ? -11.771 -1.519  -11.269 1.00 20.20 ? 22  TRP A CH2 1 
ATOM   162  N N   . GLY A 1 23 ? -4.967  2.377   -10.363 1.00 18.70 ? 23  GLY A N   1 
ATOM   163  C CA  . GLY A 1 23 ? -3.992  3.443   -10.177 1.00 18.02 ? 23  GLY A CA  1 
ATOM   164  C C   . GLY A 1 23 ? -4.427  4.864   -10.470 1.00 11.64 ? 23  GLY A C   1 
ATOM   165  O O   . GLY A 1 23 ? -3.613  5.695   -10.884 1.00 14.88 ? 23  GLY A O   1 
ATOM   166  N N   . TYR A 1 24 ? -5.710  5.158   -10.277 1.00 10.11 ? 24  TYR A N   1 
ATOM   167  C CA  . TYR A 1 24 ? -6.212  6.506   -10.515 1.00 10.56 ? 24  TYR A CA  1 
ATOM   168  C C   . TYR A 1 24 ? -6.958  7.039   -9.306  1.00 16.56 ? 24  TYR A C   1 
ATOM   169  O O   . TYR A 1 24 ? -7.486  6.263   -8.510  1.00 14.03 ? 24  TYR A O   1 
ATOM   170  C CB  . TYR A 1 24 ? -7.125  6.536   -11.733 1.00 9.56  ? 24  TYR A CB  1 
ATOM   171  C CG  . TYR A 1 24 ? -6.380  6.261   -13.005 1.00 13.92 ? 24  TYR A CG  1 
ATOM   172  C CD1 . TYR A 1 24 ? -6.081  4.957   -13.391 1.00 17.69 ? 24  TYR A CD1 1 
ATOM   173  C CD2 . TYR A 1 24 ? -5.932  7.312   -13.807 1.00 16.26 ? 24  TYR A CD2 1 
ATOM   174  C CE1 . TYR A 1 24 ? -5.346  4.704   -14.549 1.00 24.24 ? 24  TYR A CE1 1 
ATOM   175  C CE2 . TYR A 1 24 ? -5.196  7.070   -14.964 1.00 24.27 ? 24  TYR A CE2 1 
ATOM   176  C CZ  . TYR A 1 24 ? -4.907  5.761   -15.324 1.00 23.38 ? 24  TYR A CZ  1 
ATOM   177  O OH  . TYR A 1 24 ? -4.154  5.508   -16.444 1.00 31.34 ? 24  TYR A OH  1 
ATOM   178  N N   . CYS A 1 25 ? -6.997  8.365   -9.187  1.00 12.36 ? 25  CYS A N   1 
ATOM   179  C CA  . CYS A 1 25 ? -7.649  9.054   -8.068  1.00 11.96 ? 25  CYS A CA  1 
ATOM   180  C C   . CYS A 1 25 ? -9.105  9.431   -8.312  1.00 13.22 ? 25  CYS A C   1 
ATOM   181  O O   . CYS A 1 25 ? -9.449  9.973   -9.360  1.00 14.85 ? 25  CYS A O   1 
ATOM   182  C CB  . CYS A 1 25 ? -6.879  10.326  -7.724  1.00 12.94 ? 25  CYS A CB  1 
ATOM   183  S SG  . CYS A 1 25 ? -5.139  10.005  -7.298  1.00 17.09 ? 25  CYS A SG  1 
ATOM   184  N N   . GLY A 1 26 ? -9.955  9.188   -7.318  1.00 13.88 ? 26  GLY A N   1 
ATOM   185  C CA  . GLY A 1 26 ? -11.370 9.492   -7.475  1.00 9.47  ? 26  GLY A CA  1 
ATOM   186  C C   . GLY A 1 26 ? -12.121 9.195   -6.194  1.00 9.41  ? 26  GLY A C   1 
ATOM   187  O O   . GLY A 1 26 ? -11.499 8.815   -5.205  1.00 12.94 ? 26  GLY A O   1 
ATOM   188  N N   . THR A 1 27 ? -13.449 9.307   -6.217  1.00 6.88  ? 27  THR A N   1 
ATOM   189  C CA  . THR A 1 27 ? -14.225 9.121   -4.996  1.00 8.44  ? 27  THR A CA  1 
ATOM   190  C C   . THR A 1 27 ? -15.471 8.247   -5.117  1.00 13.16 ? 27  THR A C   1 
ATOM   191  O O   . THR A 1 27 ? -16.187 8.071   -4.134  1.00 15.26 ? 27  THR A O   1 
ATOM   192  C CB  . THR A 1 27 ? -14.642 10.491  -4.426  1.00 13.83 ? 27  THR A CB  1 
ATOM   193  O OG1 . THR A 1 27 ? -15.533 11.144  -5.343  1.00 16.53 ? 27  THR A OG1 1 
ATOM   194  C CG2 . THR A 1 27 ? -13.403 11.383  -4.219  1.00 10.40 ? 27  THR A CG2 1 
ATOM   195  N N   . THR A 1 28 ? -15.739 7.711   -6.309  1.00 11.81 ? 28  THR A N   1 
ATOM   196  C CA  . THR A 1 28 ? -16.900 6.833   -6.482  1.00 10.90 ? 28  THR A CA  1 
ATOM   197  C C   . THR A 1 28 ? -16.535 5.428   -5.990  1.00 14.89 ? 28  THR A C   1 
ATOM   198  O O   . THR A 1 28 ? -15.387 5.170   -5.608  1.00 10.05 ? 28  THR A O   1 
ATOM   199  C CB  . THR A 1 28 ? -17.323 6.722   -7.965  1.00 12.20 ? 28  THR A CB  1 
ATOM   200  O OG1 . THR A 1 28 ? -16.267 6.111   -8.714  1.00 16.03 ? 28  THR A OG1 1 
ATOM   201  C CG2 . THR A 1 28 ? -17.635 8.092   -8.530  1.00 25.43 ? 28  THR A CG2 1 
ATOM   202  N N   . ASP A 1 29 ? -17.495 4.506   -6.012  1.00 13.10 ? 29  ASP A N   1 
ATOM   203  C CA  . ASP A 1 29 ? -17.204 3.156   -5.539  1.00 14.92 ? 29  ASP A CA  1 
ATOM   204  C C   . ASP A 1 29 ? -16.146 2.443   -6.388  1.00 17.27 ? 29  ASP A C   1 
ATOM   205  O O   . ASP A 1 29 ? -15.445 1.561   -5.899  1.00 17.01 ? 29  ASP A O   1 
ATOM   206  C CB  . ASP A 1 29 ? -18.495 2.329   -5.465  1.00 16.35 ? 29  ASP A CB  1 
ATOM   207  C CG  . ASP A 1 29 ? -18.280 0.967   -4.811  1.00 23.90 ? 29  ASP A CG  1 
ATOM   208  O OD1 . ASP A 1 29 ? -18.288 -0.035  -5.537  1.00 19.81 ? 29  ASP A OD1 1 
ATOM   209  O OD2 . ASP A 1 29 ? -18.098 0.905   -3.577  1.00 30.26 ? 29  ASP A OD2 1 
ATOM   210  N N   . ASN A 1 30 ? -16.016 2.831   -7.653  1.00 14.13 ? 30  ASN A N   1 
ATOM   211  C CA  . ASN A 1 30 ? -15.020 2.211   -8.510  1.00 14.87 ? 30  ASN A CA  1 
ATOM   212  C C   . ASN A 1 30 ? -13.614 2.531   -8.014  1.00 13.06 ? 30  ASN A C   1 
ATOM   213  O O   . ASN A 1 30 ? -12.675 1.776   -8.268  1.00 16.35 ? 30  ASN A O   1 
ATOM   214  C CB  . ASN A 1 30 ? -15.173 2.689   -9.958  1.00 16.25 ? 30  ASN A CB  1 
ATOM   215  C CG  . ASN A 1 30 ? -16.311 1.988   -10.684 1.00 27.16 ? 30  ASN A CG  1 
ATOM   216  O OD1 . ASN A 1 30 ? -16.423 0.763   -10.642 1.00 30.80 ? 30  ASN A OD1 1 
ATOM   217  N ND2 . ASN A 1 30 ? -17.154 2.765   -11.360 1.00 32.04 ? 30  ASN A ND2 1 
ATOM   218  N N   . TYR A 1 31 ? -13.483 3.658   -7.313  1.00 10.78 ? 31  TYR A N   1 
ATOM   219  C CA  . TYR A 1 31 ? -12.199 4.096   -6.768  1.00 9.23  ? 31  TYR A CA  1 
ATOM   220  C C   . TYR A 1 31 ? -11.990 3.693   -5.323  1.00 14.45 ? 31  TYR A C   1 
ATOM   221  O O   . TYR A 1 31 ? -10.892 3.300   -4.932  1.00 16.31 ? 31  TYR A O   1 
ATOM   222  C CB  . TYR A 1 31 ? -12.083 5.620   -6.810  1.00 9.45  ? 31  TYR A CB  1 
ATOM   223  C CG  . TYR A 1 31 ? -11.952 6.182   -8.191  1.00 6.39  ? 31  TYR A CG  1 
ATOM   224  C CD1 . TYR A 1 31 ? -10.696 6.376   -8.772  1.00 12.00 ? 31  TYR A CD1 1 
ATOM   225  C CD2 . TYR A 1 31 ? -13.086 6.519   -8.928  1.00 15.30 ? 31  TYR A CD2 1 
ATOM   226  C CE1 . TYR A 1 31 ? -10.580 6.891   -10.067 1.00 13.44 ? 31  TYR A CE1 1 
ATOM   227  C CE2 . TYR A 1 31 ? -12.982 7.030   -10.210 1.00 16.57 ? 31  TYR A CE2 1 
ATOM   228  C CZ  . TYR A 1 31 ? -11.728 7.212   -10.775 1.00 15.59 ? 31  TYR A CZ  1 
ATOM   229  O OH  . TYR A 1 31 ? -11.634 7.694   -12.065 1.00 15.67 ? 31  TYR A OH  1 
ATOM   230  N N   . CYS A 1 32 ? -13.051 3.783   -4.532  1.00 10.43 ? 32  CYS A N   1 
ATOM   231  C CA  . CYS A 1 32 ? -12.944 3.516   -3.106  1.00 11.03 ? 32  CYS A CA  1 
ATOM   232  C C   . CYS A 1 32 ? -13.365 2.125   -2.683  1.00 16.95 ? 32  CYS A C   1 
ATOM   233  O O   . CYS A 1 32 ? -13.102 1.719   -1.549  1.00 18.53 ? 32  CYS A O   1 
ATOM   234  C CB  . CYS A 1 32 ? -13.787 4.516   -2.304  1.00 10.36 ? 32  CYS A CB  1 
ATOM   235  S SG  . CYS A 1 32 ? -13.457 6.289   -2.614  1.00 12.72 ? 32  CYS A SG  1 
ATOM   236  N N   . GLY A 1 33 ? -14.061 1.430   -3.575  1.00 21.37 ? 33  GLY A N   1 
ATOM   237  C CA  . GLY A 1 33 ? -14.542 0.093   -3.275  1.00 24.60 ? 33  GLY A CA  1 
ATOM   238  C C   . GLY A 1 33 ? -13.493 -1.000  -3.294  1.00 22.20 ? 33  GLY A C   1 
ATOM   239  O O   . GLY A 1 33 ? -12.310 -0.775  -3.047  1.00 17.98 ? 33  GLY A O   1 
ATOM   240  N N   . GLN A 1 34 ? -13.933 -2.212  -3.595  1.00 23.93 ? 34  GLN A N   1 
ATOM   241  C CA  . GLN A 1 34 ? -13.016 -3.333  -3.630  1.00 25.84 ? 34  GLN A CA  1 
ATOM   242  C C   . GLN A 1 34 ? -11.859 -3.074  -4.598  1.00 21.12 ? 34  GLN A C   1 
ATOM   243  O O   . GLN A 1 34 ? -12.058 -2.563  -5.699  1.00 27.13 ? 34  GLN A O   1 
ATOM   244  C CB  . GLN A 1 34 ? -13.770 -4.603  -4.021  1.00 32.78 ? 34  GLN A CB  1 
ATOM   245  C CG  . GLN A 1 34 ? -13.047 -5.868  -3.607  1.00 42.87 ? 34  GLN A CG  1 
ATOM   246  C CD  . GLN A 1 34 ? -13.917 -7.107  -3.714  1.00 43.11 ? 34  GLN A CD  1 
ATOM   247  O OE1 . GLN A 1 34 ? -13.561 -8.167  -3.202  1.00 50.13 ? 34  GLN A OE1 1 
ATOM   248  N NE2 . GLN A 1 34 ? -15.060 -6.981  -4.383  1.00 41.84 ? 34  GLN A NE2 1 
ATOM   249  N N   . GLY A 1 35 ? -10.645 -3.403  -4.166  1.00 21.29 ? 35  GLY A N   1 
ATOM   250  C CA  . GLY A 1 35 ? -9.480  -3.202  -5.013  1.00 19.03 ? 35  GLY A CA  1 
ATOM   251  C C   . GLY A 1 35 ? -8.788  -1.874  -4.755  1.00 18.83 ? 35  GLY A C   1 
ATOM   252  O O   . GLY A 1 35 ? -7.668  -1.655  -5.216  1.00 19.04 ? 35  GLY A O   1 
ATOM   253  N N   . CYS A 1 36 ? -9.456  -0.982  -4.029  1.00 15.47 ? 36  CYS A N   1 
ATOM   254  C CA  . CYS A 1 36 ? -8.871  0.311   -3.710  1.00 15.87 ? 36  CYS A CA  1 
ATOM   255  C C   . CYS A 1 36 ? -7.542  0.092   -2.994  1.00 23.68 ? 36  CYS A C   1 
ATOM   256  O O   . CYS A 1 36 ? -7.453  -0.687  -2.041  1.00 14.54 ? 36  CYS A O   1 
ATOM   257  C CB  . CYS A 1 36 ? -9.828  1.127   -2.841  1.00 15.07 ? 36  CYS A CB  1 
ATOM   258  S SG  . CYS A 1 36 ? -9.055  2.604   -2.128  1.00 15.34 ? 36  CYS A SG  1 
ATOM   259  N N   . GLN A 1 37 ? -6.513  0.793   -3.456  1.00 16.01 ? 37  GLN A N   1 
ATOM   260  C CA  . GLN A 1 37 ? -5.156  0.655   -2.914  1.00 17.32 ? 37  GLN A CA  1 
ATOM   261  C C   . GLN A 1 37 ? -4.802  1.488   -1.685  1.00 20.67 ? 37  GLN A C   1 
ATOM   262  O O   . GLN A 1 37 ? -4.026  1.042   -0.831  1.00 22.87 ? 37  GLN A O   1 
ATOM   263  C CB  . GLN A 1 37 ? -4.128  0.972   -4.002  1.00 14.40 ? 37  GLN A CB  1 
ATOM   264  C CG  . GLN A 1 37 ? -4.151  0.044   -5.211  1.00 18.67 ? 37  GLN A CG  1 
ATOM   265  C CD  . GLN A 1 37 ? -3.014  0.347   -6.175  1.00 27.29 ? 37  GLN A CD  1 
ATOM   266  O OE1 . GLN A 1 37 ? -1.837  0.173   -5.841  1.00 23.38 ? 37  GLN A OE1 1 
ATOM   267  N NE2 . GLN A 1 37 ? -3.360  0.807   -7.374  1.00 15.80 ? 37  GLN A NE2 1 
ATOM   268  N N   . SER A 1 38 ? -5.329  2.703   -1.602  1.00 16.99 ? 38  SER A N   1 
ATOM   269  C CA  . SER A 1 38 ? -5.032  3.555   -0.467  1.00 15.10 ? 38  SER A CA  1 
ATOM   270  C C   . SER A 1 38 ? -6.054  4.677   -0.280  1.00 20.72 ? 38  SER A C   1 
ATOM   271  O O   . SER A 1 38 ? -6.753  5.060   -1.222  1.00 16.46 ? 38  SER A O   1 
ATOM   272  C CB  . SER A 1 38 ? -3.637  4.165   -0.635  1.00 22.95 ? 38  SER A CB  1 
ATOM   273  O OG  . SER A 1 38 ? -3.643  5.147   -1.656  1.00 20.30 ? 38  SER A OG  1 
ATOM   274  N N   . GLN A 1 39 ? -6.122  5.196   0.945   1.00 15.53 ? 39  GLN A N   1 
ATOM   275  C CA  . GLN A 1 39 ? -7.034  6.277   1.298   1.00 16.31 ? 39  GLN A CA  1 
ATOM   276  C C   . GLN A 1 39 ? -8.455  5.914   0.928   1.00 18.23 ? 39  GLN A C   1 
ATOM   277  O O   . GLN A 1 39 ? -9.236  6.750   0.482   1.00 16.17 ? 39  GLN A O   1 
ATOM   278  C CB  . GLN A 1 39 ? -6.586  7.570   0.606   1.00 20.34 ? 39  GLN A CB  1 
ATOM   279  C CG  . GLN A 1 39 ? -5.192  7.978   1.093   1.00 24.07 ? 39  GLN A CG  1 
ATOM   280  C CD  . GLN A 1 39 ? -4.704  9.337   0.613   1.00 29.69 ? 39  GLN A CD  1 
ATOM   281  O OE1 . GLN A 1 39 ? -3.734  9.872   1.162   1.00 22.70 ? 39  GLN A OE1 1 
ATOM   282  N NE2 . GLN A 1 39 ? -5.348  9.894   -0.412  1.00 16.64 ? 39  GLN A NE2 1 
ATOM   283  N N   . CYS A 1 40 ? -8.794  4.649   1.143   1.00 14.49 ? 40  CYS A N   1 
ATOM   284  C CA  . CYS A 1 40 ? -10.117 4.149   0.782   1.00 13.47 ? 40  CYS A CA  1 
ATOM   285  C C   . CYS A 1 40 ? -11.260 4.599   1.680   1.00 13.57 ? 40  CYS A C   1 
ATOM   286  O O   . CYS A 1 40 ? -12.426 4.317   1.383   1.00 16.51 ? 40  CYS A O   1 
ATOM   287  C CB  . CYS A 1 40 ? -10.078 2.616   0.720   1.00 15.08 ? 40  CYS A CB  1 
ATOM   288  S SG  . CYS A 1 40 ? -8.634  2.019   -0.227  1.00 17.56 ? 40  CYS A SG  1 
ATOM   289  N N   . ASP A 1 41 ? -10.943 5.291   2.769   1.00 15.09 ? 41  ASP A N   1 
ATOM   290  C CA  . ASP A 1 41 ? -11.990 5.746   3.680   1.00 21.07 ? 41  ASP A CA  1 
ATOM   291  C C   . ASP A 1 41 ? -12.294 7.224   3.538   1.00 13.98 ? 41  ASP A C   1 
ATOM   292  O O   . ASP A 1 41 ? -12.655 7.903   4.497   1.00 14.97 ? 41  ASP A O   1 
ATOM   293  C CB  . ASP A 1 41 ? -11.624 5.408   5.124   1.00 29.91 ? 41  ASP A CB  1 
ATOM   294  C CG  . ASP A 1 41 ? -11.738 3.918   5.417   1.00 34.48 ? 41  ASP A CG  1 
ATOM   295  O OD1 . ASP A 1 41 ? -12.772 3.317   5.047   1.00 43.62 ? 41  ASP A OD1 1 
ATOM   296  O OD2 . ASP A 1 41 ? -10.804 3.352   6.023   1.00 45.41 ? 41  ASP A OD2 1 
ATOM   297  N N   . TYR A 1 42 ? -12.164 7.714   2.313   1.00 14.20 ? 42  TYR A N   1 
ATOM   298  C CA  . TYR A 1 42 ? -12.444 9.105   2.003   1.00 16.58 ? 42  TYR A CA  1 
ATOM   299  C C   . TYR A 1 42 ? -13.791 9.603   2.534   1.00 13.04 ? 42  TYR A C   1 
ATOM   300  O O   . TYR A 1 42 ? -13.908 10.738  3.009   1.00 14.70 ? 42  TYR A O   1 
ATOM   301  C CB  . TYR A 1 42 ? -12.412 9.303   0.486   1.00 9.92  ? 42  TYR A CB  1 
ATOM   302  C CG  . TYR A 1 42 ? -12.763 10.704  0.055   1.00 18.50 ? 42  TYR A CG  1 
ATOM   303  C CD1 . TYR A 1 42 ? -14.051 11.033  -0.368  1.00 15.93 ? 42  TYR A CD1 1 
ATOM   304  C CD2 . TYR A 1 42 ? -11.791 11.698  0.032   1.00 16.97 ? 42  TYR A CD2 1 
ATOM   305  C CE1 . TYR A 1 42 ? -14.355 12.315  -0.814  1.00 16.82 ? 42  TYR A CE1 1 
ATOM   306  C CE2 . TYR A 1 42 ? -12.084 12.979  -0.412  1.00 16.08 ? 42  TYR A CE2 1 
ATOM   307  C CZ  . TYR A 1 42 ? -13.360 13.281  -0.838  1.00 15.93 ? 42  TYR A CZ  1 
ATOM   308  O OH  . TYR A 1 42 ? -13.618 14.541  -1.330  1.00 21.47 ? 42  TYR A OH  1 
ATOM   309  N N   . TRP A 1 43 ? -14.814 8.758   2.464   1.00 8.95  ? 43  TRP A N   1 
ATOM   310  C CA  . TRP A 1 43 ? -16.141 9.168   2.893   1.00 7.86  ? 43  TRP A CA  1 
ATOM   311  C C   . TRP A 1 43 ? -16.476 8.988   4.360   1.00 14.07 ? 43  TRP A C   1 
ATOM   312  O O   . TRP A 1 43 ? -17.581 9.317   4.771   1.00 14.27 ? 43  TRP A O   1 
ATOM   313  C CB  . TRP A 1 43 ? -17.210 8.439   2.075   1.00 9.79  ? 43  TRP A CB  1 
ATOM   314  C CG  . TRP A 1 43 ? -17.143 8.770   0.617   1.00 14.73 ? 43  TRP A CG  1 
ATOM   315  C CD1 . TRP A 1 43 ? -16.552 8.028   -0.356  1.00 10.51 ? 43  TRP A CD1 1 
ATOM   316  C CD2 . TRP A 1 43 ? -17.660 9.946   -0.023  1.00 10.50 ? 43  TRP A CD2 1 
ATOM   317  N NE1 . TRP A 1 43 ? -16.671 8.665   -1.572  1.00 14.83 ? 43  TRP A NE1 1 
ATOM   318  C CE2 . TRP A 1 43 ? -17.342 9.842   -1.395  1.00 12.39 ? 43  TRP A CE2 1 
ATOM   319  C CE3 . TRP A 1 43 ? -18.356 11.078  0.426   1.00 19.04 ? 43  TRP A CE3 1 
ATOM   320  C CZ2 . TRP A 1 43 ? -17.707 10.827  -2.330  1.00 17.65 ? 43  TRP A CZ2 1 
ATOM   321  C CZ3 . TRP A 1 43 ? -18.716 12.054  -0.501  1.00 23.66 ? 43  TRP A CZ3 1 
ATOM   322  C CH2 . TRP A 1 43 ? -18.386 11.918  -1.865  1.00 23.90 ? 43  TRP A CH2 1 
ATOM   323  N N   . ARG A 1 44 ? -15.542 8.448   5.132   1.00 12.81 ? 44  ARG A N   1 
ATOM   324  C CA  . ARG A 1 44 ? -15.779 8.215   6.554   1.00 7.61  ? 44  ARG A CA  1 
ATOM   325  C C   . ARG A 1 44 ? -15.187 9.348   7.368   1.00 12.93 ? 44  ARG A C   1 
ATOM   326  O O   . ARG A 1 44 ? -14.230 9.990   6.934   1.00 19.71 ? 44  ARG A O   1 
ATOM   327  C CB  . ARG A 1 44 ? -15.177 6.881   6.979   1.00 11.32 ? 44  ARG A CB  1 
ATOM   328  C CG  . ARG A 1 44 ? -15.687 5.689   6.169   1.00 14.45 ? 44  ARG A CG  1 
ATOM   329  C CD  . ARG A 1 44 ? -17.200 5.730   5.994   1.00 11.95 ? 44  ARG A CD  1 
ATOM   330  N NE  . ARG A 1 44 ? -17.920 5.706   7.267   1.00 14.97 ? 44  ARG A NE  1 
ATOM   331  C CZ  . ARG A 1 44 ? -18.250 4.595   7.922   1.00 18.96 ? 44  ARG A CZ  1 
ATOM   332  N NH1 . ARG A 1 44 ? -17.928 3.408   7.429   1.00 17.21 ? 44  ARG A NH1 1 
ATOM   333  N NH2 . ARG A 1 44 ? -18.915 4.675   9.064   1.00 18.47 ? 44  ARG A NH2 1 
ATOM   334  N N   . CYS A 1 45 ? -15.728 9.571   8.561   1.00 12.79 ? 45  CYS A N   1 
ATOM   335  C CA  . CYS A 1 45 ? -15.273 10.686  9.373   1.00 10.86 ? 45  CYS A CA  1 
ATOM   336  C C   . CYS A 1 45 ? -15.714 10.543  10.827  1.00 13.16 ? 45  CYS A C   1 
ATOM   337  O O   . CYS A 1 45 ? -16.431 9.617   11.173  1.00 13.40 ? 45  CYS A O   1 
ATOM   338  C CB  . CYS A 1 45 ? -15.896 11.940  8.803   1.00 8.50  ? 45  CYS A CB  1 
ATOM   339  S SG  . CYS A 1 45 ? -17.717 11.780  8.795   1.00 12.04 ? 45  CYS A SG  1 
ATOM   340  N N   . GLY A 1 46 ? -15.275 11.471  11.665  1.00 14.09 ? 46  GLY A N   1 
ATOM   341  C CA  . GLY A 1 46 ? -15.705 11.448  13.048  1.00 11.64 ? 46  GLY A CA  1 
ATOM   342  C C   . GLY A 1 46 ? -15.016 10.561  14.058  1.00 6.35  ? 46  GLY A C   1 
ATOM   343  O O   . GLY A 1 46 ? -13.905 10.069  13.857  1.00 10.99 ? 46  GLY A O   1 
ATOM   344  N N   . ARG A 1 47 ? -15.731 10.352  15.156  1.00 11.71 ? 47  ARG A N   1 
ATOM   345  C CA  . ARG A 1 47 ? -15.233 9.591   16.283  1.00 12.09 ? 47  ARG A CA  1 
ATOM   346  C C   . ARG A 1 47 ? -14.713 8.196   16.001  1.00 19.72 ? 47  ARG A C   1 
ATOM   347  O O   . ARG A 1 47 ? -13.782 7.744   16.667  1.00 18.52 ? 47  ARG A O   1 
ATOM   348  C CB  . ARG A 1 47 ? -16.302 9.542   17.381  1.00 15.97 ? 47  ARG A CB  1 
ATOM   349  C CG  . ARG A 1 47 ? -17.604 8.878   16.969  1.00 19.34 ? 47  ARG A CG  1 
ATOM   350  C CD  . ARG A 1 47 ? -18.552 8.783   18.156  1.00 29.58 ? 47  ARG A CD  1 
ATOM   351  N NE  . ARG A 1 47 ? -19.797 8.114   17.794  1.00 42.68 ? 47  ARG A NE  1 
ATOM   352  C CZ  . ARG A 1 47 ? -20.828 8.709   17.202  1.00 47.14 ? 47  ARG A CZ  1 
ATOM   353  N NH1 . ARG A 1 47 ? -20.775 10.002  16.905  1.00 44.80 ? 47  ARG A NH1 1 
ATOM   354  N NH2 . ARG A 1 47 ? -21.914 8.008   16.903  1.00 47.84 ? 47  ARG A NH2 1 
ATOM   355  N N   . ASP A 1 48 ? -15.304 7.505   15.032  1.00 15.49 ? 48  ASP A N   1 
ATOM   356  C CA  . ASP A 1 48 ? -14.839 6.165   14.714  1.00 23.32 ? 48  ASP A CA  1 
ATOM   357  C C   . ASP A 1 48 ? -13.698 6.147   13.700  1.00 24.60 ? 48  ASP A C   1 
ATOM   358  O O   . ASP A 1 48 ? -13.169 5.084   13.362  1.00 20.73 ? 48  ASP A O   1 
ATOM   359  C CB  . ASP A 1 48 ? -16.004 5.308   14.216  1.00 27.49 ? 48  ASP A CB  1 
ATOM   360  C CG  . ASP A 1 48 ? -16.972 4.952   15.326  1.00 30.08 ? 48  ASP A CG  1 
ATOM   361  O OD1 . ASP A 1 48 ? -16.498 4.643   16.437  1.00 30.31 ? 48  ASP A OD1 1 
ATOM   362  O OD2 . ASP A 1 48 ? -18.197 4.972   15.095  1.00 35.86 ? 48  ASP A OD2 1 
ATOM   363  N N   . PHE A 1 49 ? -13.316 7.324   13.215  1.00 20.14 ? 49  PHE A N   1 
ATOM   364  C CA  . PHE A 1 49 ? -12.236 7.411   12.246  1.00 17.76 ? 49  PHE A CA  1 
ATOM   365  C C   . PHE A 1 49 ? -11.210 8.470   12.603  1.00 22.06 ? 49  PHE A C   1 
ATOM   366  O O   . PHE A 1 49 ? -10.846 9.302   11.773  1.00 18.79 ? 49  PHE A O   1 
ATOM   367  C CB  . PHE A 1 49 ? -12.802 7.654   10.847  1.00 19.23 ? 49  PHE A CB  1 
ATOM   368  C CG  . PHE A 1 49 ? -13.668 6.536   10.354  1.00 9.43  ? 49  PHE A CG  1 
ATOM   369  C CD1 . PHE A 1 49 ? -15.005 6.472   10.723  1.00 14.33 ? 49  PHE A CD1 1 
ATOM   370  C CD2 . PHE A 1 49 ? -13.116 5.488   9.622   1.00 22.28 ? 49  PHE A CD2 1 
ATOM   371  C CE1 . PHE A 1 49 ? -15.796 5.389   10.357  1.00 20.26 ? 49  PHE A CE1 1 
ATOM   372  C CE2 . PHE A 1 49 ? -13.899 4.396   9.250   1.00 24.15 ? 49  PHE A CE2 1 
ATOM   373  C CZ  . PHE A 1 49 ? -15.238 4.344   9.630   1.00 27.51 ? 49  PHE A CZ  1 
ATOM   374  N N   . GLY A 1 50 ? -10.747 8.420   13.851  1.00 19.27 ? 50  GLY A N   1 
ATOM   375  C CA  . GLY A 1 50 ? -9.741  9.354   14.327  1.00 16.99 ? 50  GLY A CA  1 
ATOM   376  C C   . GLY A 1 50 ? -10.146 10.808  14.308  1.00 19.03 ? 50  GLY A C   1 
ATOM   377  O O   . GLY A 1 50 ? -9.286  11.693  14.256  1.00 21.20 ? 50  GLY A O   1 
ATOM   378  N N   . GLY A 1 51 ? -11.454 11.052  14.350  1.00 15.22 ? 51  GLY A N   1 
ATOM   379  C CA  . GLY A 1 51 ? -11.969 12.408  14.326  1.00 16.02 ? 51  GLY A CA  1 
ATOM   380  C C   . GLY A 1 51 ? -11.671 13.126  13.023  1.00 15.55 ? 51  GLY A C   1 
ATOM   381  O O   . GLY A 1 51 ? -11.661 14.353  12.984  1.00 14.67 ? 51  GLY A O   1 
ATOM   382  N N   . ARG A 1 52 ? -11.434 12.388  11.946  1.00 15.88 ? 52  ARG A N   1 
ATOM   383  C CA  . ARG A 1 52 ? -11.129 13.072  10.689  1.00 14.33 ? 52  ARG A CA  1 
ATOM   384  C C   . ARG A 1 52 ? -12.286 13.938  10.209  1.00 14.95 ? 52  ARG A C   1 
ATOM   385  O O   . ARG A 1 52 ? -13.460 13.613  10.417  1.00 11.64 ? 52  ARG A O   1 
ATOM   386  C CB  . ARG A 1 52 ? -10.724 12.069  9.595   1.00 29.94 ? 52  ARG A CB  1 
ATOM   387  C CG  . ARG A 1 52 ? -11.869 11.337  8.921   1.00 36.23 ? 52  ARG A CG  1 
ATOM   388  C CD  . ARG A 1 52 ? -11.340 10.416  7.818   1.00 41.36 ? 52  ARG A CD  1 
ATOM   389  N NE  . ARG A 1 52 ? -10.622 11.132  6.761   1.00 37.68 ? 52  ARG A NE  1 
ATOM   390  C CZ  . ARG A 1 52 ? -11.192 11.664  5.679   1.00 42.94 ? 52  ARG A CZ  1 
ATOM   391  N NH1 . ARG A 1 52 ? -12.501 11.567  5.489   1.00 29.05 ? 52  ARG A NH1 1 
ATOM   392  N NH2 . ARG A 1 52 ? -10.448 12.291  4.778   1.00 45.03 ? 52  ARG A NH2 1 
ATOM   393  N N   . LEU A 1 53 ? -11.943 15.066  9.596   1.00 12.43 ? 53  LEU A N   1 
ATOM   394  C CA  . LEU A 1 53 ? -12.940 15.990  9.064   1.00 12.87 ? 53  LEU A CA  1 
ATOM   395  C C   . LEU A 1 53 ? -13.136 15.656  7.594   1.00 15.00 ? 53  LEU A C   1 
ATOM   396  O O   . LEU A 1 53 ? -12.204 15.212  6.930   1.00 17.30 ? 53  LEU A O   1 
ATOM   397  C CB  . LEU A 1 53 ? -12.443 17.428  9.170   1.00 19.51 ? 53  LEU A CB  1 
ATOM   398  C CG  . LEU A 1 53 ? -12.104 17.912  10.573  1.00 23.80 ? 53  LEU A CG  1 
ATOM   399  C CD1 . LEU A 1 53 ? -11.506 19.304  10.482  1.00 33.46 ? 53  LEU A CD1 1 
ATOM   400  C CD2 . LEU A 1 53 ? -13.352 17.911  11.437  1.00 22.82 ? 53  LEU A CD2 1 
ATOM   401  N N   . CYS A 1 54 ? -14.342 15.878  7.091   1.00 15.37 ? 54  CYS A N   1 
ATOM   402  C CA  . CYS A 1 54 ? -14.650 15.604  5.690   1.00 12.46 ? 54  CYS A CA  1 
ATOM   403  C C   . CYS A 1 54 ? -14.052 16.676  4.792   1.00 15.28 ? 54  CYS A C   1 
ATOM   404  O O   . CYS A 1 54 ? -13.828 17.806  5.231   1.00 16.38 ? 54  CYS A O   1 
ATOM   405  C CB  . CYS A 1 54 ? -16.157 15.616  5.483   1.00 15.31 ? 54  CYS A CB  1 
ATOM   406  S SG  . CYS A 1 54 ? -17.025 14.352  6.442   1.00 13.00 ? 54  CYS A SG  1 
ATOM   407  N N   . GLU A 1 55 ? -13.800 16.311  3.537   1.00 16.57 ? 55  GLU A N   1 
ATOM   408  C CA  . GLU A 1 55 ? -13.286 17.258  2.544   1.00 16.87 ? 55  GLU A CA  1 
ATOM   409  C C   . GLU A 1 55 ? -14.504 17.916  1.894   1.00 19.56 ? 55  GLU A C   1 
ATOM   410  O O   . GLU A 1 55 ? -15.637 17.560  2.212   1.00 15.08 ? 55  GLU A O   1 
ATOM   411  C CB  . GLU A 1 55 ? -12.487 16.513  1.479   1.00 19.04 ? 55  GLU A CB  1 
ATOM   412  C CG  . GLU A 1 55 ? -11.179 15.972  1.975   1.00 27.92 ? 55  GLU A CG  1 
ATOM   413  C CD  . GLU A 1 55 ? -10.135 17.050  2.125   1.00 33.25 ? 55  GLU A CD  1 
ATOM   414  O OE1 . GLU A 1 55 ? -9.080  16.759  2.718   1.00 36.19 ? 55  GLU A OE1 1 
ATOM   415  O OE2 . GLU A 1 55 ? -10.363 18.182  1.641   1.00 35.52 ? 55  GLU A OE2 1 
ATOM   416  N N   . GLU A 1 56 ? -14.281 18.873  0.990   1.00 14.35 ? 56  GLU A N   1 
ATOM   417  C CA  . GLU A 1 56 ? -15.380 19.530  0.293   1.00 19.38 ? 56  GLU A CA  1 
ATOM   418  C C   . GLU A 1 56 ? -16.421 20.174  1.218   1.00 18.09 ? 56  GLU A C   1 
ATOM   419  O O   . GLU A 1 56 ? -17.590 20.303  0.843   1.00 24.12 ? 56  GLU A O   1 
ATOM   420  C CB  . GLU A 1 56 ? -16.083 18.516  -0.631  1.00 28.98 ? 56  GLU A CB  1 
ATOM   421  C CG  . GLU A 1 56 ? -15.156 17.776  -1.612  1.00 26.28 ? 56  GLU A CG  1 
ATOM   422  C CD  . GLU A 1 56 ? -15.907 16.799  -2.521  1.00 30.21 ? 56  GLU A CD  1 
ATOM   423  O OE1 . GLU A 1 56 ? -16.797 17.243  -3.273  1.00 24.75 ? 56  GLU A OE1 1 
ATOM   424  O OE2 . GLU A 1 56 ? -15.614 15.584  -2.491  1.00 28.04 ? 56  GLU A OE2 1 
ATOM   425  N N   . ASP A 1 57 ? -16.003 20.561  2.417   1.00 19.71 ? 57  ASP A N   1 
ATOM   426  C CA  . ASP A 1 57 ? -16.897 21.195  3.380   1.00 18.63 ? 57  ASP A CA  1 
ATOM   427  C C   . ASP A 1 57 ? -18.139 20.362  3.714   1.00 17.14 ? 57  ASP A C   1 
ATOM   428  O O   . ASP A 1 57 ? -19.193 20.898  4.057   1.00 18.04 ? 57  ASP A O   1 
ATOM   429  C CB  . ASP A 1 57 ? -17.319 22.571  2.859   1.00 29.59 ? 57  ASP A CB  1 
ATOM   430  C CG  . ASP A 1 57 ? -16.134 23.514  2.681   1.00 33.08 ? 57  ASP A CG  1 
ATOM   431  O OD1 . ASP A 1 57 ? -16.348 24.667  2.251   1.00 45.57 ? 57  ASP A OD1 1 
ATOM   432  O OD2 . ASP A 1 57 ? -14.992 23.097  2.971   1.00 46.01 ? 57  ASP A OD2 1 
ATOM   433  N N   . MET A 1 58 ? -18.019 19.047  3.622   1.00 17.97 ? 58  MET A N   1 
ATOM   434  C CA  . MET A 1 58 ? -19.156 18.183  3.921   1.00 10.92 ? 58  MET A CA  1 
ATOM   435  C C   . MET A 1 58 ? -19.374 17.972  5.418   1.00 14.53 ? 58  MET A C   1 
ATOM   436  O O   . MET A 1 58 ? -18.446 18.061  6.211   1.00 16.44 ? 58  MET A O   1 
ATOM   437  C CB  . MET A 1 58 ? -18.966 16.824  3.257   1.00 9.90  ? 58  MET A CB  1 
ATOM   438  C CG  . MET A 1 58 ? -19.146 16.843  1.757   1.00 12.97 ? 58  MET A CG  1 
ATOM   439  S SD  . MET A 1 58 ? -19.075 15.189  1.046   1.00 18.46 ? 58  MET A SD  1 
ATOM   440  C CE  . MET A 1 58 ? -17.344 14.964  1.008   1.00 19.45 ? 58  MET A CE  1 
ATOM   441  N N   . CYS A 1 59 ? -20.615 17.691  5.801   1.00 9.48  ? 59  CYS A N   1 
ATOM   442  C CA  . CYS A 1 59 ? -20.920 17.442  7.200   1.00 9.26  ? 59  CYS A CA  1 
ATOM   443  C C   . CYS A 1 59 ? -20.534 16.010  7.495   1.00 15.06 ? 59  CYS A C   1 
ATOM   444  O O   . CYS A 1 59 ? -20.566 15.157  6.609   1.00 14.94 ? 59  CYS A O   1 
ATOM   445  C CB  . CYS A 1 59 ? -22.419 17.591  7.470   1.00 12.17 ? 59  CYS A CB  1 
ATOM   446  S SG  . CYS A 1 59 ? -23.121 19.155  6.897   1.00 18.02 ? 59  CYS A SG  1 
ATOM   447  N N   . CYS A 1 60 ? -20.178 15.754  8.742   1.00 11.89 ? 60  CYS A N   1 
ATOM   448  C CA  . CYS A 1 60 ? -19.853 14.400  9.159   1.00 10.16 ? 60  CYS A CA  1 
ATOM   449  C C   . CYS A 1 60 ? -21.053 13.945  9.986   1.00 12.64 ? 60  CYS A C   1 
ATOM   450  O O   . CYS A 1 60 ? -21.260 14.412  11.102  1.00 13.54 ? 60  CYS A O   1 
ATOM   451  C CB  . CYS A 1 60 ? -18.579 14.363  10.006  1.00 8.77  ? 60  CYS A CB  1 
ATOM   452  S SG  . CYS A 1 60 ? -18.242 12.665  10.542  1.00 12.18 ? 60  CYS A SG  1 
ATOM   453  N N   . SER A 1 61 ? -21.841 13.028  9.432   1.00 15.53 ? 61  SER A N   1 
ATOM   454  C CA  . SER A 1 61 ? -23.062 12.546  10.084  1.00 15.55 ? 61  SER A CA  1 
ATOM   455  C C   . SER A 1 61 ? -22.805 11.806  11.389  1.00 11.71 ? 61  SER A C   1 
ATOM   456  O O   . SER A 1 61 ? -21.672 11.456  11.690  1.00 12.43 ? 61  SER A O   1 
ATOM   457  C CB  . SER A 1 61 ? -23.812 11.591  9.157   1.00 11.31 ? 61  SER A CB  1 
ATOM   458  O OG  . SER A 1 61 ? -23.307 10.276  9.333   1.00 10.97 ? 61  SER A OG  1 
ATOM   459  N N   . LYS A 1 62 ? -23.869 11.546  12.148  1.00 15.61 ? 62  LYS A N   1 
ATOM   460  C CA  . LYS A 1 62 ? -23.725 10.820  13.406  1.00 18.40 ? 62  LYS A CA  1 
ATOM   461  C C   . LYS A 1 62 ? -23.289 9.386   13.129  1.00 18.39 ? 62  LYS A C   1 
ATOM   462  O O   . LYS A 1 62 ? -22.821 8.683   14.029  1.00 17.67 ? 62  LYS A O   1 
ATOM   463  C CB  . LYS A 1 62 ? -25.046 10.800  14.182  1.00 22.10 ? 62  LYS A CB  1 
ATOM   464  C CG  . LYS A 1 62 ? -26.184 10.151  13.424  1.00 30.94 ? 62  LYS A CG  1 
ATOM   465  C CD  . LYS A 1 62 ? -27.382 9.875   14.319  1.00 35.96 ? 62  LYS A CD  1 
ATOM   466  C CE  . LYS A 1 62 ? -27.055 8.803   15.346  1.00 36.95 ? 62  LYS A CE  1 
ATOM   467  N NZ  . LYS A 1 62 ? -28.240 8.414   16.155  1.00 41.77 ? 62  LYS A NZ  1 
ATOM   468  N N   . TYR A 1 63 ? -23.447 8.946   11.883  1.00 11.85 ? 63  TYR A N   1 
ATOM   469  C CA  . TYR A 1 63 ? -23.061 7.587   11.519  1.00 15.21 ? 63  TYR A CA  1 
ATOM   470  C C   . TYR A 1 63 ? -21.648 7.511   10.961  1.00 15.17 ? 63  TYR A C   1 
ATOM   471  O O   . TYR A 1 63 ? -21.198 6.440   10.558  1.00 14.42 ? 63  TYR A O   1 
ATOM   472  C CB  . TYR A 1 63 ? -24.047 7.020   10.497  1.00 16.07 ? 63  TYR A CB  1 
ATOM   473  C CG  . TYR A 1 63 ? -25.477 7.099   10.968  1.00 17.77 ? 63  TYR A CG  1 
ATOM   474  C CD1 . TYR A 1 63 ? -25.975 6.188   11.902  1.00 26.76 ? 63  TYR A CD1 1 
ATOM   475  C CD2 . TYR A 1 63 ? -26.325 8.110   10.513  1.00 16.37 ? 63  TYR A CD2 1 
ATOM   476  C CE1 . TYR A 1 63 ? -27.280 6.285   12.371  1.00 26.92 ? 63  TYR A CE1 1 
ATOM   477  C CE2 . TYR A 1 63 ? -27.631 8.217   10.981  1.00 20.20 ? 63  TYR A CE2 1 
ATOM   478  C CZ  . TYR A 1 63 ? -28.099 7.301   11.911  1.00 30.47 ? 63  TYR A CZ  1 
ATOM   479  O OH  . TYR A 1 63 ? -29.384 7.415   12.392  1.00 33.01 ? 63  TYR A OH  1 
ATOM   480  N N   . GLY A 1 64 ? -20.959 8.648   10.925  1.00 11.60 ? 64  GLY A N   1 
ATOM   481  C CA  . GLY A 1 64 ? -19.594 8.657   10.437  1.00 10.43 ? 64  GLY A CA  1 
ATOM   482  C C   . GLY A 1 64 ? -19.405 8.714   8.927   1.00 9.29  ? 64  GLY A C   1 
ATOM   483  O O   . GLY A 1 64 ? -18.368 8.292   8.410   1.00 12.71 ? 64  GLY A O   1 
ATOM   484  N N   . TRP A 1 65 ? -20.399 9.230   8.218   1.00 9.53  ? 65  TRP A N   1 
ATOM   485  C CA  . TRP A 1 65 ? -20.306 9.364   6.758   1.00 9.32  ? 65  TRP A CA  1 
ATOM   486  C C   . TRP A 1 65 ? -20.341 10.838  6.380   1.00 8.66  ? 65  TRP A C   1 
ATOM   487  O O   . TRP A 1 65 ? -20.998 11.644  7.034   1.00 9.43  ? 65  TRP A O   1 
ATOM   488  C CB  . TRP A 1 65 ? -21.478 8.667   6.068   1.00 11.29 ? 65  TRP A CB  1 
ATOM   489  C CG  . TRP A 1 65 ? -21.389 7.200   6.120   1.00 16.72 ? 65  TRP A CG  1 
ATOM   490  C CD1 . TRP A 1 65 ? -21.868 6.379   7.104   1.00 14.75 ? 65  TRP A CD1 1 
ATOM   491  C CD2 . TRP A 1 65 ? -20.742 6.356   5.168   1.00 16.08 ? 65  TRP A CD2 1 
ATOM   492  N NE1 . TRP A 1 65 ? -21.558 5.077   6.821   1.00 12.44 ? 65  TRP A NE1 1 
ATOM   493  C CE2 . TRP A 1 65 ? -20.864 5.029   5.634   1.00 14.41 ? 65  TRP A CE2 1 
ATOM   494  C CE3 . TRP A 1 65 ? -20.069 6.590   3.957   1.00 16.58 ? 65  TRP A CE3 1 
ATOM   495  C CZ2 . TRP A 1 65 ? -20.338 3.936   4.940   1.00 22.82 ? 65  TRP A CZ2 1 
ATOM   496  C CZ3 . TRP A 1 65 ? -19.541 5.499   3.259   1.00 20.86 ? 65  TRP A CZ3 1 
ATOM   497  C CH2 . TRP A 1 65 ? -19.680 4.187   3.756   1.00 17.86 ? 65  TRP A CH2 1 
ATOM   498  N N   . CYS A 1 66 ? -19.636 11.178  5.311   1.00 10.61 ? 66  CYS A N   1 
ATOM   499  C CA  . CYS A 1 66 ? -19.578 12.547  4.832   1.00 10.48 ? 66  CYS A CA  1 
ATOM   500  C C   . CYS A 1 66 ? -20.699 12.811  3.850   1.00 13.69 ? 66  CYS A C   1 
ATOM   501  O O   . CYS A 1 66 ? -20.975 11.978  2.993   1.00 12.43 ? 66  CYS A O   1 
ATOM   502  C CB  . CYS A 1 66 ? -18.234 12.800  4.148   1.00 5.98  ? 66  CYS A CB  1 
ATOM   503  S SG  . CYS A 1 66 ? -16.798 12.734  5.242   1.00 14.41 ? 66  CYS A SG  1 
ATOM   504  N N   . GLY A 1 67 ? -21.318 13.985  3.958   1.00 12.61 ? 67  GLY A N   1 
ATOM   505  C CA  . GLY A 1 67 ? -22.405 14.332  3.058   1.00 20.77 ? 67  GLY A CA  1 
ATOM   506  C C   . GLY A 1 67 ? -22.933 15.742  3.244   1.00 19.50 ? 67  GLY A C   1 
ATOM   507  O O   . GLY A 1 67 ? -22.458 16.487  4.102   1.00 15.53 ? 67  GLY A O   1 
ATOM   508  N N   . TYR A 1 68 ? -23.930 16.108  2.439   1.00 16.85 ? 68  TYR A N   1 
ATOM   509  C CA  . TYR A 1 68 ? -24.533 17.445  2.487   1.00 15.25 ? 68  TYR A CA  1 
ATOM   510  C C   . TYR A 1 68 ? -26.009 17.426  2.890   1.00 17.14 ? 68  TYR A C   1 
ATOM   511  O O   . TYR A 1 68 ? -26.591 18.471  3.210   1.00 20.50 ? 68  TYR A O   1 
ATOM   512  C CB  . TYR A 1 68 ? -24.449 18.115  1.116   1.00 22.97 ? 68  TYR A CB  1 
ATOM   513  C CG  . TYR A 1 68 ? -23.067 18.413  0.601   1.00 15.42 ? 68  TYR A CG  1 
ATOM   514  C CD1 . TYR A 1 68 ? -22.250 19.346  1.235   1.00 24.15 ? 68  TYR A CD1 1 
ATOM   515  C CD2 . TYR A 1 68 ? -22.603 17.819  -0.567  1.00 19.04 ? 68  TYR A CD2 1 
ATOM   516  C CE1 . TYR A 1 68 ? -21.007 19.683  0.712   1.00 22.52 ? 68  TYR A CE1 1 
ATOM   517  C CE2 . TYR A 1 68 ? -21.368 18.146  -1.097  1.00 21.67 ? 68  TYR A CE2 1 
ATOM   518  C CZ  . TYR A 1 68 ? -20.575 19.080  -0.456  1.00 18.55 ? 68  TYR A CZ  1 
ATOM   519  O OH  . TYR A 1 68 ? -19.359 19.409  -0.998  1.00 23.26 ? 68  TYR A OH  1 
ATOM   520  N N   . SER A 1 69 ? -26.622 16.251  2.856   1.00 20.28 ? 69  SER A N   1 
ATOM   521  C CA  . SER A 1 69 ? -28.036 16.142  3.191   1.00 22.38 ? 69  SER A CA  1 
ATOM   522  C C   . SER A 1 69 ? -28.339 16.495  4.633   1.00 28.30 ? 69  SER A C   1 
ATOM   523  O O   . SER A 1 69 ? -27.455 16.518  5.494   1.00 21.41 ? 69  SER A O   1 
ATOM   524  C CB  . SER A 1 69 ? -28.551 14.725  2.917   1.00 24.92 ? 69  SER A CB  1 
ATOM   525  O OG  . SER A 1 69 ? -28.269 13.858  4.001   1.00 25.18 ? 69  SER A OG  1 
ATOM   526  N N   . ASP A 1 70 ? -29.610 16.763  4.890   1.00 24.56 ? 70  ASP A N   1 
ATOM   527  C CA  . ASP A 1 70 ? -30.062 17.103  6.229   1.00 28.85 ? 70  ASP A CA  1 
ATOM   528  C C   . ASP A 1 70 ? -29.749 15.968  7.187   1.00 23.40 ? 70  ASP A C   1 
ATOM   529  O O   . ASP A 1 70 ? -29.532 16.192  8.378   1.00 24.73 ? 70  ASP A O   1 
ATOM   530  C CB  . ASP A 1 70 ? -31.565 17.357  6.220   1.00 30.25 ? 70  ASP A CB  1 
ATOM   531  C CG  . ASP A 1 70 ? -31.938 18.568  5.413   1.00 39.07 ? 70  ASP A CG  1 
ATOM   532  O OD1 . ASP A 1 70 ? -33.106 18.640  4.975   1.00 39.42 ? 70  ASP A OD1 1 
ATOM   533  O OD2 . ASP A 1 70 ? -31.070 19.452  5.225   1.00 45.31 ? 70  ASP A OD2 1 
ATOM   534  N N   . ASP A 1 71 ? -29.729 14.747  6.665   1.00 21.02 ? 71  ASP A N   1 
ATOM   535  C CA  . ASP A 1 71 ? -29.431 13.592  7.496   1.00 24.86 ? 71  ASP A CA  1 
ATOM   536  C C   . ASP A 1 71 ? -27.965 13.580  7.918   1.00 22.25 ? 71  ASP A C   1 
ATOM   537  O O   . ASP A 1 71 ? -27.623 13.032  8.960   1.00 19.62 ? 71  ASP A O   1 
ATOM   538  C CB  . ASP A 1 71 ? -29.770 12.304  6.751   1.00 29.86 ? 71  ASP A CB  1 
ATOM   539  C CG  . ASP A 1 71 ? -31.260 12.129  6.550   1.00 37.57 ? 71  ASP A CG  1 
ATOM   540  O OD1 . ASP A 1 71 ? -31.652 11.499  5.550   1.00 42.94 ? 71  ASP A OD1 1 
ATOM   541  O OD2 . ASP A 1 71 ? -32.037 12.619  7.397   1.00 37.03 ? 71  ASP A OD2 1 
ATOM   542  N N   . HIS A 1 72 ? -27.100 14.183  7.111   1.00 18.05 ? 72  HIS A N   1 
ATOM   543  C CA  . HIS A 1 72 ? -25.687 14.216  7.460   1.00 17.90 ? 72  HIS A CA  1 
ATOM   544  C C   . HIS A 1 72 ? -25.353 15.449  8.280   1.00 20.39 ? 72  HIS A C   1 
ATOM   545  O O   . HIS A 1 72 ? -24.398 15.442  9.045   1.00 17.45 ? 72  HIS A O   1 
ATOM   546  C CB  . HIS A 1 72 ? -24.799 14.262  6.214   1.00 13.56 ? 72  HIS A CB  1 
ATOM   547  C CG  . HIS A 1 72 ? -24.886 13.052  5.344   1.00 15.97 ? 72  HIS A CG  1 
ATOM   548  N ND1 . HIS A 1 72 ? -25.931 12.844  4.462   1.00 19.07 ? 72  HIS A ND1 1 
ATOM   549  C CD2 . HIS A 1 72 ? -24.057 11.998  5.203   1.00 13.42 ? 72  HIS A CD2 1 
ATOM   550  C CE1 . HIS A 1 72 ? -25.733 11.708  3.819   1.00 26.08 ? 72  HIS A CE1 1 
ATOM   551  N NE2 . HIS A 1 72 ? -24.607 11.174  4.246   1.00 15.79 ? 72  HIS A NE2 1 
ATOM   552  N N   . CYS A 1 73 ? -26.145 16.508  8.122   1.00 16.07 ? 73  CYS A N   1 
ATOM   553  C CA  . CYS A 1 73 ? -25.856 17.778  8.789   1.00 15.43 ? 73  CYS A CA  1 
ATOM   554  C C   . CYS A 1 73 ? -26.709 18.115  10.007  1.00 21.29 ? 73  CYS A C   1 
ATOM   555  O O   . CYS A 1 73 ? -26.372 19.014  10.779  1.00 19.24 ? 73  CYS A O   1 
ATOM   556  C CB  . CYS A 1 73 ? -25.991 18.902  7.758   1.00 16.84 ? 73  CYS A CB  1 
ATOM   557  S SG  . CYS A 1 73 ? -24.977 18.651  6.263   1.00 19.80 ? 73  CYS A SG  1 
ATOM   558  N N   . GLU A 1 74 ? -27.799 17.377  10.170  1.00 21.90 ? 74  GLU A N   1 
ATOM   559  C CA  . GLU A 1 74 ? -28.748 17.584  11.254  1.00 32.96 ? 74  GLU A CA  1 
ATOM   560  C C   . GLU A 1 74 ? -28.766 16.392  12.201  1.00 38.34 ? 74  GLU A C   1 
ATOM   561  O O   . GLU A 1 74 ? -28.504 15.255  11.800  1.00 45.86 ? 74  GLU A O   1 
ATOM   562  C CB  . GLU A 1 74 ? -30.158 17.747  10.676  1.00 41.06 ? 74  GLU A CB  1 
ATOM   563  C CG  . GLU A 1 74 ? -30.343 18.855  9.639   1.00 42.89 ? 74  GLU A CG  1 
ATOM   564  C CD  . GLU A 1 74 ? -30.648 20.198  10.268  1.00 49.99 ? 74  GLU A CD  1 
ATOM   565  O OE1 . GLU A 1 74 ? -29.711 20.847  10.779  1.00 53.92 ? 74  GLU A OE1 1 
ATOM   566  O OE2 . GLU A 1 74 ? -31.832 20.602  10.260  1.00 49.56 ? 74  GLU A OE2 1 
ATOM   567  N N   . ASP A 1 75 ? -29.103 16.662  13.456  1.00 36.86 ? 75  ASP A N   1 
ATOM   568  C CA  . ASP A 1 75 ? -29.201 15.635  14.483  1.00 37.64 ? 75  ASP A CA  1 
ATOM   569  C C   . ASP A 1 75 ? -27.999 14.702  14.586  1.00 31.39 ? 75  ASP A C   1 
ATOM   570  O O   . ASP A 1 75 ? -27.867 13.747  13.819  1.00 34.12 ? 75  ASP A O   1 
ATOM   571  C CB  . ASP A 1 75 ? -30.478 14.814  14.264  1.00 43.81 ? 75  ASP A CB  1 
ATOM   572  C CG  . ASP A 1 75 ? -31.741 15.662  14.364  1.00 53.73 ? 75  ASP A CG  1 
ATOM   573  O OD1 . ASP A 1 75 ? -32.841 15.133  14.087  1.00 59.92 ? 75  ASP A OD1 1 
ATOM   574  O OD2 . ASP A 1 75 ? -31.635 16.857  14.721  1.00 50.49 ? 75  ASP A OD2 1 
ATOM   575  N N   . GLY A 1 76 ? -27.129 14.999  15.547  1.00 29.62 ? 76  GLY A N   1 
ATOM   576  C CA  . GLY A 1 76 ? -25.951 14.187  15.785  1.00 20.86 ? 76  GLY A CA  1 
ATOM   577  C C   . GLY A 1 76 ? -24.754 14.473  14.894  1.00 20.08 ? 76  GLY A C   1 
ATOM   578  O O   . GLY A 1 76 ? -23.747 13.791  15.001  1.00 17.05 ? 76  GLY A O   1 
ATOM   579  N N   . CYS A 1 77 ? -24.847 15.461  14.014  1.00 15.17 ? 77  CYS A N   1 
ATOM   580  C CA  . CYS A 1 77 ? -23.712 15.765  13.139  1.00 13.40 ? 77  CYS A CA  1 
ATOM   581  C C   . CYS A 1 77 ? -22.475 16.091  14.005  1.00 12.87 ? 77  CYS A C   1 
ATOM   582  O O   . CYS A 1 77 ? -22.558 16.883  14.939  1.00 18.69 ? 77  CYS A O   1 
ATOM   583  C CB  . CYS A 1 77 ? -24.083 16.922  12.211  1.00 15.70 ? 77  CYS A CB  1 
ATOM   584  S SG  . CYS A 1 77 ? -22.680 17.568  11.267  1.00 15.11 ? 77  CYS A SG  1 
ATOM   585  N N   . GLN A 1 78 ? -21.341 15.463  13.693  1.00 12.19 ? 78  GLN A N   1 
ATOM   586  C CA  . GLN A 1 78 ? -20.101 15.621  14.460  1.00 12.82 ? 78  GLN A CA  1 
ATOM   587  C C   . GLN A 1 78 ? -19.199 16.811  14.131  1.00 15.40 ? 78  GLN A C   1 
ATOM   588  O O   . GLN A 1 78 ? -18.439 17.262  14.988  1.00 16.94 ? 78  GLN A O   1 
ATOM   589  C CB  . GLN A 1 78 ? -19.270 14.335  14.352  1.00 13.70 ? 78  GLN A CB  1 
ATOM   590  C CG  . GLN A 1 78 ? -20.052 13.058  14.641  1.00 15.66 ? 78  GLN A CG  1 
ATOM   591  C CD  . GLN A 1 78 ? -19.177 11.830  14.588  1.00 11.89 ? 78  GLN A CD  1 
ATOM   592  O OE1 . GLN A 1 78 ? -18.192 11.742  15.302  1.00 14.93 ? 78  GLN A OE1 1 
ATOM   593  N NE2 . GLN A 1 78 ? -19.528 10.875  13.725  1.00 16.25 ? 78  GLN A NE2 1 
ATOM   594  N N   . SER A 1 79 ? -19.272 17.317  12.901  1.00 10.75 ? 79  SER A N   1 
ATOM   595  C CA  . SER A 1 79 ? -18.418 18.434  12.505  1.00 17.41 ? 79  SER A CA  1 
ATOM   596  C C   . SER A 1 79 ? -18.827 19.002  11.152  1.00 16.42 ? 79  SER A C   1 
ATOM   597  O O   . SER A 1 79 ? -19.433 18.306  10.343  1.00 11.73 ? 79  SER A O   1 
ATOM   598  C CB  . SER A 1 79 ? -16.959 17.983  12.436  1.00 14.64 ? 79  SER A CB  1 
ATOM   599  O OG  . SER A 1 79 ? -16.813 16.892  11.545  1.00 17.55 ? 79  SER A OG  1 
ATOM   600  N N   . GLN A 1 80 ? -18.471 20.264  10.922  1.00 15.59 ? 80  GLN A N   1 
ATOM   601  C CA  . GLN A 1 80 ? -18.794 20.985  9.686   1.00 15.98 ? 80  GLN A CA  1 
ATOM   602  C C   . GLN A 1 80 ? -20.276 20.846  9.336   1.00 19.38 ? 80  GLN A C   1 
ATOM   603  O O   . GLN A 1 80 ? -20.643 20.599  8.183   1.00 16.30 ? 80  GLN A O   1 
ATOM   604  C CB  . GLN A 1 80 ? -17.909 20.472  8.543   1.00 18.47 ? 80  GLN A CB  1 
ATOM   605  C CG  . GLN A 1 80 ? -16.438 20.638  8.860   1.00 18.56 ? 80  GLN A CG  1 
ATOM   606  C CD  . GLN A 1 80 ? -15.502 20.253  7.726   1.00 26.33 ? 80  GLN A CD  1 
ATOM   607  O OE1 . GLN A 1 80 ? -14.338 20.648  7.728   1.00 21.49 ? 80  GLN A OE1 1 
ATOM   608  N NE2 . GLN A 1 80 ? -15.992 19.467  6.768   1.00 18.48 ? 80  GLN A NE2 1 
ATOM   609  N N   . CYS A 1 81 ? -21.124 21.047  10.340  1.00 15.84 ? 81  CYS A N   1 
ATOM   610  C CA  . CYS A 1 81 ? -22.563 20.901  10.184  1.00 18.18 ? 81  CYS A CA  1 
ATOM   611  C C   . CYS A 1 81 ? -23.282 22.104  9.586   1.00 24.81 ? 81  CYS A C   1 
ATOM   612  O O   . CYS A 1 81 ? -24.436 21.997  9.172   1.00 22.69 ? 81  CYS A O   1 
ATOM   613  C CB  . CYS A 1 81 ? -23.166 20.548  11.545  1.00 15.11 ? 81  CYS A CB  1 
ATOM   614  S SG  . CYS A 1 81 ? -22.210 19.222  12.327  1.00 18.56 ? 81  CYS A SG  1 
ATOM   615  N N   . ASP A 1 82 ? -22.589 23.234  9.525   1.00 33.06 ? 82  ASP A N   1 
ATOM   616  C CA  . ASP A 1 82 ? -23.174 24.456  9.000   1.00 44.30 ? 82  ASP A CA  1 
ATOM   617  C C   . ASP A 1 82 ? -22.230 25.143  8.020   1.00 49.75 ? 82  ASP A C   1 
ATOM   618  O O   . ASP A 1 82 ? -21.118 24.615  7.802   1.00 51.26 ? 82  ASP A O   1 
ATOM   619  C CB  . ASP A 1 82 ? -23.488 25.409  10.154  1.00 46.79 ? 82  ASP A CB  1 
ATOM   620  C CG  . ASP A 1 82 ? -22.241 25.847  10.898  1.00 55.31 ? 82  ASP A CG  1 
ATOM   621  O OD1 . ASP A 1 82 ? -21.539 24.980  11.466  1.00 58.53 ? 82  ASP A OD1 1 
ATOM   622  O OD2 . ASP A 1 82 ? -21.958 27.064  10.907  1.00 58.20 ? 82  ASP A OD2 1 
ATOM   623  O OXT . ASP A 1 82 ? -22.615 26.212  7.492   1.00 52.90 ? 82  ASP A OXT 1 
ATOM   624  N N   . ALA B 1 1  ? 27.128  -16.696 -19.517 1.00 36.63 ? 101 ALA B N   1 
ATOM   625  C CA  . ALA B 1 1  ? 25.776  -16.070 -19.515 1.00 41.76 ? 101 ALA B CA  1 
ATOM   626  C C   . ALA B 1 1  ? 25.299  -15.794 -18.085 1.00 35.79 ? 101 ALA B C   1 
ATOM   627  O O   . ALA B 1 1  ? 24.897  -14.674 -17.769 1.00 32.56 ? 101 ALA B O   1 
ATOM   628  C CB  . ALA B 1 1  ? 24.778  -16.975 -20.247 1.00 43.71 ? 101 ALA B CB  1 
ATOM   629  N N   . PRO B 1 2  ? 25.346  -16.809 -17.199 1.00 36.39 ? 102 PRO B N   1 
ATOM   630  C CA  . PRO B 1 2  ? 24.908  -16.617 -15.812 1.00 36.92 ? 102 PRO B CA  1 
ATOM   631  C C   . PRO B 1 2  ? 25.636  -15.461 -15.133 1.00 36.79 ? 102 PRO B C   1 
ATOM   632  O O   . PRO B 1 2  ? 26.819  -15.225 -15.388 1.00 36.81 ? 102 PRO B O   1 
ATOM   633  C CB  . PRO B 1 2  ? 25.243  -17.956 -15.158 1.00 39.16 ? 102 PRO B CB  1 
ATOM   634  C CG  . PRO B 1 2  ? 25.062  -18.922 -16.272 1.00 37.28 ? 102 PRO B CG  1 
ATOM   635  C CD  . PRO B 1 2  ? 25.749  -18.209 -17.421 1.00 39.81 ? 102 PRO B CD  1 
ATOM   636  N N   . GLU B 1 3  ? 24.924  -14.748 -14.266 1.00 30.90 ? 103 GLU B N   1 
ATOM   637  C CA  . GLU B 1 3  ? 25.498  -13.622 -13.542 1.00 30.79 ? 103 GLU B CA  1 
ATOM   638  C C   . GLU B 1 3  ? 25.439  -13.822 -12.026 1.00 25.21 ? 103 GLU B C   1 
ATOM   639  O O   . GLU B 1 3  ? 25.947  -13.004 -11.263 1.00 24.41 ? 103 GLU B O   1 
ATOM   640  C CB  . GLU B 1 3  ? 24.769  -12.331 -13.919 1.00 29.65 ? 103 GLU B CB  1 
ATOM   641  C CG  . GLU B 1 3  ? 23.274  -12.377 -13.672 1.00 34.65 ? 103 GLU B CG  1 
ATOM   642  C CD  . GLU B 1 3  ? 22.586  -11.060 -13.979 1.00 39.11 ? 103 GLU B CD  1 
ATOM   643  O OE1 . GLU B 1 3  ? 21.352  -10.984 -13.797 1.00 26.36 ? 103 GLU B OE1 1 
ATOM   644  O OE2 . GLU B 1 3  ? 23.275  -10.102 -14.399 1.00 35.13 ? 103 GLU B OE2 1 
ATOM   645  N N   . CYS B 1 4  ? 24.810  -14.909 -11.588 1.00 18.65 ? 104 CYS B N   1 
ATOM   646  C CA  . CYS B 1 4  ? 24.708  -15.192 -10.156 1.00 17.81 ? 104 CYS B CA  1 
ATOM   647  C C   . CYS B 1 4  ? 24.468  -16.679 -9.940  1.00 11.35 ? 104 CYS B C   1 
ATOM   648  O O   . CYS B 1 4  ? 24.135  -17.405 -10.876 1.00 14.82 ? 104 CYS B O   1 
ATOM   649  C CB  . CYS B 1 4  ? 23.549  -14.407 -9.529  1.00 17.18 ? 104 CYS B CB  1 
ATOM   650  S SG  . CYS B 1 4  ? 21.918  -14.909 -10.171 1.00 20.28 ? 104 CYS B SG  1 
ATOM   651  N N   . GLY B 1 5  ? 24.656  -17.133 -8.707  1.00 20.27 ? 105 GLY B N   1 
ATOM   652  C CA  . GLY B 1 5  ? 24.408  -18.532 -8.411  1.00 24.63 ? 105 GLY B CA  1 
ATOM   653  C C   . GLY B 1 5  ? 25.582  -19.484 -8.482  1.00 25.91 ? 105 GLY B C   1 
ATOM   654  O O   . GLY B 1 5  ? 26.733  -19.080 -8.647  1.00 21.40 ? 105 GLY B O   1 
ATOM   655  N N   . GLU B 1 6  ? 25.263  -20.768 -8.356  1.00 22.55 ? 106 GLU B N   1 
ATOM   656  C CA  . GLU B 1 6  ? 26.252  -21.830 -8.387  1.00 27.39 ? 106 GLU B CA  1 
ATOM   657  C C   . GLU B 1 6  ? 27.074  -21.880 -9.666  1.00 27.27 ? 106 GLU B C   1 
ATOM   658  O O   . GLU B 1 6  ? 28.224  -22.294 -9.636  1.00 26.18 ? 106 GLU B O   1 
ATOM   659  C CB  . GLU B 1 6  ? 25.571  -23.184 -8.163  1.00 31.39 ? 106 GLU B CB  1 
ATOM   660  C CG  . GLU B 1 6  ? 25.082  -23.379 -6.733  1.00 36.96 ? 106 GLU B CG  1 
ATOM   661  C CD  . GLU B 1 6  ? 24.799  -24.836 -6.385  1.00 35.50 ? 106 GLU B CD  1 
ATOM   662  O OE1 . GLU B 1 6  ? 25.612  -25.708 -6.760  1.00 29.38 ? 106 GLU B OE1 1 
ATOM   663  O OE2 . GLU B 1 6  ? 23.773  -25.105 -5.727  1.00 36.04 ? 106 GLU B OE2 1 
ATOM   664  N N   . ARG B 1 7  ? 26.492  -21.468 -10.787 1.00 23.76 ? 107 ARG B N   1 
ATOM   665  C CA  . ARG B 1 7  ? 27.225  -21.494 -12.051 1.00 27.85 ? 107 ARG B CA  1 
ATOM   666  C C   . ARG B 1 7  ? 27.886  -20.151 -12.329 1.00 32.83 ? 107 ARG B C   1 
ATOM   667  O O   . ARG B 1 7  ? 28.276  -19.860 -13.460 1.00 41.80 ? 107 ARG B O   1 
ATOM   668  C CB  . ARG B 1 7  ? 26.293  -21.867 -13.209 1.00 32.80 ? 107 ARG B CB  1 
ATOM   669  C CG  . ARG B 1 7  ? 25.474  -23.127 -12.958 1.00 41.31 ? 107 ARG B CG  1 
ATOM   670  C CD  . ARG B 1 7  ? 24.962  -23.756 -14.248 1.00 45.94 ? 107 ARG B CD  1 
ATOM   671  N NE  . ARG B 1 7  ? 26.053  -24.279 -15.071 1.00 54.65 ? 107 ARG B NE  1 
ATOM   672  C CZ  . ARG B 1 7  ? 25.884  -25.016 -16.165 1.00 55.03 ? 107 ARG B CZ  1 
ATOM   673  N NH1 . ARG B 1 7  ? 26.938  -25.447 -16.851 1.00 56.45 ? 107 ARG B NH1 1 
ATOM   674  N NH2 . ARG B 1 7  ? 24.660  -25.329 -16.574 1.00 60.17 ? 107 ARG B NH2 1 
ATOM   675  N N   . ALA B 1 8  ? 28.006  -19.332 -11.292 1.00 28.92 ? 108 ALA B N   1 
ATOM   676  C CA  . ALA B 1 8  ? 28.621  -18.019 -11.422 1.00 32.63 ? 108 ALA B CA  1 
ATOM   677  C C   . ALA B 1 8  ? 29.499  -17.776 -10.207 1.00 25.65 ? 108 ALA B C   1 
ATOM   678  O O   . ALA B 1 8  ? 29.569  -16.666 -9.685  1.00 27.03 ? 108 ALA B O   1 
ATOM   679  C CB  . ALA B 1 8  ? 27.547  -16.938 -11.529 1.00 34.41 ? 108 ALA B CB  1 
ATOM   680  N N   . SER B 1 9  ? 30.153  -18.838 -9.757  1.00 30.46 ? 109 SER B N   1 
ATOM   681  C CA  . SER B 1 9  ? 31.056  -18.781 -8.614  1.00 29.85 ? 109 SER B CA  1 
ATOM   682  C C   . SER B 1 9  ? 30.394  -18.361 -7.310  1.00 31.99 ? 109 SER B C   1 
ATOM   683  O O   . SER B 1 9  ? 31.060  -17.838 -6.414  1.00 28.19 ? 109 SER B O   1 
ATOM   684  C CB  . SER B 1 9  ? 32.222  -17.836 -8.923  1.00 39.45 ? 109 SER B CB  1 
ATOM   685  O OG  . SER B 1 9  ? 32.920  -18.254 -10.085 1.00 40.55 ? 109 SER B OG  1 
ATOM   686  N N   . GLY B 1 10 ? 29.089  -18.601 -7.198  1.00 34.70 ? 110 GLY B N   1 
ATOM   687  C CA  . GLY B 1 10 ? 28.363  -18.249 -5.988  1.00 25.94 ? 110 GLY B CA  1 
ATOM   688  C C   . GLY B 1 10 ? 28.068  -16.767 -5.820  1.00 28.55 ? 110 GLY B C   1 
ATOM   689  O O   . GLY B 1 10 ? 27.639  -16.326 -4.756  1.00 25.45 ? 110 GLY B O   1 
ATOM   690  N N   . LYS B 1 11 ? 28.285  -15.988 -6.868  1.00 26.08 ? 111 LYS B N   1 
ATOM   691  C CA  . LYS B 1 11 ? 28.044  -14.551 -6.784  1.00 27.47 ? 111 LYS B CA  1 
ATOM   692  C C   . LYS B 1 11 ? 26.583  -14.225 -6.439  1.00 31.69 ? 111 LYS B C   1 
ATOM   693  O O   . LYS B 1 11 ? 25.659  -14.887 -6.905  1.00 24.26 ? 111 LYS B O   1 
ATOM   694  C CB  . LYS B 1 11 ? 28.450  -13.887 -8.106  1.00 36.79 ? 111 LYS B CB  1 
ATOM   695  C CG  . LYS B 1 11 ? 28.416  -12.367 -8.092  1.00 39.99 ? 111 LYS B CG  1 
ATOM   696  C CD  . LYS B 1 11 ? 28.889  -11.798 -9.425  1.00 44.39 ? 111 LYS B CD  1 
ATOM   697  C CE  . LYS B 1 11 ? 28.756  -10.283 -9.473  1.00 45.32 ? 111 LYS B CE  1 
ATOM   698  N NZ  . LYS B 1 11 ? 29.570  -9.617  -8.417  1.00 46.24 ? 111 LYS B NZ  1 
ATOM   699  N N   . ARG B 1 12 ? 26.387  -13.214 -5.597  1.00 28.40 ? 112 ARG B N   1 
ATOM   700  C CA  . ARG B 1 12 ? 25.051  -12.790 -5.191  1.00 35.53 ? 112 ARG B CA  1 
ATOM   701  C C   . ARG B 1 12 ? 24.572  -11.607 -6.025  1.00 29.09 ? 112 ARG B C   1 
ATOM   702  O O   . ARG B 1 12 ? 25.377  -10.877 -6.595  1.00 25.49 ? 112 ARG B O   1 
ATOM   703  C CB  . ARG B 1 12 ? 25.046  -12.396 -3.715  1.00 34.55 ? 112 ARG B CB  1 
ATOM   704  C CG  . ARG B 1 12 ? 24.426  -13.433 -2.804  1.00 43.22 ? 112 ARG B CG  1 
ATOM   705  C CD  . ARG B 1 12 ? 24.428  -12.956 -1.361  1.00 46.41 ? 112 ARG B CD  1 
ATOM   706  N NE  . ARG B 1 12 ? 23.622  -13.815 -0.499  1.00 51.57 ? 112 ARG B NE  1 
ATOM   707  C CZ  . ARG B 1 12 ? 23.873  -15.102 -0.272  1.00 58.93 ? 112 ARG B CZ  1 
ATOM   708  N NH1 . ARG B 1 12 ? 24.917  -15.691 -0.842  1.00 59.01 ? 112 ARG B NH1 1 
ATOM   709  N NH2 . ARG B 1 12 ? 23.071  -15.804 0.521   1.00 58.55 ? 112 ARG B NH2 1 
ATOM   710  N N   . CYS B 1 13 ? 23.260  -11.417 -6.097  1.00 23.86 ? 113 CYS B N   1 
ATOM   711  C CA  . CYS B 1 13 ? 22.717  -10.304 -6.865  1.00 28.46 ? 113 CYS B CA  1 
ATOM   712  C C   . CYS B 1 13 ? 22.760  -8.993  -6.095  1.00 27.02 ? 113 CYS B C   1 
ATOM   713  O O   . CYS B 1 13 ? 22.642  -8.974  -4.873  1.00 28.03 ? 113 CYS B O   1 
ATOM   714  C CB  . CYS B 1 13 ? 21.268  -10.574 -7.259  1.00 29.57 ? 113 CYS B CB  1 
ATOM   715  S SG  . CYS B 1 13 ? 21.027  -11.955 -8.403  1.00 21.39 ? 113 CYS B SG  1 
ATOM   716  N N   . PRO B 1 14 ? 22.913  -7.872  -6.812  1.00 35.04 ? 114 PRO B N   1 
ATOM   717  C CA  . PRO B 1 14 ? 22.963  -6.542  -6.202  1.00 37.69 ? 114 PRO B CA  1 
ATOM   718  C C   . PRO B 1 14 ? 21.565  -6.094  -5.806  1.00 39.72 ? 114 PRO B C   1 
ATOM   719  O O   . PRO B 1 14 ? 20.575  -6.636  -6.294  1.00 40.77 ? 114 PRO B O   1 
ATOM   720  C CB  . PRO B 1 14 ? 23.539  -5.683  -7.318  1.00 42.03 ? 114 PRO B CB  1 
ATOM   721  C CG  . PRO B 1 14 ? 22.949  -6.312  -8.538  1.00 43.70 ? 114 PRO B CG  1 
ATOM   722  C CD  . PRO B 1 14 ? 23.151  -7.789  -8.265  1.00 40.45 ? 114 PRO B CD  1 
ATOM   723  N N   . ASN B 1 15 ? 21.490  -5.105  -4.921  1.00 38.85 ? 115 ASN B N   1 
ATOM   724  C CA  . ASN B 1 15 ? 20.210  -4.574  -4.463  1.00 40.46 ? 115 ASN B CA  1 
ATOM   725  C C   . ASN B 1 15 ? 19.314  -5.625  -3.829  1.00 39.67 ? 115 ASN B C   1 
ATOM   726  O O   . ASN B 1 15 ? 18.145  -5.360  -3.551  1.00 44.78 ? 115 ASN B O   1 
ATOM   727  C CB  . ASN B 1 15 ? 19.460  -3.912  -5.621  1.00 42.90 ? 115 ASN B CB  1 
ATOM   728  C CG  . ASN B 1 15 ? 20.127  -2.638  -6.094  1.00 50.45 ? 115 ASN B CG  1 
ATOM   729  O OD1 . ASN B 1 15 ? 20.297  -1.690  -5.322  1.00 54.26 ? 115 ASN B OD1 1 
ATOM   730  N ND2 . ASN B 1 15 ? 20.507  -2.603  -7.368  1.00 47.33 ? 115 ASN B ND2 1 
ATOM   731  N N   . GLY B 1 16 ? 19.853  -6.820  -3.616  1.00 32.06 ? 116 GLY B N   1 
ATOM   732  C CA  . GLY B 1 16 ? 19.074  -7.875  -2.991  1.00 36.06 ? 116 GLY B CA  1 
ATOM   733  C C   . GLY B 1 16 ? 18.153  -8.660  -3.908  1.00 27.65 ? 116 GLY B C   1 
ATOM   734  O O   . GLY B 1 16 ? 17.238  -9.326  -3.433  1.00 28.79 ? 116 GLY B O   1 
ATOM   735  N N   . LYS B 1 17 ? 18.398  -8.592  -5.215  1.00 27.65 ? 117 LYS B N   1 
ATOM   736  C CA  . LYS B 1 17 ? 17.584  -9.303  -6.206  1.00 27.81 ? 117 LYS B CA  1 
ATOM   737  C C   . LYS B 1 17 ? 17.651  -10.826 -6.015  1.00 25.17 ? 117 LYS B C   1 
ATOM   738  O O   . LYS B 1 17 ? 18.616  -11.346 -5.471  1.00 20.89 ? 117 LYS B O   1 
ATOM   739  C CB  . LYS B 1 17 ? 18.071  -8.956  -7.622  1.00 26.57 ? 117 LYS B CB  1 
ATOM   740  C CG  . LYS B 1 17 ? 17.887  -7.499  -8.056  1.00 32.48 ? 117 LYS B CG  1 
ATOM   741  C CD  . LYS B 1 17 ? 16.532  -7.268  -8.711  1.00 39.16 ? 117 LYS B CD  1 
ATOM   742  C CE  . LYS B 1 17 ? 16.371  -5.833  -9.234  1.00 37.20 ? 117 LYS B CE  1 
ATOM   743  N NZ  . LYS B 1 17 ? 17.199  -5.514  -10.439 1.00 33.40 ? 117 LYS B NZ  1 
ATOM   744  N N   . CYS B 1 18 ? 16.623  -11.540 -6.461  1.00 22.68 ? 118 CYS B N   1 
ATOM   745  C CA  . CYS B 1 18 ? 16.614  -12.993 -6.345  1.00 21.60 ? 118 CYS B CA  1 
ATOM   746  C C   . CYS B 1 18 ? 17.450  -13.589 -7.451  1.00 21.61 ? 118 CYS B C   1 
ATOM   747  O O   . CYS B 1 18 ? 17.442  -13.072 -8.563  1.00 17.24 ? 118 CYS B O   1 
ATOM   748  C CB  . CYS B 1 18 ? 15.206  -13.545 -6.501  1.00 17.56 ? 118 CYS B CB  1 
ATOM   749  S SG  . CYS B 1 18 ? 14.051  -12.936 -5.254  1.00 20.46 ? 118 CYS B SG  1 
ATOM   750  N N   . CYS B 1 19 ? 18.149  -14.683 -7.164  1.00 13.16 ? 119 CYS B N   1 
ATOM   751  C CA  . CYS B 1 19 ? 18.945  -15.331 -8.201  1.00 19.68 ? 119 CYS B CA  1 
ATOM   752  C C   . CYS B 1 19 ? 18.181  -16.560 -8.663  1.00 19.65 ? 119 CYS B C   1 
ATOM   753  O O   . CYS B 1 19 ? 17.993  -17.510 -7.908  1.00 18.90 ? 119 CYS B O   1 
ATOM   754  C CB  . CYS B 1 19 ? 20.331  -15.741 -7.688  1.00 19.79 ? 119 CYS B CB  1 
ATOM   755  S SG  . CYS B 1 19 ? 21.345  -16.480 -9.011  1.00 19.77 ? 119 CYS B SG  1 
ATOM   756  N N   . SER B 1 20 ? 17.743  -16.528 -9.917  1.00 15.96 ? 120 SER B N   1 
ATOM   757  C CA  . SER B 1 20 ? 16.966  -17.610 -10.498 1.00 18.31 ? 120 SER B CA  1 
ATOM   758  C C   . SER B 1 20 ? 17.750  -18.907 -10.615 1.00 17.40 ? 120 SER B C   1 
ATOM   759  O O   . SER B 1 20 ? 18.972  -18.924 -10.492 1.00 20.21 ? 120 SER B O   1 
ATOM   760  C CB  . SER B 1 20 ? 16.474  -17.204 -11.884 1.00 17.09 ? 120 SER B CB  1 
ATOM   761  O OG  . SER B 1 20 ? 17.460  -17.463 -12.864 1.00 17.92 ? 120 SER B OG  1 
ATOM   762  N N   . GLN B 1 21 ? 17.019  -19.985 -10.874 1.00 14.52 ? 121 GLN B N   1 
ATOM   763  C CA  . GLN B 1 21 ? 17.590  -21.305 -11.032 1.00 23.44 ? 121 GLN B CA  1 
ATOM   764  C C   . GLN B 1 21 ? 18.553  -21.308 -12.208 1.00 25.86 ? 121 GLN B C   1 
ATOM   765  O O   . GLN B 1 21 ? 19.460  -22.132 -12.279 1.00 23.24 ? 121 GLN B O   1 
ATOM   766  C CB  . GLN B 1 21 ? 16.465  -22.314 -11.276 1.00 30.49 ? 121 GLN B CB  1 
ATOM   767  C CG  . GLN B 1 21 ? 16.928  -23.710 -11.613 1.00 34.45 ? 121 GLN B CG  1 
ATOM   768  C CD  . GLN B 1 21 ? 15.768  -24.672 -11.776 1.00 41.28 ? 121 GLN B CD  1 
ATOM   769  O OE1 . GLN B 1 21 ? 15.034  -24.943 -10.826 1.00 43.77 ? 121 GLN B OE1 1 
ATOM   770  N NE2 . GLN B 1 21 ? 15.595  -25.190 -12.984 1.00 36.91 ? 121 GLN B NE2 1 
ATOM   771  N N   . TRP B 1 22 ? 18.364  -20.367 -13.124 1.00 24.01 ? 122 TRP B N   1 
ATOM   772  C CA  . TRP B 1 22 ? 19.206  -20.287 -14.307 1.00 22.62 ? 122 TRP B CA  1 
ATOM   773  C C   . TRP B 1 22 ? 20.399  -19.364 -14.165 1.00 21.61 ? 122 TRP B C   1 
ATOM   774  O O   . TRP B 1 22 ? 21.199  -19.234 -15.092 1.00 22.52 ? 122 TRP B O   1 
ATOM   775  C CB  . TRP B 1 22 ? 18.350  -19.875 -15.502 1.00 19.79 ? 122 TRP B CB  1 
ATOM   776  C CG  . TRP B 1 22 ? 17.281  -20.872 -15.765 1.00 21.07 ? 122 TRP B CG  1 
ATOM   777  C CD1 . TRP B 1 22 ? 17.408  -22.049 -16.444 1.00 23.67 ? 122 TRP B CD1 1 
ATOM   778  C CD2 . TRP B 1 22 ? 15.937  -20.836 -15.271 1.00 24.75 ? 122 TRP B CD2 1 
ATOM   779  N NE1 . TRP B 1 22 ? 16.225  -22.748 -16.407 1.00 36.30 ? 122 TRP B NE1 1 
ATOM   780  C CE2 . TRP B 1 22 ? 15.303  -22.022 -15.699 1.00 27.45 ? 122 TRP B CE2 1 
ATOM   781  C CE3 . TRP B 1 22 ? 15.200  -19.908 -14.522 1.00 29.67 ? 122 TRP B CE3 1 
ATOM   782  C CZ2 . TRP B 1 22 ? 13.974  -22.319 -15.382 1.00 34.39 ? 122 TRP B CZ2 1 
ATOM   783  C CZ3 . TRP B 1 22 ? 13.874  -20.201 -14.206 1.00 28.90 ? 122 TRP B CZ3 1 
ATOM   784  C CH2 . TRP B 1 22 ? 13.274  -21.394 -14.644 1.00 33.09 ? 122 TRP B CH2 1 
ATOM   785  N N   . GLY B 1 23 ? 20.513  -18.716 -13.011 1.00 20.64 ? 123 GLY B N   1 
ATOM   786  C CA  . GLY B 1 23 ? 21.641  -17.832 -12.761 1.00 18.55 ? 123 GLY B CA  1 
ATOM   787  C C   . GLY B 1 23 ? 21.502  -16.370 -13.158 1.00 21.17 ? 123 GLY B C   1 
ATOM   788  O O   . GLY B 1 23 ? 22.498  -15.742 -13.500 1.00 21.24 ? 123 GLY B O   1 
ATOM   789  N N   . TYR B 1 24 ? 20.283  -15.833 -13.114 1.00 18.21 ? 124 TYR B N   1 
ATOM   790  C CA  . TYR B 1 24 ? 20.028  -14.428 -13.450 1.00 19.82 ? 124 TYR B CA  1 
ATOM   791  C C   . TYR B 1 24 ? 19.298  -13.705 -12.320 1.00 19.75 ? 124 TYR B C   1 
ATOM   792  O O   . TYR B 1 24 ? 18.541  -14.321 -11.563 1.00 19.64 ? 124 TYR B O   1 
ATOM   793  C CB  . TYR B 1 24 ? 19.204  -14.334 -14.731 1.00 24.88 ? 124 TYR B CB  1 
ATOM   794  C CG  . TYR B 1 24 ? 19.971  -14.767 -15.947 1.00 20.35 ? 124 TYR B CG  1 
ATOM   795  C CD1 . TYR B 1 24 ? 20.792  -13.872 -16.623 1.00 30.58 ? 124 TYR B CD1 1 
ATOM   796  C CD2 . TYR B 1 24 ? 19.914  -16.077 -16.393 1.00 22.51 ? 124 TYR B CD2 1 
ATOM   797  C CE1 . TYR B 1 24 ? 21.541  -14.274 -17.723 1.00 31.50 ? 124 TYR B CE1 1 
ATOM   798  C CE2 . TYR B 1 24 ? 20.659  -16.493 -17.494 1.00 27.97 ? 124 TYR B CE2 1 
ATOM   799  C CZ  . TYR B 1 24 ? 21.470  -15.585 -18.151 1.00 32.32 ? 124 TYR B CZ  1 
ATOM   800  O OH  . TYR B 1 24 ? 22.204  -15.993 -19.241 1.00 36.78 ? 124 TYR B OH  1 
ATOM   801  N N   . CYS B 1 25 ? 19.510  -12.394 -12.223 1.00 18.71 ? 125 CYS B N   1 
ATOM   802  C CA  . CYS B 1 25 ? 18.904  -11.580 -11.168 1.00 20.44 ? 125 CYS B CA  1 
ATOM   803  C C   . CYS B 1 25 ? 17.578  -10.925 -11.539 1.00 24.41 ? 125 CYS B C   1 
ATOM   804  O O   . CYS B 1 25 ? 17.437  -10.358 -12.622 1.00 25.08 ? 125 CYS B O   1 
ATOM   805  C CB  . CYS B 1 25 ? 19.885  -10.495 -10.745 1.00 24.76 ? 125 CYS B CB  1 
ATOM   806  S SG  . CYS B 1 25 ? 21.483  -11.176 -10.214 1.00 24.46 ? 125 CYS B SG  1 
ATOM   807  N N   . GLY B 1 26 ? 16.614  -10.995 -10.625 1.00 16.22 ? 126 GLY B N   1 
ATOM   808  C CA  . GLY B 1 26 ? 15.311  -10.407 -10.881 1.00 20.95 ? 126 GLY B CA  1 
ATOM   809  C C   . GLY B 1 26 ? 14.464  -10.400 -9.628  1.00 16.34 ? 126 GLY B C   1 
ATOM   810  O O   . GLY B 1 26 ? 14.936  -10.808 -8.569  1.00 20.79 ? 126 GLY B O   1 
ATOM   811  N N   . THR B 1 27 ? 13.215  -9.955  -9.741  1.00 16.84 ? 127 THR B N   1 
ATOM   812  C CA  . THR B 1 27 ? 12.315  -9.885  -8.588  1.00 19.16 ? 127 THR B CA  1 
ATOM   813  C C   . THR B 1 27 ? 10.967  -10.546 -8.844  1.00 22.34 ? 127 THR B C   1 
ATOM   814  O O   . THR B 1 27 ? 10.114  -10.570 -7.959  1.00 25.17 ? 127 THR B O   1 
ATOM   815  C CB  . THR B 1 27 ? 12.022  -8.432  -8.188  1.00 26.05 ? 127 THR B CB  1 
ATOM   816  O OG1 . THR B 1 27 ? 11.344  -7.772  -9.265  1.00 22.70 ? 127 THR B OG1 1 
ATOM   817  C CG2 . THR B 1 27 ? 13.302  -7.692  -7.884  1.00 25.48 ? 127 THR B CG2 1 
ATOM   818  N N   . THR B 1 28 ? 10.761  -11.058 -10.051 1.00 17.75 ? 128 THR B N   1 
ATOM   819  C CA  . THR B 1 28 ? 9.491   -11.707 -10.370 1.00 18.22 ? 128 THR B CA  1 
ATOM   820  C C   . THR B 1 28 ? 9.505   -13.163 -9.924  1.00 18.26 ? 128 THR B C   1 
ATOM   821  O O   . THR B 1 28 ? 10.512  -13.659 -9.411  1.00 18.07 ? 128 THR B O   1 
ATOM   822  C CB  . THR B 1 28 ? 9.181   -11.646 -11.882 1.00 24.35 ? 128 THR B CB  1 
ATOM   823  O OG1 . THR B 1 28 ? 10.236  -12.273 -12.619 1.00 23.00 ? 128 THR B OG1 1 
ATOM   824  C CG2 . THR B 1 28 ? 9.039   -10.198 -12.344 1.00 29.25 ? 128 THR B CG2 1 
ATOM   825  N N   . ASP B 1 29 ? 8.391   -13.857 -10.129 1.00 16.21 ? 129 ASP B N   1 
ATOM   826  C CA  . ASP B 1 29 ? 8.307   -15.251 -9.716  1.00 18.12 ? 129 ASP B CA  1 
ATOM   827  C C   . ASP B 1 29 ? 9.333   -16.166 -10.378 1.00 26.37 ? 129 ASP B C   1 
ATOM   828  O O   . ASP B 1 29 ? 9.822   -17.102 -9.745  1.00 21.19 ? 129 ASP B O   1 
ATOM   829  C CB  . ASP B 1 29 ? 6.899   -15.801 -9.962  1.00 21.59 ? 129 ASP B CB  1 
ATOM   830  C CG  . ASP B 1 29 ? 6.758   -17.253 -9.537  1.00 20.45 ? 129 ASP B CG  1 
ATOM   831  O OD1 . ASP B 1 29 ? 6.620   -18.115 -10.430 1.00 23.94 ? 129 ASP B OD1 1 
ATOM   832  O OD2 . ASP B 1 29 ? 6.792   -17.535 -8.319  1.00 18.01 ? 129 ASP B OD2 1 
ATOM   833  N N   . ASN B 1 30 ? 9.661   -15.915 -11.644 1.00 19.43 ? 130 ASN B N   1 
ATOM   834  C CA  . ASN B 1 30 ? 10.642  -16.756 -12.316 1.00 19.65 ? 130 ASN B CA  1 
ATOM   835  C C   . ASN B 1 30 ? 12.010  -16.662 -11.654 1.00 25.40 ? 130 ASN B C   1 
ATOM   836  O O   . ASN B 1 30 ? 12.876  -17.496 -11.893 1.00 21.92 ? 130 ASN B O   1 
ATOM   837  C CB  . ASN B 1 30 ? 10.771  -16.373 -13.788 1.00 21.38 ? 130 ASN B CB  1 
ATOM   838  C CG  . ASN B 1 30 ? 9.527   -16.702 -14.578 1.00 31.33 ? 130 ASN B CG  1 
ATOM   839  O OD1 . ASN B 1 30 ? 8.990   -17.804 -14.470 1.00 34.45 ? 130 ASN B OD1 1 
ATOM   840  N ND2 . ASN B 1 30 ? 9.060   -15.748 -15.376 1.00 36.74 ? 130 ASN B ND2 1 
ATOM   841  N N   . TYR B 1 31 ? 12.194  -15.644 -10.821 1.00 21.38 ? 131 TYR B N   1 
ATOM   842  C CA  . TYR B 1 31 ? 13.467  -15.431 -10.144 1.00 23.07 ? 131 TYR B CA  1 
ATOM   843  C C   . TYR B 1 31 ? 13.456  -15.828 -8.674  1.00 16.28 ? 131 TYR B C   1 
ATOM   844  O O   . TYR B 1 31 ? 14.393  -16.466 -8.171  1.00 20.89 ? 131 TYR B O   1 
ATOM   845  C CB  . TYR B 1 31 ? 13.858  -13.956 -10.249 1.00 15.95 ? 131 TYR B CB  1 
ATOM   846  C CG  . TYR B 1 31 ? 14.163  -13.505 -11.653 1.00 23.65 ? 131 TYR B CG  1 
ATOM   847  C CD1 . TYR B 1 31 ? 15.455  -13.580 -12.161 1.00 20.16 ? 131 TYR B CD1 1 
ATOM   848  C CD2 . TYR B 1 31 ? 13.151  -13.011 -12.486 1.00 19.83 ? 131 TYR B CD2 1 
ATOM   849  C CE1 . TYR B 1 31 ? 15.737  -13.173 -13.466 1.00 21.10 ? 131 TYR B CE1 1 
ATOM   850  C CE2 . TYR B 1 31 ? 13.425  -12.604 -13.791 1.00 24.02 ? 131 TYR B CE2 1 
ATOM   851  C CZ  . TYR B 1 31 ? 14.720  -12.685 -14.273 1.00 24.91 ? 131 TYR B CZ  1 
ATOM   852  O OH  . TYR B 1 31 ? 15.005  -12.281 -15.564 1.00 23.11 ? 131 TYR B OH  1 
ATOM   853  N N   . CYS B 1 32 ? 12.392  -15.436 -7.992  1.00 18.36 ? 132 CYS B N   1 
ATOM   854  C CA  . CYS B 1 32 ? 12.238  -15.678 -6.566  1.00 24.08 ? 132 CYS B CA  1 
ATOM   855  C C   . CYS B 1 32 ? 11.436  -16.929 -6.250  1.00 24.91 ? 132 CYS B C   1 
ATOM   856  O O   . CYS B 1 32 ? 11.509  -17.462 -5.143  1.00 23.95 ? 132 CYS B O   1 
ATOM   857  C CB  . CYS B 1 32 ? 11.546  -14.475 -5.917  1.00 23.40 ? 132 CYS B CB  1 
ATOM   858  S SG  . CYS B 1 32 ? 12.297  -12.857 -6.267  1.00 19.65 ? 132 CYS B SG  1 
ATOM   859  N N   . GLY B 1 33 ? 10.671  -17.388 -7.228  1.00 21.93 ? 133 GLY B N   1 
ATOM   860  C CA  . GLY B 1 33 ? 9.839   -18.556 -7.029  1.00 26.14 ? 133 GLY B CA  1 
ATOM   861  C C   . GLY B 1 33 ? 10.583  -19.869 -6.979  1.00 22.82 ? 133 GLY B C   1 
ATOM   862  O O   . GLY B 1 33 ? 11.644  -19.976 -6.366  1.00 29.20 ? 133 GLY B O   1 
ATOM   863  N N   . GLN B 1 34 ? 10.018  -20.879 -7.630  1.00 27.18 ? 134 GLN B N   1 
ATOM   864  C CA  . GLN B 1 34 ? 10.622  -22.199 -7.646  1.00 29.95 ? 134 GLN B CA  1 
ATOM   865  C C   . GLN B 1 34 ? 11.991  -22.213 -8.319  1.00 30.25 ? 134 GLN B C   1 
ATOM   866  O O   . GLN B 1 34 ? 12.167  -21.673 -9.413  1.00 29.80 ? 134 GLN B O   1 
ATOM   867  C CB  . GLN B 1 34 ? 9.701   -23.190 -8.355  1.00 36.43 ? 134 GLN B CB  1 
ATOM   868  C CG  . GLN B 1 34 ? 10.206  -24.623 -8.315  1.00 44.15 ? 134 GLN B CG  1 
ATOM   869  C CD  . GLN B 1 34 ? 9.275   -25.586 -9.016  1.00 50.34 ? 134 GLN B CD  1 
ATOM   870  O OE1 . GLN B 1 34 ? 9.020   -25.456 -10.213 1.00 53.57 ? 134 GLN B OE1 1 
ATOM   871  N NE2 . GLN B 1 34 ? 8.760   -26.562 -8.274  1.00 54.56 ? 134 GLN B NE2 1 
ATOM   872  N N   . GLY B 1 35 ? 12.955  -22.836 -7.653  1.00 25.23 ? 135 GLY B N   1 
ATOM   873  C CA  . GLY B 1 35 ? 14.293  -22.934 -8.206  1.00 29.08 ? 135 GLY B CA  1 
ATOM   874  C C   . GLY B 1 35 ? 15.212  -21.805 -7.801  1.00 23.30 ? 135 GLY B C   1 
ATOM   875  O O   . GLY B 1 35 ? 16.402  -21.839 -8.089  1.00 21.45 ? 135 GLY B O   1 
ATOM   876  N N   . CYS B 1 36 ? 14.663  -20.801 -7.135  1.00 18.88 ? 136 CYS B N   1 
ATOM   877  C CA  . CYS B 1 36 ? 15.472  -19.672 -6.703  1.00 20.08 ? 136 CYS B CA  1 
ATOM   878  C C   . CYS B 1 36 ? 16.670  -20.162 -5.890  1.00 24.00 ? 136 CYS B C   1 
ATOM   879  O O   . CYS B 1 36 ? 16.521  -21.014 -5.017  1.00 20.09 ? 136 CYS B O   1 
ATOM   880  C CB  . CYS B 1 36 ? 14.628  -18.708 -5.873  1.00 14.50 ? 136 CYS B CB  1 
ATOM   881  S SG  . CYS B 1 36 ? 15.609  -17.338 -5.222  1.00 19.17 ? 136 CYS B SG  1 
ATOM   882  N N   . GLN B 1 37 ? 17.853  -19.625 -6.188  1.00 22.67 ? 137 GLN B N   1 
ATOM   883  C CA  . GLN B 1 37 ? 19.099  -20.015 -5.510  1.00 20.88 ? 137 GLN B CA  1 
ATOM   884  C C   . GLN B 1 37 ? 19.487  -19.204 -4.272  1.00 24.74 ? 137 GLN B C   1 
ATOM   885  O O   . GLN B 1 37 ? 19.916  -19.771 -3.267  1.00 26.06 ? 137 GLN B O   1 
ATOM   886  C CB  . GLN B 1 37 ? 20.274  -19.952 -6.495  1.00 18.89 ? 137 GLN B CB  1 
ATOM   887  C CG  . GLN B 1 37 ? 20.209  -20.918 -7.641  1.00 24.38 ? 137 GLN B CG  1 
ATOM   888  C CD  . GLN B 1 37 ? 21.466  -20.881 -8.486  1.00 31.66 ? 137 GLN B CD  1 
ATOM   889  O OE1 . GLN B 1 37 ? 22.568  -21.152 -8.001  1.00 18.65 ? 137 GLN B OE1 1 
ATOM   890  N NE2 . GLN B 1 37 ? 21.308  -20.536 -9.758  1.00 20.88 ? 137 GLN B NE2 1 
ATOM   891  N N   . SER B 1 38 ? 19.364  -17.882 -4.340  1.00 18.91 ? 138 SER B N   1 
ATOM   892  C CA  . SER B 1 38 ? 19.742  -17.037 -3.207  1.00 24.04 ? 138 SER B CA  1 
ATOM   893  C C   . SER B 1 38 ? 18.945  -15.743 -3.154  1.00 22.56 ? 138 SER B C   1 
ATOM   894  O O   . SER B 1 38 ? 18.432  -15.288 -4.176  1.00 17.58 ? 138 SER B O   1 
ATOM   895  C CB  . SER B 1 38 ? 21.229  -16.697 -3.290  1.00 21.19 ? 138 SER B CB  1 
ATOM   896  O OG  . SER B 1 38 ? 21.505  -15.987 -4.485  1.00 24.79 ? 138 SER B OG  1 
ATOM   897  N N   . GLN B 1 39 ? 18.882  -15.145 -1.964  1.00 25.07 ? 139 GLN B N   1 
ATOM   898  C CA  . GLN B 1 39 ? 18.145  -13.903 -1.729  1.00 22.53 ? 139 GLN B CA  1 
ATOM   899  C C   . GLN B 1 39 ? 16.719  -14.011 -2.262  1.00 18.27 ? 139 GLN B C   1 
ATOM   900  O O   . GLN B 1 39 ? 16.193  -13.073 -2.859  1.00 18.71 ? 139 GLN B O   1 
ATOM   901  C CB  . GLN B 1 39 ? 18.875  -12.723 -2.382  1.00 22.30 ? 139 GLN B CB  1 
ATOM   902  C CG  . GLN B 1 39 ? 20.171  -12.375 -1.669  1.00 24.05 ? 139 GLN B CG  1 
ATOM   903  C CD  . GLN B 1 39 ? 20.937  -11.230 -2.306  1.00 34.55 ? 139 GLN B CD  1 
ATOM   904  O OE1 . GLN B 1 39 ? 21.970  -10.804 -1.786  1.00 32.83 ? 139 GLN B OE1 1 
ATOM   905  N NE2 . GLN B 1 39 ? 20.446  -10.729 -3.433  1.00 25.22 ? 139 GLN B NE2 1 
ATOM   906  N N   . CYS B 1 40 ? 16.110  -15.172 -2.032  1.00 24.83 ? 140 CYS B N   1 
ATOM   907  C CA  . CYS B 1 40 ? 14.750  -15.469 -2.486  1.00 17.10 ? 140 CYS B CA  1 
ATOM   908  C C   . CYS B 1 40 ? 13.674  -14.759 -1.673  1.00 24.21 ? 140 CYS B C   1 
ATOM   909  O O   . CYS B 1 40 ? 12.487  -14.852 -1.999  1.00 21.58 ? 140 CYS B O   1 
ATOM   910  C CB  . CYS B 1 40 ? 14.529  -16.985 -2.447  1.00 23.53 ? 140 CYS B CB  1 
ATOM   911  S SG  . CYS B 1 40 ? 15.880  -17.868 -3.294  1.00 21.84 ? 140 CYS B SG  1 
ATOM   912  N N   . ASP B 1 41 ? 14.092  -14.042 -0.630  1.00 23.77 ? 141 ASP B N   1 
ATOM   913  C CA  . ASP B 1 41 ? 13.157  -13.320 0.235   1.00 22.57 ? 141 ASP B CA  1 
ATOM   914  C C   . ASP B 1 41 ? 13.177  -11.808 -0.006  1.00 21.32 ? 141 ASP B C   1 
ATOM   915  O O   . ASP B 1 41 ? 13.002  -11.009 0.914   1.00 22.29 ? 141 ASP B O   1 
ATOM   916  C CB  . ASP B 1 41 ? 13.450  -13.624 1.710   1.00 27.01 ? 141 ASP B CB  1 
ATOM   917  C CG  . ASP B 1 41 ? 13.308  -15.103 2.041   1.00 36.49 ? 141 ASP B CG  1 
ATOM   918  O OD1 . ASP B 1 41 ? 12.299  -15.715 1.623   1.00 35.81 ? 141 ASP B OD1 1 
ATOM   919  O OD2 . ASP B 1 41 ? 14.198  -15.650 2.727   1.00 40.76 ? 141 ASP B OD2 1 
ATOM   920  N N   . TYR B 1 42 ? 13.384  -11.423 -1.259  1.00 19.77 ? 142 TYR B N   1 
ATOM   921  C CA  . TYR B 1 42 ? 13.417  -10.017 -1.639  1.00 24.78 ? 142 TYR B CA  1 
ATOM   922  C C   . TYR B 1 42 ? 12.153  -9.265  -1.206  1.00 26.09 ? 142 TYR B C   1 
ATOM   923  O O   . TYR B 1 42 ? 12.203  -8.073  -0.876  1.00 21.95 ? 142 TYR B O   1 
ATOM   924  C CB  . TYR B 1 42 ? 13.594  -9.906  -3.154  1.00 23.71 ? 142 TYR B CB  1 
ATOM   925  C CG  . TYR B 1 42 ? 13.436  -8.508  -3.690  1.00 29.60 ? 142 TYR B CG  1 
ATOM   926  C CD1 . TYR B 1 42 ? 12.178  -8.011  -4.033  1.00 26.72 ? 142 TYR B CD1 1 
ATOM   927  C CD2 . TYR B 1 42 ? 14.539  -7.673  -3.838  1.00 31.87 ? 142 TYR B CD2 1 
ATOM   928  C CE1 . TYR B 1 42 ? 12.024  -6.718  -4.512  1.00 31.16 ? 142 TYR B CE1 1 
ATOM   929  C CE2 . TYR B 1 42 ? 14.395  -6.376  -4.314  1.00 33.38 ? 142 TYR B CE2 1 
ATOM   930  C CZ  . TYR B 1 42 ? 13.134  -5.908  -4.649  1.00 36.33 ? 142 TYR B CZ  1 
ATOM   931  O OH  . TYR B 1 42 ? 12.981  -4.627  -5.125  1.00 39.40 ? 142 TYR B OH  1 
ATOM   932  N N   . TRP B 1 43 ? 11.027  -9.970  -1.198  1.00 20.48 ? 143 TRP B N   1 
ATOM   933  C CA  . TRP B 1 43 ? 9.749   -9.376  -0.819  1.00 27.78 ? 143 TRP B CA  1 
ATOM   934  C C   . TRP B 1 43 ? 9.422   -9.496  0.666   1.00 31.29 ? 143 TRP B C   1 
ATOM   935  O O   . TRP B 1 43 ? 8.333   -9.104  1.095   1.00 27.53 ? 143 TRP B O   1 
ATOM   936  C CB  . TRP B 1 43 ? 8.614   -10.000 -1.642  1.00 21.42 ? 143 TRP B CB  1 
ATOM   937  C CG  . TRP B 1 43 ? 8.755   -9.747  -3.101  1.00 29.19 ? 143 TRP B CG  1 
ATOM   938  C CD1 . TRP B 1 43 ? 9.297   -10.586 -4.031  1.00 24.51 ? 143 TRP B CD1 1 
ATOM   939  C CD2 . TRP B 1 43 ? 8.401   -8.547  -3.800  1.00 26.14 ? 143 TRP B CD2 1 
ATOM   940  N NE1 . TRP B 1 43 ? 9.300   -9.986  -5.267  1.00 28.19 ? 143 TRP B NE1 1 
ATOM   941  C CE2 . TRP B 1 43 ? 8.758   -8.733  -5.153  1.00 30.26 ? 143 TRP B CE2 1 
ATOM   942  C CE3 . TRP B 1 43 ? 7.818   -7.332  -3.413  1.00 33.16 ? 143 TRP B CE3 1 
ATOM   943  C CZ2 . TRP B 1 43 ? 8.554   -7.748  -6.125  1.00 31.68 ? 143 TRP B CZ2 1 
ATOM   944  C CZ3 . TRP B 1 43 ? 7.613   -6.351  -4.380  1.00 38.72 ? 143 TRP B CZ3 1 
ATOM   945  C CH2 . TRP B 1 43 ? 7.981   -6.567  -5.722  1.00 39.11 ? 143 TRP B CH2 1 
ATOM   946  N N   . ARG B 1 44 ? 10.350  -10.048 1.443   1.00 30.74 ? 144 ARG B N   1 
ATOM   947  C CA  . ARG B 1 44 ? 10.140  -10.203 2.881   1.00 29.43 ? 144 ARG B CA  1 
ATOM   948  C C   . ARG B 1 44 ? 10.804  -9.047  3.629   1.00 30.99 ? 144 ARG B C   1 
ATOM   949  O O   . ARG B 1 44 ? 11.669  -8.358  3.085   1.00 28.94 ? 144 ARG B O   1 
ATOM   950  C CB  . ARG B 1 44 ? 10.697  -11.544 3.373   1.00 32.03 ? 144 ARG B CB  1 
ATOM   951  C CG  . ARG B 1 44 ? 10.149  -12.760 2.638   1.00 35.94 ? 144 ARG B CG  1 
ATOM   952  C CD  . ARG B 1 44 ? 8.641   -12.706 2.529   1.00 29.62 ? 144 ARG B CD  1 
ATOM   953  N NE  . ARG B 1 44 ? 7.968   -12.732 3.826   1.00 37.74 ? 144 ARG B NE  1 
ATOM   954  C CZ  . ARG B 1 44 ? 7.732   -13.833 4.535   1.00 43.97 ? 144 ARG B CZ  1 
ATOM   955  N NH1 . ARG B 1 44 ? 8.114   -15.018 4.078   1.00 44.86 ? 144 ARG B NH1 1 
ATOM   956  N NH2 . ARG B 1 44 ? 7.097   -13.754 5.697   1.00 35.41 ? 144 ARG B NH2 1 
ATOM   957  N N   . CYS B 1 45 ? 10.411  -8.846  4.882   1.00 23.77 ? 145 CYS B N   1 
ATOM   958  C CA  . CYS B 1 45 ? 10.936  -7.735  5.668   1.00 24.28 ? 145 CYS B CA  1 
ATOM   959  C C   . CYS B 1 45 ? 10.511  -7.860  7.125   1.00 17.92 ? 145 CYS B C   1 
ATOM   960  O O   . CYS B 1 45 ? 9.678   -8.691  7.463   1.00 21.20 ? 145 CYS B O   1 
ATOM   961  C CB  . CYS B 1 45 ? 10.347  -6.446  5.127   1.00 21.34 ? 145 CYS B CB  1 
ATOM   962  S SG  . CYS B 1 45 ? 8.521   -6.533  5.207   1.00 25.63 ? 145 CYS B SG  1 
ATOM   963  N N   . GLY B 1 46 ? 11.071  -7.013  7.982   1.00 24.28 ? 146 GLY B N   1 
ATOM   964  C CA  . GLY B 1 46 ? 10.669  -7.050  9.373   1.00 26.60 ? 146 GLY B CA  1 
ATOM   965  C C   . GLY B 1 46 ? 11.536  -7.866  10.296  1.00 25.70 ? 146 GLY B C   1 
ATOM   966  O O   . GLY B 1 46 ? 12.602  -8.349  9.904   1.00 23.90 ? 146 GLY B O   1 
ATOM   967  N N   . ARG B 1 47 ? 11.061  -8.028  11.526  1.00 29.35 ? 147 ARG B N   1 
ATOM   968  C CA  . ARG B 1 47 ? 11.794  -8.762  12.549  1.00 39.46 ? 147 ARG B CA  1 
ATOM   969  C C   . ARG B 1 47 ? 12.233  -10.151 12.125  1.00 40.20 ? 147 ARG B C   1 
ATOM   970  O O   . ARG B 1 47 ? 13.374  -10.543 12.368  1.00 45.78 ? 147 ARG B O   1 
ATOM   971  C CB  . ARG B 1 47 ? 10.961  -8.861  13.830  1.00 40.89 ? 147 ARG B CB  1 
ATOM   972  C CG  . ARG B 1 47 ? 9.624   -9.552  13.657  1.00 45.15 ? 147 ARG B CG  1 
ATOM   973  C CD  . ARG B 1 47 ? 8.901   -9.673  14.994  1.00 51.95 ? 147 ARG B CD  1 
ATOM   974  N NE  . ARG B 1 47 ? 7.569   -10.260 14.858  1.00 58.50 ? 147 ARG B NE  1 
ATOM   975  C CZ  . ARG B 1 47 ? 6.545   -9.677  14.241  1.00 56.71 ? 147 ARG B CZ  1 
ATOM   976  N NH1 . ARG B 1 47 ? 6.683   -8.477  13.691  1.00 57.59 ? 147 ARG B NH1 1 
ATOM   977  N NH2 . ARG B 1 47 ? 5.374   -10.296 14.175  1.00 58.95 ? 147 ARG B NH2 1 
ATOM   978  N N   . ASP B 1 48 ? 11.336  -10.896 11.492  1.00 36.24 ? 148 ASP B N   1 
ATOM   979  C CA  . ASP B 1 48 ? 11.665  -12.250 11.066  1.00 41.30 ? 148 ASP B CA  1 
ATOM   980  C C   . ASP B 1 48 ? 12.726  -12.298 9.972   1.00 35.21 ? 148 ASP B C   1 
ATOM   981  O O   . ASP B 1 48 ? 13.122  -13.377 9.541   1.00 41.12 ? 148 ASP B O   1 
ATOM   982  C CB  . ASP B 1 48 ? 10.402  -12.976 10.595  1.00 46.69 ? 148 ASP B CB  1 
ATOM   983  C CG  . ASP B 1 48 ? 9.353   -13.081 11.682  1.00 51.33 ? 148 ASP B CG  1 
ATOM   984  O OD1 . ASP B 1 48 ? 9.687   -13.560 12.788  1.00 48.05 ? 148 ASP B OD1 1 
ATOM   985  O OD2 . ASP B 1 48 ? 8.194   -12.686 11.431  1.00 56.50 ? 148 ASP B OD2 1 
ATOM   986  N N   . PHE B 1 49 ? 13.186  -11.132 9.528   1.00 35.60 ? 149 PHE B N   1 
ATOM   987  C CA  . PHE B 1 49 ? 14.203  -11.055 8.485   1.00 34.48 ? 149 PHE B CA  1 
ATOM   988  C C   . PHE B 1 49 ? 15.264  -10.000 8.770   1.00 38.98 ? 149 PHE B C   1 
ATOM   989  O O   . PHE B 1 49 ? 15.534  -9.134  7.936   1.00 33.64 ? 149 PHE B O   1 
ATOM   990  C CB  . PHE B 1 49 ? 13.547  -10.782 7.130   1.00 37.20 ? 149 PHE B CB  1 
ATOM   991  C CG  . PHE B 1 49 ? 12.584  -11.845 6.710   1.00 27.06 ? 149 PHE B CG  1 
ATOM   992  C CD1 . PHE B 1 49 ? 11.276  -11.843 7.185   1.00 28.93 ? 149 PHE B CD1 1 
ATOM   993  C CD2 . PHE B 1 49 ? 13.003  -12.896 5.903   1.00 35.04 ? 149 PHE B CD2 1 
ATOM   994  C CE1 . PHE B 1 49 ? 10.400  -12.874 6.860   1.00 27.82 ? 149 PHE B CE1 1 
ATOM   995  C CE2 . PHE B 1 49 ? 12.134  -13.931 5.572   1.00 31.95 ? 149 PHE B CE2 1 
ATOM   996  C CZ  . PHE B 1 49 ? 10.830  -13.921 6.055   1.00 33.21 ? 149 PHE B CZ  1 
ATOM   997  N N   . GLY B 1 50 ? 15.860  -10.087 9.959   1.00 38.07 ? 150 GLY B N   1 
ATOM   998  C CA  . GLY B 1 50 ? 16.896  -9.151  10.355  1.00 38.28 ? 150 GLY B CA  1 
ATOM   999  C C   . GLY B 1 50 ? 16.451  -7.706  10.323  1.00 39.39 ? 150 GLY B C   1 
ATOM   1000 O O   . GLY B 1 50 ? 17.265  -6.802  10.115  1.00 35.88 ? 150 GLY B O   1 
ATOM   1001 N N   . GLY B 1 51 ? 15.155  -7.486  10.526  1.00 37.95 ? 151 GLY B N   1 
ATOM   1002 C CA  . GLY B 1 51 ? 14.624  -6.138  10.512  1.00 33.61 ? 151 GLY B CA  1 
ATOM   1003 C C   . GLY B 1 51 ? 14.919  -5.443  9.201   1.00 31.77 ? 151 GLY B C   1 
ATOM   1004 O O   . GLY B 1 51 ? 15.024  -4.218  9.141   1.00 34.27 ? 151 GLY B O   1 
ATOM   1005 N N   . ARG B 1 52 ? 15.050  -6.223  8.136   1.00 35.18 ? 152 ARG B N   1 
ATOM   1006 C CA  . ARG B 1 52 ? 15.343  -5.643  6.837   1.00 36.81 ? 152 ARG B CA  1 
ATOM   1007 C C   . ARG B 1 52 ? 14.230  -4.688  6.420   1.00 34.32 ? 152 ARG B C   1 
ATOM   1008 O O   . ARG B 1 52 ? 13.058  -4.916  6.715   1.00 28.84 ? 152 ARG B O   1 
ATOM   1009 C CB  . ARG B 1 52 ? 15.494  -6.740  5.783   1.00 42.06 ? 152 ARG B CB  1 
ATOM   1010 C CG  . ARG B 1 52 ? 16.305  -6.305  4.581   1.00 48.39 ? 152 ARG B CG  1 
ATOM   1011 C CD  . ARG B 1 52 ? 15.898  -7.064  3.334   1.00 52.48 ? 152 ARG B CD  1 
ATOM   1012 N NE  . ARG B 1 52 ? 14.573  -6.651  2.879   1.00 58.63 ? 152 ARG B NE  1 
ATOM   1013 C CZ  . ARG B 1 52 ? 14.029  -7.007  1.720   1.00 56.64 ? 152 ARG B CZ  1 
ATOM   1014 N NH1 . ARG B 1 52 ? 12.816  -6.576  1.397   1.00 59.66 ? 152 ARG B NH1 1 
ATOM   1015 N NH2 . ARG B 1 52 ? 14.695  -7.789  0.880   1.00 55.95 ? 152 ARG B NH2 1 
ATOM   1016 N N   . LEU B 1 53 ? 14.612  -3.612  5.744   1.00 31.66 ? 153 LEU B N   1 
ATOM   1017 C CA  . LEU B 1 53 ? 13.665  -2.617  5.263   1.00 37.13 ? 153 LEU B CA  1 
ATOM   1018 C C   . LEU B 1 53 ? 13.317  -2.950  3.816   1.00 40.59 ? 153 LEU B C   1 
ATOM   1019 O O   . LEU B 1 53 ? 14.162  -3.453  3.077   1.00 41.88 ? 153 LEU B O   1 
ATOM   1020 C CB  . LEU B 1 53 ? 14.295  -1.226  5.329   1.00 45.20 ? 153 LEU B CB  1 
ATOM   1021 C CG  . LEU B 1 53 ? 14.810  -0.777  6.696   1.00 43.69 ? 153 LEU B CG  1 
ATOM   1022 C CD1 . LEU B 1 53 ? 15.455  0.592   6.572   1.00 50.53 ? 153 LEU B CD1 1 
ATOM   1023 C CD2 . LEU B 1 53 ? 13.661  -0.738  7.687   1.00 46.09 ? 153 LEU B CD2 1 
ATOM   1024 N N   . CYS B 1 54 ? 12.081  -2.670  3.407   1.00 39.72 ? 154 CYS B N   1 
ATOM   1025 C CA  . CYS B 1 54 ? 11.661  -2.955  2.036   1.00 39.77 ? 154 CYS B CA  1 
ATOM   1026 C C   . CYS B 1 54 ? 12.286  -2.036  1.012   1.00 45.83 ? 154 CYS B C   1 
ATOM   1027 O O   . CYS B 1 54 ? 12.546  -0.864  1.281   1.00 40.66 ? 154 CYS B O   1 
ATOM   1028 C CB  . CYS B 1 54 ? 10.147  -2.844  1.879   1.00 32.83 ? 154 CYS B CB  1 
ATOM   1029 S SG  . CYS B 1 54 ? 9.203   -4.113  2.756   1.00 27.08 ? 154 CYS B SG  1 
ATOM   1030 N N   . GLU B 1 55 ? 12.514  -2.582  -0.175  1.00 46.45 ? 155 GLU B N   1 
ATOM   1031 C CA  . GLU B 1 55 ? 13.071  -1.804  -1.262  1.00 49.30 ? 155 GLU B CA  1 
ATOM   1032 C C   . GLU B 1 55 ? 11.922  -1.032  -1.888  1.00 50.38 ? 155 GLU B C   1 
ATOM   1033 O O   . GLU B 1 55 ? 10.757  -1.247  -1.545  1.00 50.83 ? 155 GLU B O   1 
ATOM   1034 C CB  . GLU B 1 55 ? 13.715  -2.724  -2.301  1.00 48.36 ? 155 GLU B CB  1 
ATOM   1035 C CG  . GLU B 1 55 ? 15.043  -3.301  -1.864  1.00 52.63 ? 155 GLU B CG  1 
ATOM   1036 C CD  . GLU B 1 55 ? 16.135  -2.251  -1.805  1.00 52.40 ? 155 GLU B CD  1 
ATOM   1037 O OE1 . GLU B 1 55 ? 17.224  -2.557  -1.276  1.00 51.69 ? 155 GLU B OE1 1 
ATOM   1038 O OE2 . GLU B 1 55 ? 15.909  -1.123  -2.294  1.00 50.16 ? 155 GLU B OE2 1 
ATOM   1039 N N   . GLU B 1 56 ? 12.257  -0.127  -2.799  1.00 50.46 ? 156 GLU B N   1 
ATOM   1040 C CA  . GLU B 1 56 ? 11.254  0.674   -3.485  1.00 52.98 ? 156 GLU B CA  1 
ATOM   1041 C C   . GLU B 1 56 ? 10.350  1.398   -2.493  1.00 50.50 ? 156 GLU B C   1 
ATOM   1042 O O   . GLU B 1 56 ? 9.173   1.629   -2.771  1.00 47.90 ? 156 GLU B O   1 
ATOM   1043 C CB  . GLU B 1 56 ? 10.406  -0.218  -4.399  1.00 53.32 ? 156 GLU B CB  1 
ATOM   1044 C CG  . GLU B 1 56 ? 11.217  -1.127  -5.313  1.00 59.71 ? 156 GLU B CG  1 
ATOM   1045 C CD  . GLU B 1 56 ? 10.346  -2.004  -6.189  1.00 60.66 ? 156 GLU B CD  1 
ATOM   1046 O OE1 . GLU B 1 56 ? 9.593   -1.449  -7.019  1.00 62.08 ? 156 GLU B OE1 1 
ATOM   1047 O OE2 . GLU B 1 56 ? 10.413  -3.245  -6.046  1.00 60.40 ? 156 GLU B OE2 1 
ATOM   1048 N N   . ASP B 1 57 ? 10.905  1.756   -1.338  1.00 48.35 ? 157 ASP B N   1 
ATOM   1049 C CA  . ASP B 1 57 ? 10.148  2.454   -0.304  1.00 48.78 ? 157 ASP B CA  1 
ATOM   1050 C C   . ASP B 1 57 ? 8.787   1.822   -0.039  1.00 43.90 ? 157 ASP B C   1 
ATOM   1051 O O   . ASP B 1 57 ? 7.794   2.521   0.158   1.00 40.47 ? 157 ASP B O   1 
ATOM   1052 C CB  . ASP B 1 57 ? 9.968   3.929   -0.678  1.00 53.52 ? 157 ASP B CB  1 
ATOM   1053 C CG  . ASP B 1 57 ? 11.212  4.755   -0.410  1.00 58.78 ? 157 ASP B CG  1 
ATOM   1054 O OD1 . ASP B 1 57 ? 12.295  4.394   -0.923  1.00 59.52 ? 157 ASP B OD1 1 
ATOM   1055 O OD2 . ASP B 1 57 ? 11.106  5.770   0.314   1.00 60.59 ? 157 ASP B OD2 1 
ATOM   1056 N N   . MET B 1 58 ? 8.744   0.494   -0.039  1.00 41.51 ? 158 MET B N   1 
ATOM   1057 C CA  . MET B 1 58 ? 7.504   -0.220  0.225   1.00 39.33 ? 158 MET B CA  1 
ATOM   1058 C C   . MET B 1 58 ? 7.327   -0.398  1.727   1.00 38.38 ? 158 MET B C   1 
ATOM   1059 O O   . MET B 1 58 ? 8.305   -0.441  2.481   1.00 37.40 ? 158 MET B O   1 
ATOM   1060 C CB  . MET B 1 58 ? 7.520   -1.597  -0.444  1.00 40.85 ? 158 MET B CB  1 
ATOM   1061 C CG  . MET B 1 58 ? 7.412   -1.571  -1.958  1.00 38.35 ? 158 MET B CG  1 
ATOM   1062 S SD  . MET B 1 58 ? 7.388   -3.244  -2.643  1.00 36.05 ? 158 MET B SD  1 
ATOM   1063 C CE  . MET B 1 58 ? 9.146   -3.480  -2.960  1.00 33.34 ? 158 MET B CE  1 
ATOM   1064 N N   . CYS B 1 59 ? 6.075   -0.500  2.157   1.00 32.68 ? 159 CYS B N   1 
ATOM   1065 C CA  . CYS B 1 59 ? 5.760   -0.692  3.566   1.00 28.64 ? 159 CYS B CA  1 
ATOM   1066 C C   . CYS B 1 59 ? 5.981   -2.152  3.920   1.00 32.72 ? 159 CYS B C   1 
ATOM   1067 O O   . CYS B 1 59 ? 5.789   -3.030  3.077   1.00 26.31 ? 159 CYS B O   1 
ATOM   1068 C CB  . CYS B 1 59 ? 4.297   -0.349  3.844   1.00 33.42 ? 159 CYS B CB  1 
ATOM   1069 S SG  . CYS B 1 59 ? 3.785   1.323   3.346   1.00 33.09 ? 159 CYS B SG  1 
ATOM   1070 N N   . CYS B 1 60 ? 6.389   -2.414  5.159   1.00 20.16 ? 160 CYS B N   1 
ATOM   1071 C CA  . CYS B 1 60 ? 6.596   -3.786  5.601   1.00 16.65 ? 160 CYS B CA  1 
ATOM   1072 C C   . CYS B 1 60 ? 5.377   -4.162  6.429   1.00 22.64 ? 160 CYS B C   1 
ATOM   1073 O O   . CYS B 1 60 ? 5.200   -3.656  7.536   1.00 21.72 ? 160 CYS B O   1 
ATOM   1074 C CB  . CYS B 1 60 ? 7.854   -3.909  6.471   1.00 18.48 ? 160 CYS B CB  1 
ATOM   1075 S SG  . CYS B 1 60 ? 8.088   -5.639  6.974   1.00 22.13 ? 160 CYS B SG  1 
ATOM   1076 N N   . SER B 1 61 ? 4.531   -5.034  5.894   1.00 26.26 ? 161 SER B N   1 
ATOM   1077 C CA  . SER B 1 61 ? 3.317   -5.423  6.602   1.00 28.00 ? 161 SER B CA  1 
ATOM   1078 C C   . SER B 1 61 ? 3.622   -6.152  7.900   1.00 27.63 ? 161 SER B C   1 
ATOM   1079 O O   . SER B 1 61 ? 4.752   -6.573  8.147   1.00 26.24 ? 161 SER B O   1 
ATOM   1080 C CB  . SER B 1 61 ? 2.436   -6.320  5.731   1.00 26.27 ? 161 SER B CB  1 
ATOM   1081 O OG  . SER B 1 61 ? 2.881   -7.663  5.776   1.00 26.56 ? 161 SER B OG  1 
ATOM   1082 N N   . LYS B 1 62 ? 2.593   -6.296  8.722   1.00 31.06 ? 162 LYS B N   1 
ATOM   1083 C CA  . LYS B 1 62 ? 2.708   -6.976  10.001  1.00 32.76 ? 162 LYS B CA  1 
ATOM   1084 C C   . LYS B 1 62 ? 3.048   -8.452  9.798   1.00 36.90 ? 162 LYS B C   1 
ATOM   1085 O O   . LYS B 1 62 ? 3.519   -9.118  10.718  1.00 39.62 ? 162 LYS B O   1 
ATOM   1086 C CB  . LYS B 1 62 ? 1.390   -6.827  10.775  1.00 37.64 ? 162 LYS B CB  1 
ATOM   1087 C CG  . LYS B 1 62 ? 1.331   -7.565  12.108  1.00 45.72 ? 162 LYS B CG  1 
ATOM   1088 C CD  . LYS B 1 62 ? 0.683   -8.932  11.951  1.00 53.60 ? 162 LYS B CD  1 
ATOM   1089 C CE  . LYS B 1 62 ? 0.581   -9.654  13.286  1.00 53.18 ? 162 LYS B CE  1 
ATOM   1090 N NZ  . LYS B 1 62 ? -0.130  -10.954 13.158  1.00 58.14 ? 162 LYS B NZ  1 
ATOM   1091 N N   . TYR B 1 63 ? 2.819   -8.951  8.587   1.00 34.43 ? 163 TYR B N   1 
ATOM   1092 C CA  . TYR B 1 63 ? 3.090   -10.351 8.252   1.00 31.96 ? 163 TYR B CA  1 
ATOM   1093 C C   . TYR B 1 63 ? 4.468   -10.518 7.610   1.00 30.10 ? 163 TYR B C   1 
ATOM   1094 O O   . TYR B 1 63 ? 4.847   -11.620 7.202   1.00 31.10 ? 163 TYR B O   1 
ATOM   1095 C CB  . TYR B 1 63 ? 2.009   -10.869 7.301   1.00 36.20 ? 163 TYR B CB  1 
ATOM   1096 C CG  . TYR B 1 63 ? 0.611   -10.632 7.818   1.00 42.63 ? 163 TYR B CG  1 
ATOM   1097 C CD1 . TYR B 1 63 ? 0.067   -11.445 8.813   1.00 45.63 ? 163 TYR B CD1 1 
ATOM   1098 C CD2 . TYR B 1 63 ? -0.148  -9.552  7.359   1.00 46.23 ? 163 TYR B CD2 1 
ATOM   1099 C CE1 . TYR B 1 63 ? -1.199  -11.189 9.342   1.00 46.83 ? 163 TYR B CE1 1 
ATOM   1100 C CE2 . TYR B 1 63 ? -1.414  -9.286  7.882   1.00 47.93 ? 163 TYR B CE2 1 
ATOM   1101 C CZ  . TYR B 1 63 ? -1.930  -10.108 8.873   1.00 50.43 ? 163 TYR B CZ  1 
ATOM   1102 O OH  . TYR B 1 63 ? -3.173  -9.849  9.401   1.00 58.90 ? 163 TYR B OH  1 
ATOM   1103 N N   . GLY B 1 64 ? 5.205   -9.417  7.512   1.00 24.91 ? 164 GLY B N   1 
ATOM   1104 C CA  . GLY B 1 64 ? 6.538   -9.465  6.933   1.00 23.68 ? 164 GLY B CA  1 
ATOM   1105 C C   . GLY B 1 64 ? 6.596   -9.456  5.415   1.00 27.00 ? 164 GLY B C   1 
ATOM   1106 O O   . GLY B 1 64 ? 7.526   -10.012 4.824   1.00 28.17 ? 164 GLY B O   1 
ATOM   1107 N N   . TRP B 1 65 ? 5.610   -8.835  4.775   1.00 24.73 ? 165 TRP B N   1 
ATOM   1108 C CA  . TRP B 1 65 ? 5.596   -8.753  3.319   1.00 25.35 ? 165 TRP B CA  1 
ATOM   1109 C C   . TRP B 1 65 ? 5.655   -7.303  2.855   1.00 22.44 ? 165 TRP B C   1 
ATOM   1110 O O   . TRP B 1 65 ? 5.052   -6.425  3.470   1.00 24.25 ? 165 TRP B O   1 
ATOM   1111 C CB  . TRP B 1 65 ? 4.341   -9.432  2.756   1.00 19.56 ? 165 TRP B CB  1 
ATOM   1112 C CG  . TRP B 1 65 ? 4.406   -10.919 2.813   1.00 18.65 ? 165 TRP B CG  1 
ATOM   1113 C CD1 . TRP B 1 65 ? 3.922   -11.735 3.802   1.00 32.26 ? 165 TRP B CD1 1 
ATOM   1114 C CD2 . TRP B 1 65 ? 5.034   -11.778 1.857   1.00 24.67 ? 165 TRP B CD2 1 
ATOM   1115 N NE1 . TRP B 1 65 ? 4.211   -13.051 3.515   1.00 27.35 ? 165 TRP B NE1 1 
ATOM   1116 C CE2 . TRP B 1 65 ? 4.894   -13.103 2.327   1.00 29.94 ? 165 TRP B CE2 1 
ATOM   1117 C CE3 . TRP B 1 65 ? 5.704   -11.552 0.646   1.00 24.52 ? 165 TRP B CE3 1 
ATOM   1118 C CZ2 . TRP B 1 65 ? 5.402   -14.202 1.627   1.00 32.59 ? 165 TRP B CZ2 1 
ATOM   1119 C CZ3 . TRP B 1 65 ? 6.211   -12.645 -0.053  1.00 22.23 ? 165 TRP B CZ3 1 
ATOM   1120 C CH2 . TRP B 1 65 ? 6.056   -13.954 0.440   1.00 32.48 ? 165 TRP B CH2 1 
ATOM   1121 N N   . CYS B 1 66 ? 6.400   -7.054  1.781   1.00 21.76 ? 166 CYS B N   1 
ATOM   1122 C CA  . CYS B 1 66 ? 6.528   -5.707  1.233   1.00 17.33 ? 166 CYS B CA  1 
ATOM   1123 C C   . CYS B 1 66 ? 5.401   -5.429  0.244   1.00 29.15 ? 166 CYS B C   1 
ATOM   1124 O O   . CYS B 1 66 ? 5.067   -6.282  -0.581  1.00 23.08 ? 166 CYS B O   1 
ATOM   1125 C CB  . CYS B 1 66 ? 7.859   -5.547  0.506   1.00 23.04 ? 166 CYS B CB  1 
ATOM   1126 S SG  . CYS B 1 66 ? 9.310   -5.753  1.574   1.00 26.67 ? 166 CYS B SG  1 
ATOM   1127 N N   . GLY B 1 67 ? 4.831   -4.231  0.325   1.00 27.28 ? 167 GLY B N   1 
ATOM   1128 C CA  . GLY B 1 67 ? 3.744   -3.858  -0.566  1.00 29.03 ? 167 GLY B CA  1 
ATOM   1129 C C   . GLY B 1 67 ? 3.472   -2.366  -0.497  1.00 34.65 ? 167 GLY B C   1 
ATOM   1130 O O   . GLY B 1 67 ? 4.114   -1.657  0.273   1.00 30.02 ? 167 GLY B O   1 
ATOM   1131 N N   . TYR B 1 68 ? 2.516   -1.890  -1.294  1.00 34.36 ? 168 TYR B N   1 
ATOM   1132 C CA  . TYR B 1 68 ? 2.169   -0.470  -1.322  1.00 37.39 ? 168 TYR B CA  1 
ATOM   1133 C C   . TYR B 1 68 ? 0.760   -0.191  -0.802  1.00 34.61 ? 168 TYR B C   1 
ATOM   1134 O O   . TYR B 1 68 ? 0.453   0.926   -0.394  1.00 36.48 ? 168 TYR B O   1 
ATOM   1135 C CB  . TYR B 1 68 ? 2.275   0.078   -2.749  1.00 37.70 ? 168 TYR B CB  1 
ATOM   1136 C CG  . TYR B 1 68 ? 3.686   0.326   -3.238  1.00 40.51 ? 168 TYR B CG  1 
ATOM   1137 C CD1 . TYR B 1 68 ? 4.501   1.276   -2.624  1.00 42.48 ? 168 TYR B CD1 1 
ATOM   1138 C CD2 . TYR B 1 68 ? 4.192   -0.364  -4.340  1.00 42.73 ? 168 TYR B CD2 1 
ATOM   1139 C CE1 . TYR B 1 68 ? 5.791   1.533   -3.096  1.00 44.04 ? 168 TYR B CE1 1 
ATOM   1140 C CE2 . TYR B 1 68 ? 5.477   -0.114  -4.819  1.00 44.53 ? 168 TYR B CE2 1 
ATOM   1141 C CZ  . TYR B 1 68 ? 6.268   0.836   -4.192  1.00 38.84 ? 168 TYR B CZ  1 
ATOM   1142 O OH  . TYR B 1 68 ? 7.536   1.081   -4.661  1.00 44.50 ? 168 TYR B OH  1 
ATOM   1143 N N   . SER B 1 69 ? -0.092  -1.208  -0.830  1.00 33.00 ? 169 SER B N   1 
ATOM   1144 C CA  . SER B 1 69 ? -1.467  -1.066  -0.373  1.00 38.49 ? 169 SER B CA  1 
ATOM   1145 C C   . SER B 1 69 ? -1.515  -0.723  1.109   1.00 42.63 ? 169 SER B C   1 
ATOM   1146 O O   . SER B 1 69 ? -0.565  -0.977  1.846   1.00 40.90 ? 169 SER B O   1 
ATOM   1147 C CB  . SER B 1 69 ? -2.230  -2.365  -0.597  1.00 38.79 ? 169 SER B CB  1 
ATOM   1148 O OG  . SER B 1 69 ? -1.807  -3.344  0.334   1.00 43.12 ? 169 SER B OG  1 
ATOM   1149 N N   . ASP B 1 70 ? -2.632  -0.157  1.551   1.00 40.81 ? 170 ASP B N   1 
ATOM   1150 C CA  . ASP B 1 70 ? -2.771  0.196   2.954   1.00 44.59 ? 170 ASP B CA  1 
ATOM   1151 C C   . ASP B 1 70 ? -2.733  -1.030  3.866   1.00 42.28 ? 170 ASP B C   1 
ATOM   1152 O O   . ASP B 1 70 ? -2.509  -0.904  5.068   1.00 40.67 ? 170 ASP B O   1 
ATOM   1153 C CB  . ASP B 1 70 ? -4.058  0.992   3.174   1.00 45.11 ? 170 ASP B CB  1 
ATOM   1154 C CG  . ASP B 1 70 ? -3.886  2.468   2.857   1.00 48.30 ? 170 ASP B CG  1 
ATOM   1155 O OD1 . ASP B 1 70 ? -4.885  3.213   2.928   1.00 41.19 ? 170 ASP B OD1 1 
ATOM   1156 O OD2 . ASP B 1 70 ? -2.747  2.883   2.543   1.00 46.97 ? 170 ASP B OD2 1 
ATOM   1157 N N   . ASP B 1 71 ? -2.944  -2.211  3.296   1.00 41.87 ? 171 ASP B N   1 
ATOM   1158 C CA  . ASP B 1 71 ? -2.899  -3.440  4.082   1.00 43.23 ? 171 ASP B CA  1 
ATOM   1159 C C   . ASP B 1 71 ? -1.461  -3.766  4.479   1.00 42.69 ? 171 ASP B C   1 
ATOM   1160 O O   . ASP B 1 71 ? -1.218  -4.578  5.374   1.00 35.54 ? 171 ASP B O   1 
ATOM   1161 C CB  . ASP B 1 71 ? -3.490  -4.601  3.290   1.00 47.67 ? 171 ASP B CB  1 
ATOM   1162 C CG  . ASP B 1 71 ? -4.992  -4.524  3.192   1.00 51.88 ? 171 ASP B CG  1 
ATOM   1163 O OD1 . ASP B 1 71 ? -5.502  -3.508  2.670   1.00 56.91 ? 171 ASP B OD1 1 
ATOM   1164 O OD2 . ASP B 1 71 ? -5.660  -5.476  3.644   1.00 54.64 ? 171 ASP B OD2 1 
ATOM   1165 N N   . HIS B 1 72 ? -0.513  -3.133  3.798   1.00 35.92 ? 172 HIS B N   1 
ATOM   1166 C CA  . HIS B 1 72 ? 0.898   -3.339  4.090   1.00 40.14 ? 172 HIS B CA  1 
ATOM   1167 C C   . HIS B 1 72 ? 1.408   -2.132  4.857   1.00 36.93 ? 172 HIS B C   1 
ATOM   1168 O O   . HIS B 1 72 ? 2.412   -2.207  5.549   1.00 35.57 ? 172 HIS B O   1 
ATOM   1169 C CB  . HIS B 1 72 ? 1.718   -3.480  2.799   1.00 37.53 ? 172 HIS B CB  1 
ATOM   1170 C CG  . HIS B 1 72 ? 1.381   -4.692  1.987   1.00 42.35 ? 172 HIS B CG  1 
ATOM   1171 N ND1 . HIS B 1 72 ? 0.277   -4.755  1.163   1.00 44.57 ? 172 HIS B ND1 1 
ATOM   1172 C CD2 . HIS B 1 72 ? 2.001   -5.891  1.875   1.00 40.81 ? 172 HIS B CD2 1 
ATOM   1173 C CE1 . HIS B 1 72 ? 0.233   -5.938  0.578   1.00 40.60 ? 172 HIS B CE1 1 
ATOM   1174 N NE2 . HIS B 1 72 ? 1.268   -6.648  0.994   1.00 35.95 ? 172 HIS B NE2 1 
ATOM   1175 N N   . CYS B 1 73 ? 0.698   -1.017  4.732   1.00 38.02 ? 173 CYS B N   1 
ATOM   1176 C CA  . CYS B 1 73 ? 1.105   0.220   5.376   1.00 35.44 ? 173 CYS B CA  1 
ATOM   1177 C C   . CYS B 1 73 ? 0.363   0.567   6.664   1.00 38.76 ? 173 CYS B C   1 
ATOM   1178 O O   . CYS B 1 73 ? 0.741   1.508   7.364   1.00 35.79 ? 173 CYS B O   1 
ATOM   1179 C CB  . CYS B 1 73 ? 0.961   1.366   4.378   1.00 37.12 ? 173 CYS B CB  1 
ATOM   1180 S SG  . CYS B 1 73 ? 1.846   1.061   2.815   1.00 34.45 ? 173 CYS B SG  1 
ATOM   1181 N N   . GLU B 1 74 ? -0.690  -0.185  6.970   1.00 40.32 ? 174 GLU B N   1 
ATOM   1182 C CA  . GLU B 1 74 ? -1.477  0.064   8.174   1.00 48.17 ? 174 GLU B CA  1 
ATOM   1183 C C   . GLU B 1 74 ? -1.818  -1.211  8.939   1.00 50.97 ? 174 GLU B C   1 
ATOM   1184 O O   . GLU B 1 74 ? -1.807  -2.313  8.383   1.00 54.25 ? 174 GLU B O   1 
ATOM   1185 C CB  . GLU B 1 74 ? -2.778  0.791   7.820   1.00 49.62 ? 174 GLU B CB  1 
ATOM   1186 C CG  . GLU B 1 74 ? -2.589  2.187   7.244   1.00 54.75 ? 174 GLU B CG  1 
ATOM   1187 C CD  . GLU B 1 74 ? -3.911  2.897   7.007   1.00 60.83 ? 174 GLU B CD  1 
ATOM   1188 O OE1 . GLU B 1 74 ? -4.695  3.024   7.973   1.00 64.94 ? 174 GLU B OE1 1 
ATOM   1189 O OE2 . GLU B 1 74 ? -4.168  3.329   5.860   1.00 58.53 ? 174 GLU B OE2 1 
ATOM   1190 N N   . ASP B 1 75 ? -2.127  -1.044  10.222  1.00 47.56 ? 175 ASP B N   1 
ATOM   1191 C CA  . ASP B 1 75 ? -2.488  -2.155  11.092  1.00 48.06 ? 175 ASP B CA  1 
ATOM   1192 C C   . ASP B 1 75 ? -1.353  -3.157  11.276  1.00 45.25 ? 175 ASP B C   1 
ATOM   1193 O O   . ASP B 1 75 ? -1.385  -4.254  10.721  1.00 50.70 ? 175 ASP B O   1 
ATOM   1194 C CB  . ASP B 1 75 ? -3.729  -2.866  10.542  1.00 50.45 ? 175 ASP B CB  1 
ATOM   1195 C CG  . ASP B 1 75 ? -4.947  -1.957  10.496  1.00 53.05 ? 175 ASP B CG  1 
ATOM   1196 O OD1 . ASP B 1 75 ? -6.000  -2.381  9.969   1.00 56.45 ? 175 ASP B OD1 1 
ATOM   1197 O OD2 . ASP B 1 75 ? -4.849  -0.815  10.992  1.00 52.03 ? 175 ASP B OD2 1 
ATOM   1198 N N   . GLY B 1 76 ? -0.350  -2.772  12.059  1.00 42.82 ? 176 GLY B N   1 
ATOM   1199 C CA  . GLY B 1 76 ? 0.770   -3.661  12.311  1.00 40.70 ? 176 GLY B CA  1 
ATOM   1200 C C   . GLY B 1 76 ? 1.984   -3.442  11.429  1.00 31.96 ? 176 GLY B C   1 
ATOM   1201 O O   . GLY B 1 76 ? 2.953   -4.185  11.521  1.00 27.56 ? 176 GLY B O   1 
ATOM   1202 N N   . CYS B 1 77 ? 1.936   -2.429  10.572  1.00 30.56 ? 177 CYS B N   1 
ATOM   1203 C CA  . CYS B 1 77 ? 3.053   -2.134  9.685   1.00 28.64 ? 177 CYS B CA  1 
ATOM   1204 C C   . CYS B 1 77 ? 4.331   -1.944  10.509  1.00 30.16 ? 177 CYS B C   1 
ATOM   1205 O O   . CYS B 1 77 ? 4.346   -1.185  11.477  1.00 28.51 ? 177 CYS B O   1 
ATOM   1206 C CB  . CYS B 1 77 ? 2.739   -0.888  8.865   1.00 28.85 ? 177 CYS B CB  1 
ATOM   1207 S SG  . CYS B 1 77 ? 4.121   -0.327  7.836   1.00 29.79 ? 177 CYS B SG  1 
ATOM   1208 N N   . GLN B 1 78 ? 5.400   -2.637  10.125  1.00 27.29 ? 178 GLN B N   1 
ATOM   1209 C CA  . GLN B 1 78 ? 6.660   -2.574  10.868  1.00 25.98 ? 178 GLN B CA  1 
ATOM   1210 C C   . GLN B 1 78 ? 7.611   -1.429  10.540  1.00 29.82 ? 178 GLN B C   1 
ATOM   1211 O O   . GLN B 1 78 ? 8.345   -0.973  11.416  1.00 28.63 ? 178 GLN B O   1 
ATOM   1212 C CB  . GLN B 1 78 ? 7.409   -3.899  10.725  1.00 19.33 ? 178 GLN B CB  1 
ATOM   1213 C CG  . GLN B 1 78 ? 6.595   -5.100  11.163  1.00 26.60 ? 178 GLN B CG  1 
ATOM   1214 C CD  . GLN B 1 78 ? 7.344   -6.400  10.995  1.00 27.69 ? 178 GLN B CD  1 
ATOM   1215 O OE1 . GLN B 1 78 ? 8.365   -6.627  11.640  1.00 31.71 ? 178 GLN B OE1 1 
ATOM   1216 N NE2 . GLN B 1 78 ? 6.841   -7.262  10.125  1.00 22.37 ? 178 GLN B NE2 1 
ATOM   1217 N N   . SER B 1 79 ? 7.612   -0.969  9.293   1.00 27.62 ? 179 SER B N   1 
ATOM   1218 C CA  . SER B 1 79 ? 8.501   0.119   8.891   1.00 27.21 ? 179 SER B CA  1 
ATOM   1219 C C   . SER B 1 79 ? 8.081   0.761   7.569   1.00 36.53 ? 179 SER B C   1 
ATOM   1220 O O   . SER B 1 79 ? 7.417   0.127   6.749   1.00 32.02 ? 179 SER B O   1 
ATOM   1221 C CB  . SER B 1 79 ? 9.935   -0.399  8.770   1.00 32.69 ? 179 SER B CB  1 
ATOM   1222 O OG  . SER B 1 79 ? 10.018  -1.419  7.788   1.00 29.58 ? 179 SER B OG  1 
ATOM   1223 N N   . GLN B 1 80 ? 8.484   2.017   7.372   1.00 35.83 ? 180 GLN B N   1 
ATOM   1224 C CA  . GLN B 1 80 ? 8.156   2.772   6.160   1.00 41.38 ? 180 GLN B CA  1 
ATOM   1225 C C   . GLN B 1 80 ? 6.670   2.629   5.865   1.00 39.28 ? 180 GLN B C   1 
ATOM   1226 O O   . GLN B 1 80 ? 6.283   2.065   4.843   1.00 40.37 ? 180 GLN B O   1 
ATOM   1227 C CB  . GLN B 1 80 ? 8.976   2.255   4.975   1.00 44.35 ? 180 GLN B CB  1 
ATOM   1228 C CG  . GLN B 1 80 ? 10.478  2.289   5.206   1.00 46.69 ? 180 GLN B CG  1 
ATOM   1229 C CD  . GLN B 1 80 ? 11.274  1.756   4.029   1.00 50.80 ? 180 GLN B CD  1 
ATOM   1230 O OE1 . GLN B 1 80 ? 12.499  1.653   4.092   1.00 50.89 ? 180 GLN B OE1 1 
ATOM   1231 N NE2 . GLN B 1 80 ? 10.581  1.414   2.947   1.00 52.67 ? 180 GLN B NE2 1 
ATOM   1232 N N   . CYS B 1 81 ? 5.845   3.149   6.768   1.00 37.68 ? 181 CYS B N   1 
ATOM   1233 C CA  . CYS B 1 81 ? 4.397   3.059   6.643   1.00 43.08 ? 181 CYS B CA  1 
ATOM   1234 C C   . CYS B 1 81 ? 3.748   4.350   6.146   1.00 48.00 ? 181 CYS B C   1 
ATOM   1235 O O   . CYS B 1 81 ? 2.522   4.440   6.056   1.00 48.78 ? 181 CYS B O   1 
ATOM   1236 C CB  . CYS B 1 81 ? 3.807   2.664   7.998   1.00 37.85 ? 181 CYS B CB  1 
ATOM   1237 S SG  . CYS B 1 81 ? 4.756   1.331   8.805   1.00 31.97 ? 181 CYS B SG  1 
ATOM   1238 N N   . ASP B 1 82 ? 4.571   5.342   5.823   1.00 52.70 ? 182 ASP B N   1 
ATOM   1239 C CA  . ASP B 1 82 ? 4.069   6.626   5.339   1.00 56.15 ? 182 ASP B CA  1 
ATOM   1240 C C   . ASP B 1 82 ? 4.439   6.854   3.878   1.00 57.97 ? 182 ASP B C   1 
ATOM   1241 O O   . ASP B 1 82 ? 5.075   7.892   3.590   1.00 59.77 ? 182 ASP B O   1 
ATOM   1242 C CB  . ASP B 1 82 ? 4.630   7.768   6.191   1.00 58.72 ? 182 ASP B CB  1 
ATOM   1243 C CG  . ASP B 1 82 ? 4.175   7.696   7.633   1.00 58.57 ? 182 ASP B CG  1 
ATOM   1244 O OD1 . ASP B 1 82 ? 4.563   8.584   8.423   1.00 57.48 ? 182 ASP B OD1 1 
ATOM   1245 O OD2 . ASP B 1 82 ? 3.430   6.754   7.977   1.00 61.16 ? 182 ASP B OD2 1 
ATOM   1246 O OXT . ASP B 1 82 ? 4.083   5.998   3.041   1.00 61.05 ? 182 ASP B OXT 1 
HETATM 1247 C C1  . NAG C 2 .  ? -27.955 3.471   9.851   1.00 20.67 ? 1   NAG C C1  1 
HETATM 1248 C C2  . NAG C 2 .  ? -26.895 2.766   8.964   1.00 22.37 ? 1   NAG C C2  1 
HETATM 1249 C C3  . NAG C 2 .  ? -25.968 3.828   8.385   1.00 20.61 ? 1   NAG C C3  1 
HETATM 1250 C C4  . NAG C 2 .  ? -26.793 4.829   7.587   1.00 18.66 ? 1   NAG C C4  1 
HETATM 1251 C C5  . NAG C 2 .  ? -27.865 5.503   8.463   1.00 16.56 ? 1   NAG C C5  1 
HETATM 1252 C C6  . NAG C 2 .  ? -28.752 6.479   7.659   1.00 15.19 ? 1   NAG C C6  1 
HETATM 1253 C C7  . NAG C 2 .  ? -25.913 0.502   9.438   1.00 30.40 ? 1   NAG C C7  1 
HETATM 1254 C C8  . NAG C 2 .  ? -25.065 -0.272  10.411  1.00 32.88 ? 1   NAG C C8  1 
HETATM 1255 N N2  . NAG C 2 .  ? -26.111 1.803   9.754   1.00 17.14 ? 1   NAG C N2  1 
HETATM 1256 O O1  . NAG C 2 .  ? -28.971 2.335   10.471  1.00 34.70 ? 1   NAG C O1  1 
HETATM 1257 O O3  . NAG C 2 .  ? -24.999 3.187   7.538   1.00 20.96 ? 1   NAG C O3  1 
HETATM 1258 O O4  . NAG C 2 .  ? -25.951 5.829   7.066   1.00 19.53 ? 1   NAG C O4  1 
HETATM 1259 O O5  . NAG C 2 .  ? -28.721 4.441   9.034   1.00 20.74 ? 1   NAG C O5  1 
HETATM 1260 O O6  . NAG C 2 .  ? -29.510 5.792   6.667   1.00 19.04 ? 1   NAG C O6  1 
HETATM 1261 O O7  . NAG C 2 .  ? -26.376 -0.049  8.436   1.00 31.14 ? 1   NAG C O7  1 
HETATM 1262 C C1  . NAG C 2 .  ? -25.769 5.771   5.623   1.00 14.79 ? 2   NAG C C1  1 
HETATM 1263 C C2  . NAG C 2 .  ? -25.128 7.112   5.215   1.00 13.38 ? 2   NAG C C2  1 
HETATM 1264 C C3  . NAG C 2 .  ? -24.992 7.100   3.684   1.00 17.72 ? 2   NAG C C3  1 
HETATM 1265 C C4  . NAG C 2 .  ? -24.150 5.889   3.235   1.00 16.83 ? 2   NAG C C4  1 
HETATM 1266 C C5  . NAG C 2 .  ? -24.832 4.582   3.742   1.00 19.66 ? 2   NAG C C5  1 
HETATM 1267 C C6  . NAG C 2 .  ? -24.018 3.344   3.415   1.00 25.30 ? 2   NAG C C6  1 
HETATM 1268 C C7  . NAG C 2 .  ? -25.628 9.043   6.701   1.00 18.86 ? 2   NAG C C7  1 
HETATM 1269 C C8  . NAG C 2 .  ? -26.648 10.098  7.009   1.00 19.06 ? 2   NAG C C8  1 
HETATM 1270 N N2  . NAG C 2 .  ? -25.948 8.216   5.683   1.00 8.89  ? 2   NAG C N2  1 
HETATM 1271 O O3  . NAG C 2 .  ? -24.366 8.350   3.289   1.00 19.32 ? 2   NAG C O3  1 
HETATM 1272 O O4  . NAG C 2 .  ? -24.100 5.822   1.759   1.00 12.80 ? 2   NAG C O4  1 
HETATM 1273 O O5  . NAG C 2 .  ? -24.972 4.651   5.183   1.00 14.66 ? 2   NAG C O5  1 
HETATM 1274 O O6  . NAG C 2 .  ? -24.641 2.198   3.962   1.00 36.39 ? 2   NAG C O6  1 
HETATM 1275 O O7  . NAG C 2 .  ? -24.579 8.956   7.359   1.00 15.76 ? 2   NAG C O7  1 
HETATM 1276 C C1  . NAG C 2 .  ? -22.778 6.248   1.403   1.00 15.98 ? 3   NAG C C1  1 
HETATM 1277 C C2  . NAG C 2 .  ? -22.816 5.541   -0.036  1.00 10.22 ? 3   NAG C C2  1 
HETATM 1278 C C3  . NAG C 2 .  ? -21.459 5.844   -0.724  1.00 15.03 ? 3   NAG C C3  1 
HETATM 1279 C C4  . NAG C 2 .  ? -21.273 7.357   -0.810  1.00 16.78 ? 3   NAG C C4  1 
HETATM 1280 C C5  . NAG C 2 .  ? -21.328 8.010   0.608   1.00 18.62 ? 3   NAG C C5  1 
HETATM 1281 C C6  . NAG C 2 .  ? -21.219 9.523   0.515   1.00 28.17 ? 3   NAG C C6  1 
HETATM 1282 C C7  . NAG C 2 .  ? -24.149 3.480   -0.447  1.00 14.10 ? 3   NAG C C7  1 
HETATM 1283 C C8  . NAG C 2 .  ? -24.254 1.992   -0.190  1.00 13.67 ? 3   NAG C C8  1 
HETATM 1284 N N2  . NAG C 2 .  ? -23.014 4.082   0.028   1.00 13.40 ? 3   NAG C N2  1 
HETATM 1285 O O3  . NAG C 2 .  ? -21.419 5.249   -2.043  1.00 14.39 ? 3   NAG C O3  1 
HETATM 1286 O O4  . NAG C 2 .  ? -20.001 7.660   -1.428  1.00 15.20 ? 3   NAG C O4  1 
HETATM 1287 O O5  . NAG C 2 .  ? -22.609 7.669   1.227   1.00 14.87 ? 3   NAG C O5  1 
HETATM 1288 O O6  . NAG C 2 .  ? -22.224 10.178  1.288   1.00 36.67 ? 3   NAG C O6  1 
HETATM 1289 O O7  . NAG C 2 .  ? -25.052 4.086   -1.047  1.00 13.15 ? 3   NAG C O7  1 
HETATM 1290 C C1  . NAG D 2 .  ? -2.148  -14.171 7.371   1.00 55.09 ? 1   NAG D C1  1 
HETATM 1291 C C2  . NAG D 2 .  ? -1.106  -14.948 6.502   1.00 54.55 ? 1   NAG D C2  1 
HETATM 1292 C C3  . NAG D 2 .  ? -0.191  -13.925 5.787   1.00 53.20 ? 1   NAG D C3  1 
HETATM 1293 C C4  . NAG D 2 .  ? -1.056  -13.007 4.924   1.00 51.83 ? 1   NAG D C4  1 
HETATM 1294 C C5  . NAG D 2 .  ? -2.101  -12.257 5.801   1.00 51.18 ? 1   NAG D C5  1 
HETATM 1295 C C6  . NAG D 2 .  ? -3.026  -11.359 4.976   1.00 52.60 ? 1   NAG D C6  1 
HETATM 1296 C C7  . NAG D 2 .  ? 0.187   -17.064 6.967   1.00 58.18 ? 1   NAG D C7  1 
HETATM 1297 C C8  . NAG D 2 .  ? 0.993   -17.782 8.015   1.00 56.69 ? 1   NAG D C8  1 
HETATM 1298 N N2  . NAG D 2 .  ? -0.297  -15.854 7.344   1.00 57.08 ? 1   NAG D N2  1 
HETATM 1299 O O1  . NAG D 2 .  ? -3.169  -15.245 8.132   1.00 56.96 ? 1   NAG D O1  1 
HETATM 1300 O O3  . NAG D 2 .  ? 0.766   -14.613 4.972   1.00 54.39 ? 1   NAG D O3  1 
HETATM 1301 O O4  . NAG D 2 .  ? -0.243  -12.062 4.239   1.00 44.00 ? 1   NAG D O4  1 
HETATM 1302 O O5  . NAG D 2 .  ? -2.932  -13.254 6.516   1.00 52.06 ? 1   NAG D O5  1 
HETATM 1303 O O6  . NAG D 2 .  ? -3.802  -12.128 4.073   1.00 47.69 ? 1   NAG D O6  1 
HETATM 1304 O O7  . NAG D 2 .  ? 0.007   -17.573 5.855   1.00 57.93 ? 1   NAG D O7  1 
HETATM 1305 C C1  . NAG D 2 .  ? -0.090  -12.306 2.785   1.00 42.91 ? 2   NAG D C1  1 
HETATM 1306 C C2  . NAG D 2 .  ? 0.477   -11.005 2.194   1.00 38.51 ? 2   NAG D C2  1 
HETATM 1307 C C3  . NAG D 2 .  ? 0.611   -11.196 0.662   1.00 46.93 ? 2   NAG D C3  1 
HETATM 1308 C C4  . NAG D 2 .  ? 1.513   -12.415 0.356   1.00 43.34 ? 2   NAG D C4  1 
HETATM 1309 C C5  . NAG D 2 .  ? 0.872   -13.691 1.014   1.00 47.10 ? 2   NAG D C5  1 
HETATM 1310 C C6  . NAG D 2 .  ? 1.720   -14.939 0.826   1.00 46.92 ? 2   NAG D C6  1 
HETATM 1311 C C7  . NAG D 2 .  ? -0.006  -8.810  3.320   1.00 46.99 ? 2   NAG D C7  1 
HETATM 1312 C C8  . NAG D 2 .  ? -1.064  -7.754  3.521   1.00 45.80 ? 2   NAG D C8  1 
HETATM 1313 N N2  . NAG D 2 .  ? -0.372  -9.857  2.539   1.00 43.38 ? 2   NAG D N2  1 
HETATM 1314 O O3  . NAG D 2 .  ? 1.157   -9.983  0.101   1.00 43.34 ? 2   NAG D O3  1 
HETATM 1315 O O4  . NAG D 2 .  ? 1.608   -12.614 -1.094  1.00 38.76 ? 2   NAG D O4  1 
HETATM 1316 O O5  . NAG D 2 .  ? 0.740   -13.462 2.440   1.00 42.01 ? 2   NAG D O5  1 
HETATM 1317 O O6  . NAG D 2 .  ? 1.131   -16.037 1.493   1.00 52.52 ? 2   NAG D O6  1 
HETATM 1318 O O7  . NAG D 2 .  ? 1.114   -8.693  3.847   1.00 41.92 ? 2   NAG D O7  1 
HETATM 1319 C C1  . NAG D 2 .  ? 2.950   -12.169 -1.447  1.00 31.76 ? 3   NAG D C1  1 
HETATM 1320 C C2  . NAG D 2 .  ? 2.882   -13.048 -2.777  1.00 33.34 ? 3   NAG D C2  1 
HETATM 1321 C C3  . NAG D 2 .  ? 4.152   -12.771 -3.631  1.00 33.58 ? 3   NAG D C3  1 
HETATM 1322 C C4  . NAG D 2 .  ? 4.259   -11.273 -3.940  1.00 36.06 ? 3   NAG D C4  1 
HETATM 1323 C C5  . NAG D 2 .  ? 4.323   -10.460 -2.603  1.00 40.18 ? 3   NAG D C5  1 
HETATM 1324 C C6  . NAG D 2 .  ? 4.394   -8.953  -2.860  1.00 43.67 ? 3   NAG D C6  1 
HETATM 1325 C C7  . NAG D 2 .  ? 1.687   -15.308 -2.820  1.00 35.03 ? 3   NAG D C7  1 
HETATM 1326 C C8  . NAG D 2 .  ? 1.829   -16.770 -2.466  1.00 34.51 ? 3   NAG D C8  1 
HETATM 1327 N N2  . NAG D 2 .  ? 2.756   -14.506 -2.472  1.00 24.79 ? 3   NAG D N2  1 
HETATM 1328 O O3  . NAG D 2 .  ? 4.099   -13.529 -4.852  1.00 32.53 ? 3   NAG D O3  1 
HETATM 1329 O O4  . NAG D 2 .  ? 5.432   -11.007 -4.735  1.00 33.48 ? 3   NAG D O4  1 
HETATM 1330 O O5  . NAG D 2 .  ? 3.117   -10.755 -1.791  1.00 27.43 ? 3   NAG D O5  1 
HETATM 1331 O O6  . NAG D 2 .  ? 3.743   -8.213  -1.837  1.00 54.78 ? 3   NAG D O6  1 
HETATM 1332 O O7  . NAG D 2 .  ? 0.657   -14.903 -3.376  1.00 22.61 ? 3   NAG D O7  1 
HETATM 1333 O O   . HOH E 3 .  ? -14.769 10.179  -8.612  1.00 15.63 ? 304 HOH A O   1 
HETATM 1334 O O   . HOH E 3 .  ? -16.561 16.876  8.658   1.00 12.31 ? 305 HOH A O   1 
HETATM 1335 O O   . HOH E 3 .  ? -10.707 0.114   -7.076  1.00 19.87 ? 306 HOH A O   1 
HETATM 1336 O O   . HOH E 3 .  ? -4.641  7.645   -2.440  1.00 16.93 ? 307 HOH A O   1 
HETATM 1337 O O   . HOH E 3 .  ? -8.328  10.901  -11.569 1.00 20.44 ? 308 HOH A O   1 
HETATM 1338 O O   . HOH E 3 .  ? -17.580 8.390   13.229  1.00 15.80 ? 309 HOH A O   1 
HETATM 1339 O O   . HOH E 3 .  ? -13.999 13.466  2.553   1.00 21.71 ? 310 HOH A O   1 
HETATM 1340 O O   . HOH E 3 .  ? -26.002 13.408  11.528  1.00 23.48 ? 311 HOH A O   1 
HETATM 1341 O O   . HOH E 3 .  ? -20.005 6.053   -4.308  1.00 25.56 ? 312 HOH A O   1 
HETATM 1342 O O   . HOH E 3 .  ? -14.841 5.929   1.576   1.00 23.96 ? 313 HOH A O   1 
HETATM 1343 O O   . HOH E 3 .  ? -16.489 18.738  16.347  1.00 17.16 ? 314 HOH A O   1 
HETATM 1344 O O   . HOH E 3 .  ? -5.639  -3.665  -5.569  1.00 26.90 ? 315 HOH A O   1 
HETATM 1345 O O   . HOH E 3 .  ? -20.946 21.973  5.683   1.00 28.35 ? 316 HOH A O   1 
HETATM 1346 O O   . HOH E 3 .  ? -24.667 18.376  15.822  1.00 22.41 ? 317 HOH A O   1 
HETATM 1347 O O   . HOH E 3 .  ? -19.527 8.683   -4.445  1.00 36.08 ? 318 HOH A O   1 
HETATM 1348 O O   . HOH E 3 .  ? -1.059  1.998   -9.388  1.00 24.86 ? 319 HOH A O   1 
HETATM 1349 O O   . HOH E 3 .  ? -22.359 2.688   8.339   1.00 25.41 ? 320 HOH A O   1 
HETATM 1350 O O   . HOH E 3 .  ? -9.039  15.836  9.423   1.00 31.59 ? 321 HOH A O   1 
HETATM 1351 O O   . HOH E 3 .  ? -19.643 6.548   13.250  1.00 37.64 ? 322 HOH A O   1 
HETATM 1352 O O   . HOH E 3 .  ? -30.441 4.105   12.017  1.00 34.15 ? 323 HOH A O   1 
HETATM 1353 O O   . HOH E 3 .  ? -17.534 5.512   -2.693  1.00 25.15 ? 324 HOH A O   1 
HETATM 1354 O O   . HOH E 3 .  ? -31.647 16.782  2.746   1.00 42.71 ? 325 HOH A O   1 
HETATM 1355 O O   . HOH E 3 .  ? -16.591 2.302   5.141   1.00 34.82 ? 326 HOH A O   1 
HETATM 1356 O O   . HOH E 3 .  ? -6.195  13.647  -10.533 1.00 37.48 ? 327 HOH A O   1 
HETATM 1357 O O   . HOH E 3 .  ? -12.100 -0.618  0.170   1.00 36.72 ? 328 HOH A O   1 
HETATM 1358 O O   . HOH E 3 .  ? -20.456 22.713  12.734  1.00 36.04 ? 329 HOH A O   1 
HETATM 1359 O O   . HOH E 3 .  ? -28.727 8.840   4.849   1.00 29.56 ? 330 HOH A O   1 
HETATM 1360 O O   . HOH E 3 .  ? -8.946  9.399   2.956   1.00 32.38 ? 331 HOH A O   1 
HETATM 1361 O O   . HOH E 3 .  ? -1.519  4.650   -3.168  1.00 27.98 ? 332 HOH A O   1 
HETATM 1362 O O   . HOH E 3 .  ? -22.165 3.946   10.918  1.00 32.57 ? 333 HOH A O   1 
HETATM 1363 O O   . HOH E 3 .  ? -18.672 3.480   -9.301  1.00 34.13 ? 334 HOH A O   1 
HETATM 1364 O O   . HOH E 3 .  ? -24.756 11.363  0.728   1.00 49.20 ? 335 HOH A O   1 
HETATM 1365 O O   . HOH E 3 .  ? -25.079 2.197   12.908  1.00 44.15 ? 336 HOH A O   1 
HETATM 1366 O O   . HOH E 3 .  ? -18.410 -0.043  -8.271  1.00 48.36 ? 337 HOH A O   1 
HETATM 1367 O O   . HOH E 3 .  ? -14.491 2.097   1.008   1.00 34.62 ? 338 HOH A O   1 
HETATM 1368 O O   . HOH E 3 .  ? -3.361  16.903  -0.069  1.00 47.78 ? 339 HOH A O   1 
HETATM 1369 O O   . HOH E 3 .  ? -8.932  7.175   4.143   1.00 33.13 ? 340 HOH A O   1 
HETATM 1370 O O   . HOH E 3 .  ? -29.552 11.552  3.078   1.00 40.49 ? 341 HOH A O   1 
HETATM 1371 O O   . HOH E 3 .  ? -8.808  14.222  3.541   1.00 34.67 ? 342 HOH A O   1 
HETATM 1372 O O   . HOH E 3 .  ? -16.524 20.100  -4.844  1.00 45.97 ? 343 HOH A O   1 
HETATM 1373 O O   . HOH E 3 .  ? -2.961  3.420   -17.070 1.00 35.59 ? 344 HOH A O   1 
HETATM 1374 O O   . HOH E 3 .  ? -4.356  13.515  1.228   1.00 40.12 ? 345 HOH A O   1 
HETATM 1375 O O   . HOH E 3 .  ? -15.296 23.197  5.749   1.00 52.12 ? 346 HOH A O   1 
HETATM 1376 O O   . HOH E 3 .  ? -19.251 1.756   -12.927 1.00 44.34 ? 347 HOH A O   1 
HETATM 1377 O O   . HOH E 3 .  ? -3.913  -3.205  -3.301  1.00 36.21 ? 348 HOH A O   1 
HETATM 1378 O O   . HOH E 3 .  ? -17.822 22.498  12.737  1.00 28.92 ? 349 HOH A O   1 
HETATM 1379 O O   . HOH E 3 .  ? -7.875  17.603  8.015   1.00 54.29 ? 350 HOH A O   1 
HETATM 1380 O O   . HOH E 3 .  ? -13.529 20.767  3.813   1.00 38.86 ? 351 HOH A O   1 
HETATM 1381 O O   . HOH E 3 .  ? -16.433 13.756  -4.236  1.00 31.44 ? 352 HOH A O   1 
HETATM 1382 O O   . HOH E 3 .  ? -18.682 23.890  7.213   1.00 50.53 ? 353 HOH A O   1 
HETATM 1383 O O   . HOH E 3 .  ? -17.968 3.134   -15.129 1.00 52.01 ? 354 HOH A O   1 
HETATM 1384 O O   . HOH E 3 .  ? -18.281 11.091  -5.855  1.00 41.35 ? 355 HOH A O   1 
HETATM 1385 O O   . HOH E 3 .  ? -23.607 21.779  4.684   1.00 45.04 ? 356 HOH A O   1 
HETATM 1386 O O   . HOH E 3 .  ? 4.403   13.650  -6.669  1.00 47.73 ? 357 HOH A O   1 
HETATM 1387 O O   . HOH E 3 .  ? 2.786   10.172  -1.144  1.00 46.41 ? 358 HOH A O   1 
HETATM 1388 O O   . HOH E 3 .  ? -17.522 4.817   0.191   1.00 39.46 ? 359 HOH A O   1 
HETATM 1389 O O   . HOH E 3 .  ? -11.998 20.163  6.212   1.00 49.85 ? 360 HOH A O   1 
HETATM 1390 O O   . HOH E 3 .  ? -5.238  0.785   -15.511 1.00 35.15 ? 361 HOH A O   1 
HETATM 1391 O O   . HOH E 3 .  ? -11.148 1.572   8.191   1.00 40.54 ? 362 HOH A O   1 
HETATM 1392 O O   . HOH E 3 .  ? -21.007 1.897   1.416   1.00 26.63 ? 363 HOH A O   1 
HETATM 1393 O O   . HOH E 3 .  ? 4.451   2.469   -14.311 1.00 39.30 ? 364 HOH A O   1 
HETATM 1394 O O   . HOH E 3 .  ? -4.259  -3.050  -7.787  1.00 43.37 ? 365 HOH A O   1 
HETATM 1395 O O   . HOH E 3 .  ? -2.478  -0.234  -10.654 1.00 39.64 ? 366 HOH A O   1 
HETATM 1396 O O   . HOH E 3 .  ? -9.134  -1.505  -0.102  1.00 43.73 ? 367 HOH A O   1 
HETATM 1397 O O   . HOH E 3 .  ? -31.965 14.051  4.294   1.00 51.18 ? 368 HOH A O   1 
HETATM 1398 O O   . HOH E 3 .  ? -1.555  15.349  0.469   1.00 44.65 ? 369 HOH A O   1 
HETATM 1399 O O   . HOH E 3 .  ? -19.789 -1.251  0.888   1.00 31.88 ? 370 HOH A O   1 
HETATM 1400 O O   . HOH E 3 .  ? -16.997 3.225   -1.831  1.00 35.85 ? 371 HOH A O   1 
HETATM 1401 O O   . HOH E 3 .  ? -18.176 -1.109  -1.702  1.00 35.39 ? 372 HOH A O   1 
HETATM 1402 O O   . HOH E 3 .  ? -14.419 1.649   6.588   1.00 44.92 ? 373 HOH A O   1 
HETATM 1403 O O   . HOH E 3 .  ? -15.729 18.940  -7.145  1.00 40.44 ? 374 HOH A O   1 
HETATM 1404 O O   . HOH E 3 .  ? -15.832 2.107   -13.911 1.00 56.34 ? 375 HOH A O   1 
HETATM 1405 O O   . HOH E 3 .  ? -10.486 6.208   15.744  1.00 39.57 ? 376 HOH A O   1 
HETATM 1406 O O   . HOH F 3 .  ? 8.942   -9.926  9.649   1.00 28.27 ? 404 HOH B O   1 
HETATM 1407 O O   . HOH F 3 .  ? 10.277  -12.964 -2.156  1.00 25.35 ? 405 HOH B O   1 
HETATM 1408 O O   . HOH F 3 .  ? 6.503   -20.107 -7.317  1.00 24.36 ? 406 HOH B O   1 
HETATM 1409 O O   . HOH F 3 .  ? 5.311   -12.364 -7.113  1.00 30.15 ? 407 HOH B O   1 
HETATM 1410 O O   . HOH F 3 .  ? 24.040  -20.175 -11.296 1.00 23.10 ? 408 HOH B O   1 
HETATM 1411 O O   . HOH F 3 .  ? 14.179  -19.783 -10.465 1.00 23.64 ? 409 HOH B O   1 
HETATM 1412 O O   . HOH F 3 .  ? 11.906  -19.626 -3.483  1.00 27.29 ? 410 HOH B O   1 
HETATM 1413 O O   . HOH F 3 .  ? 7.677   -14.474 -13.437 1.00 31.03 ? 411 HOH B O   1 
HETATM 1414 O O   . HOH F 3 .  ? 14.808  -9.625  -16.343 1.00 34.49 ? 412 HOH B O   1 
HETATM 1415 O O   . HOH F 3 .  ? 21.218  -13.201 -5.138  1.00 17.73 ? 413 HOH B O   1 
HETATM 1416 O O   . HOH F 3 .  ? 20.307  -15.365 1.046   1.00 42.72 ? 414 HOH B O   1 
HETATM 1417 O O   . HOH F 3 .  ? 25.348  -26.569 -3.951  1.00 27.87 ? 415 HOH B O   1 
HETATM 1418 O O   . HOH F 3 .  ? 0.427   -4.399  7.850   1.00 33.87 ? 416 HOH B O   1 
HETATM 1419 O O   . HOH F 3 .  ? 6.952   3.749   2.057   1.00 41.94 ? 417 HOH B O   1 
HETATM 1420 O O   . HOH F 3 .  ? 12.245  -24.416 -5.490  1.00 46.08 ? 418 HOH B O   1 
HETATM 1421 O O   . HOH F 3 .  ? 16.655  -10.260 -0.608  1.00 43.36 ? 419 HOH B O   1 
HETATM 1422 O O   . HOH F 3 .  ? 1.974   10.075  10.423  1.00 48.09 ? 420 HOH B O   1 
HETATM 1423 O O   . HOH F 3 .  ? 17.178  -16.930 -0.021  1.00 37.97 ? 421 HOH B O   1 
HETATM 1424 O O   . HOH F 3 .  ? 24.058  -16.891 -5.202  1.00 29.13 ? 422 HOH B O   1 
HETATM 1425 O O   . HOH F 3 .  ? 7.707   -20.414 -10.334 1.00 38.00 ? 423 HOH B O   1 
HETATM 1426 O O   . HOH F 3 .  ? 10.106  -1.608  4.958   1.00 28.62 ? 424 HOH B O   1 
HETATM 1427 O O   . HOH F 3 .  ? 22.111  -18.547 -20.010 1.00 50.62 ? 425 HOH B O   1 
HETATM 1428 O O   . HOH F 3 .  ? 24.668  -12.023 -18.037 1.00 44.06 ? 426 HOH B O   1 
HETATM 1429 O O   . HOH F 3 .  ? 0.982   -3.319  -3.186  1.00 28.18 ? 427 HOH B O   1 
HETATM 1430 O O   . HOH F 3 .  ? 6.660   -10.090 -8.077  1.00 50.53 ? 428 HOH B O   1 
HETATM 1431 O O   . HOH F 3 .  ? 26.611  -26.472 -19.892 1.00 38.28 ? 429 HOH B O   1 
HETATM 1432 O O   . HOH F 3 .  ? 19.757  1.084   -6.697  1.00 54.07 ? 430 HOH B O   1 
HETATM 1433 O O   . HOH F 3 .  ? 11.568  -3.460  8.894   1.00 27.09 ? 431 HOH B O   1 
HETATM 1434 O O   . HOH F 3 .  ? 10.438  -16.936 -2.559  1.00 40.49 ? 432 HOH B O   1 
HETATM 1435 O O   . HOH F 3 .  ? -5.501  -1.665  0.833   1.00 48.78 ? 433 HOH B O   1 
HETATM 1436 O O   . HOH F 3 .  ? 12.824  -13.463 -17.483 1.00 47.10 ? 434 HOH B O   1 
HETATM 1437 O O   . HOH F 3 .  ? -8.607  -1.902  9.882   1.00 51.39 ? 435 HOH B O   1 
HETATM 1438 O O   . HOH F 3 .  ? 5.821   -12.565 -10.795 1.00 30.88 ? 436 HOH B O   1 
HETATM 1439 O O   . HOH F 3 .  ? -0.120  2.034   -2.977  1.00 35.80 ? 437 HOH B O   1 
HETATM 1440 O O   . HOH F 3 .  ? 15.913  -8.909  -18.590 1.00 42.96 ? 438 HOH B O   1 
HETATM 1441 O O   . HOH F 3 .  ? 23.211  -24.894 -8.582  1.00 38.68 ? 439 HOH B O   1 
HETATM 1442 O O   . HOH F 3 .  ? 14.886  -9.806  2.804   1.00 36.86 ? 440 HOH B O   1 
HETATM 1443 O O   . HOH F 3 .  ? 23.385  -20.326 -4.880  1.00 48.07 ? 441 HOH B O   1 
HETATM 1444 O O   . HOH F 3 .  ? -3.786  5.602   3.024   1.00 39.11 ? 442 HOH B O   1 
HETATM 1445 O O   . HOH F 3 .  ? -9.138  -2.863  12.795  1.00 51.89 ? 443 HOH B O   1 
HETATM 1446 O O   . HOH F 3 .  ? 10.820  -27.809 -11.676 1.00 50.09 ? 444 HOH B O   1 
HETATM 1447 O O   . HOH F 3 .  ? 15.540  -9.443  13.298  1.00 50.73 ? 445 HOH B O   1 
HETATM 1448 O O   . HOH F 3 .  ? 16.036  -12.581 0.767   1.00 42.43 ? 446 HOH B O   1 
HETATM 1449 O O   . HOH F 3 .  ? -6.203  1.075   6.314   1.00 50.13 ? 447 HOH B O   1 
HETATM 1450 O O   . HOH F 3 .  ? 15.917  -4.977  1.022   1.00 49.28 ? 448 HOH B O   1 
HETATM 1451 O O   . HOH F 3 .  ? 10.519  -10.736 -15.518 1.00 45.25 ? 449 HOH B O   1 
HETATM 1452 O O   . HOH F 3 .  ? 17.442  -3.093  5.273   1.00 38.55 ? 450 HOH B O   1 
HETATM 1453 O O   . HOH F 3 .  ? 7.768   -13.394 -3.333  1.00 45.94 ? 451 HOH B O   1 
HETATM 1454 O O   . HOH F 3 .  ? 4.695   -8.965  -6.592  1.00 46.93 ? 452 HOH B O   1 
# 
